data_8D57
#
_entry.id   8D57
#
_cell.length_a   79.800
_cell.length_b   79.800
_cell.length_c   519.130
_cell.angle_alpha   90.000
_cell.angle_beta   90.000
_cell.angle_gamma   120.000
#
_symmetry.space_group_name_H-M   'P 31 2 1'
#
loop_
_entity.id
_entity.type
_entity.pdbx_description
1 polymer '4-hydroxy-tetrahydrodipicolinate reductase'
2 non-polymer 'CITRIC ACID'
3 water water
#
_entity_poly.entity_id   1
_entity_poly.type   'polypeptide(L)'
_entity_poly.pdbx_seq_one_letter_code
;MAHHHHHHMSAAPRIGILGAGGRMGRILIQAVQQAGYQLGAAVVRPESTLIGADAGELAGIGSIGVKLTGSLAEVLEDCD
VVIDFSTPAATSEHLKLCREAGVAIVIGTTGMSDEQKAELDETAKHIPVVYAANYSVGVNVSIKLLELAAKVFGDTVDIE
VIEAHHRHKVDAPSGTALMMGEAIADTLGRNLKEVAVYGREGHTGPRDRQTIGFETIRGGDIVGEHTVMFIGEGERVEVT
HKATNRMNFAAGAVRAAAWVVGREARKYDMKDVLGLNDVQV
;
_entity_poly.pdbx_strand_id   A,B,C,D,E,F
#
# COMPACT_ATOMS: atom_id res chain seq x y z
N ALA A 12 15.81 -36.39 -37.26
CA ALA A 12 16.60 -35.33 -36.65
C ALA A 12 16.99 -34.29 -37.69
N PRO A 13 16.79 -33.01 -37.36
CA PRO A 13 16.98 -31.95 -38.36
C PRO A 13 18.43 -31.61 -38.59
N ARG A 14 18.74 -31.30 -39.85
CA ARG A 14 20.08 -30.88 -40.25
C ARG A 14 20.09 -29.36 -40.35
N ILE A 15 20.80 -28.73 -39.41
CA ILE A 15 20.79 -27.28 -39.24
C ILE A 15 22.13 -26.74 -39.75
N GLY A 16 22.08 -25.82 -40.70
CA GLY A 16 23.26 -25.15 -41.20
C GLY A 16 23.37 -23.78 -40.60
N ILE A 17 24.60 -23.34 -40.33
CA ILE A 17 24.88 -22.05 -39.71
C ILE A 17 25.59 -21.17 -40.72
N LEU A 18 25.01 -20.01 -41.00
CA LEU A 18 25.64 -19.01 -41.84
C LEU A 18 26.42 -18.03 -40.96
N GLY A 19 27.47 -17.46 -41.54
CA GLY A 19 28.38 -16.65 -40.74
C GLY A 19 29.04 -17.45 -39.65
N ALA A 20 29.45 -18.69 -39.97
CA ALA A 20 29.95 -19.62 -38.96
C ALA A 20 31.29 -19.21 -38.36
N GLY A 21 31.97 -18.22 -38.92
CA GLY A 21 33.23 -17.75 -38.38
C GLY A 21 33.09 -16.68 -37.30
N GLY A 22 32.03 -15.90 -37.37
CA GLY A 22 31.84 -14.79 -36.45
C GLY A 22 31.56 -15.23 -35.03
N ARG A 23 31.43 -14.24 -34.15
CA ARG A 23 31.15 -14.52 -32.75
C ARG A 23 29.86 -15.31 -32.60
N MET A 24 28.78 -14.82 -33.22
CA MET A 24 27.50 -15.49 -33.09
C MET A 24 27.51 -16.83 -33.81
N GLY A 25 28.23 -16.93 -34.93
CA GLY A 25 28.29 -18.20 -35.64
C GLY A 25 28.88 -19.30 -34.78
N ARG A 26 29.98 -19.00 -34.09
CA ARG A 26 30.59 -20.00 -33.23
C ARG A 26 29.65 -20.39 -32.09
N ILE A 27 28.93 -19.42 -31.52
CA ILE A 27 27.99 -19.74 -30.45
C ILE A 27 26.87 -20.63 -30.95
N LEU A 28 26.40 -20.35 -32.17
CA LEU A 28 25.33 -21.15 -32.76
C LEU A 28 25.76 -22.59 -32.99
N ILE A 29 27.02 -22.79 -33.36
CA ILE A 29 27.52 -24.15 -33.53
C ILE A 29 27.48 -24.91 -32.21
N GLN A 30 27.86 -24.24 -31.12
CA GLN A 30 27.74 -24.88 -29.81
C GLN A 30 26.30 -25.26 -29.53
N ALA A 31 25.36 -24.37 -29.88
CA ALA A 31 23.96 -24.59 -29.56
C ALA A 31 23.39 -25.75 -30.36
N VAL A 32 23.79 -25.89 -31.62
CA VAL A 32 23.34 -27.01 -32.42
C VAL A 32 23.81 -28.33 -31.83
N GLN A 33 25.10 -28.41 -31.46
CA GLN A 33 25.61 -29.65 -30.89
C GLN A 33 25.06 -29.90 -29.50
N GLN A 34 24.88 -28.83 -28.70
CA GLN A 34 24.33 -29.04 -27.37
C GLN A 34 22.89 -29.55 -27.42
N ALA A 35 22.17 -29.24 -28.49
CA ALA A 35 20.81 -29.73 -28.62
C ALA A 35 20.75 -31.13 -29.21
N GLY A 36 21.90 -31.71 -29.57
CA GLY A 36 21.87 -33.04 -30.15
C GLY A 36 21.56 -33.07 -31.62
N TYR A 37 21.52 -31.93 -32.29
CA TYR A 37 21.20 -31.87 -33.70
C TYR A 37 22.45 -32.05 -34.55
N GLN A 38 22.24 -32.31 -35.82
CA GLN A 38 23.34 -32.48 -36.76
C GLN A 38 23.68 -31.14 -37.38
N LEU A 39 24.96 -30.75 -37.29
CA LEU A 39 25.38 -29.55 -38.00
C LEU A 39 25.40 -29.89 -39.48
N GLY A 40 24.51 -29.28 -40.25
CA GLY A 40 24.41 -29.59 -41.66
C GLY A 40 25.42 -28.85 -42.52
N ALA A 41 25.82 -27.66 -42.09
CA ALA A 41 26.73 -26.84 -42.87
C ALA A 41 27.24 -25.72 -41.98
N ALA A 42 28.40 -25.19 -42.35
CA ALA A 42 28.99 -24.03 -41.68
C ALA A 42 29.57 -23.17 -42.78
N VAL A 43 28.96 -22.02 -43.03
CA VAL A 43 29.28 -21.23 -44.21
C VAL A 43 29.85 -19.88 -43.78
N VAL A 44 30.86 -19.43 -44.52
CA VAL A 44 31.51 -18.14 -44.36
C VAL A 44 31.66 -17.52 -45.74
N ARG A 45 32.21 -16.31 -45.77
CA ARG A 45 32.48 -15.64 -47.04
C ARG A 45 33.45 -16.49 -47.87
N PRO A 46 33.27 -16.56 -49.18
CA PRO A 46 34.15 -17.41 -50.01
C PRO A 46 35.62 -17.04 -49.96
N GLU A 47 35.97 -15.85 -49.46
CA GLU A 47 37.35 -15.41 -49.37
C GLU A 47 37.87 -15.44 -47.92
N SER A 48 37.20 -16.18 -47.05
CA SER A 48 37.52 -16.17 -45.63
C SER A 48 38.80 -16.95 -45.34
N THR A 49 39.49 -16.55 -44.27
CA THR A 49 40.66 -17.29 -43.82
C THR A 49 40.27 -18.65 -43.27
N LEU A 50 39.05 -18.76 -42.76
CA LEU A 50 38.62 -19.93 -41.99
C LEU A 50 38.11 -21.06 -42.86
N ILE A 51 38.06 -20.89 -44.18
CA ILE A 51 37.61 -21.96 -45.06
C ILE A 51 38.53 -23.15 -44.89
N GLY A 52 37.94 -24.31 -44.58
CA GLY A 52 38.68 -25.53 -44.37
C GLY A 52 38.80 -25.93 -42.92
N ALA A 53 38.62 -24.97 -42.01
CA ALA A 53 38.69 -25.27 -40.59
C ALA A 53 37.45 -26.06 -40.17
N ASP A 54 37.60 -26.81 -39.09
CA ASP A 54 36.50 -27.60 -38.58
C ASP A 54 35.60 -26.73 -37.72
N ALA A 55 34.29 -26.76 -38.00
CA ALA A 55 33.35 -25.90 -37.28
C ALA A 55 33.37 -26.20 -35.78
N GLY A 56 33.41 -27.47 -35.41
CA GLY A 56 33.43 -27.81 -33.99
C GLY A 56 34.67 -27.27 -33.30
N GLU A 57 35.83 -27.44 -33.93
CA GLU A 57 37.07 -26.92 -33.35
C GLU A 57 36.98 -25.41 -33.19
N LEU A 58 36.48 -24.73 -34.22
CA LEU A 58 36.37 -23.29 -34.18
C LEU A 58 35.44 -22.82 -33.07
N ALA A 59 34.39 -23.59 -32.78
CA ALA A 59 33.44 -23.23 -31.75
C ALA A 59 33.87 -23.61 -30.35
N GLY A 60 35.01 -24.30 -30.22
CA GLY A 60 35.54 -24.69 -28.92
C GLY A 60 35.01 -25.98 -28.36
N ILE A 61 34.33 -26.78 -29.16
CA ILE A 61 33.75 -28.06 -28.72
C ILE A 61 34.49 -29.27 -29.29
N GLY A 62 35.69 -29.08 -29.84
CA GLY A 62 36.39 -30.17 -30.47
C GLY A 62 35.79 -30.52 -31.83
N SER A 63 36.54 -31.32 -32.59
CA SER A 63 36.16 -31.67 -33.96
C SER A 63 34.79 -32.33 -33.99
N ILE A 64 33.99 -31.94 -34.99
CA ILE A 64 32.73 -32.59 -35.27
C ILE A 64 32.62 -33.05 -36.72
N GLY A 65 33.63 -32.78 -37.54
CA GLY A 65 33.68 -33.30 -38.89
C GLY A 65 33.01 -32.48 -39.96
N VAL A 66 32.48 -31.31 -39.63
CA VAL A 66 31.93 -30.40 -40.62
C VAL A 66 32.91 -29.24 -40.76
N LYS A 67 33.30 -28.95 -42.00
CA LYS A 67 34.31 -27.93 -42.26
C LYS A 67 33.64 -26.69 -42.83
N LEU A 68 34.27 -25.54 -42.61
CA LEU A 68 33.70 -24.27 -43.08
C LEU A 68 33.84 -24.16 -44.59
N THR A 69 32.71 -23.94 -45.26
CA THR A 69 32.62 -23.79 -46.70
C THR A 69 32.25 -22.35 -47.05
N GLY A 70 32.50 -21.96 -48.29
CA GLY A 70 32.21 -20.61 -48.73
C GLY A 70 31.07 -20.47 -49.69
N SER A 71 30.37 -21.58 -49.99
CA SER A 71 29.27 -21.58 -50.94
C SER A 71 28.04 -22.18 -50.27
N LEU A 72 27.03 -21.34 -50.04
CA LEU A 72 25.79 -21.83 -49.43
C LEU A 72 25.02 -22.72 -50.40
N ALA A 73 25.04 -22.38 -51.69
CA ALA A 73 24.25 -23.16 -52.64
C ALA A 73 24.76 -24.60 -52.73
N GLU A 74 26.05 -24.81 -52.53
CA GLU A 74 26.62 -26.15 -52.64
C GLU A 74 26.30 -27.03 -51.45
N VAL A 75 25.82 -26.48 -50.34
CA VAL A 75 25.60 -27.25 -49.13
C VAL A 75 24.16 -27.21 -48.65
N LEU A 76 23.26 -26.53 -49.37
CA LEU A 76 21.87 -26.46 -48.92
C LEU A 76 21.19 -27.82 -48.94
N GLU A 77 21.59 -28.70 -49.86
CA GLU A 77 21.03 -30.04 -49.87
C GLU A 77 21.36 -30.82 -48.62
N ASP A 78 22.38 -30.40 -47.88
CA ASP A 78 22.73 -31.05 -46.61
C ASP A 78 21.96 -30.47 -45.43
N CYS A 79 21.03 -29.54 -45.67
CA CYS A 79 20.35 -28.85 -44.58
C CYS A 79 18.84 -28.94 -44.74
N ASP A 80 18.15 -29.00 -43.61
CA ASP A 80 16.70 -28.82 -43.59
C ASP A 80 16.31 -27.40 -43.24
N VAL A 81 17.19 -26.68 -42.53
CA VAL A 81 16.95 -25.31 -42.10
C VAL A 81 18.31 -24.65 -41.95
N VAL A 82 18.36 -23.33 -42.12
CA VAL A 82 19.59 -22.60 -41.88
C VAL A 82 19.30 -21.41 -40.98
N ILE A 83 20.30 -21.02 -40.21
CA ILE A 83 20.20 -19.92 -39.26
C ILE A 83 21.14 -18.81 -39.73
N ASP A 84 20.60 -17.59 -39.81
CA ASP A 84 21.28 -16.45 -40.43
C ASP A 84 21.25 -15.24 -39.49
N PHE A 85 22.40 -14.93 -38.91
CA PHE A 85 22.61 -13.71 -38.11
C PHE A 85 23.76 -12.94 -38.77
N SER A 86 23.44 -12.23 -39.85
CA SER A 86 24.51 -11.56 -40.58
C SER A 86 24.11 -10.13 -40.94
N THR A 87 24.47 -9.68 -42.14
CA THR A 87 24.05 -8.35 -42.51
C THR A 87 22.83 -8.42 -43.41
N PRO A 88 21.97 -7.38 -43.38
CA PRO A 88 20.74 -7.45 -44.18
C PRO A 88 20.99 -7.66 -45.67
N ALA A 89 22.12 -7.19 -46.19
CA ALA A 89 22.44 -7.46 -47.59
C ALA A 89 22.69 -8.94 -47.81
N ALA A 90 23.43 -9.58 -46.90
CA ALA A 90 23.71 -11.01 -47.03
C ALA A 90 22.46 -11.86 -46.83
N THR A 91 21.54 -11.42 -45.97
CA THR A 91 20.33 -12.18 -45.74
C THR A 91 19.45 -12.20 -46.99
N SER A 92 19.49 -11.11 -47.77
CA SER A 92 18.77 -11.07 -49.03
C SER A 92 19.26 -12.15 -49.98
N GLU A 93 20.57 -12.32 -50.10
CA GLU A 93 21.11 -13.36 -50.96
C GLU A 93 20.73 -14.75 -50.46
N HIS A 94 20.78 -14.96 -49.13
CA HIS A 94 20.47 -16.27 -48.58
C HIS A 94 19.01 -16.63 -48.76
N LEU A 95 18.12 -15.62 -48.72
CA LEU A 95 16.70 -15.89 -48.93
C LEU A 95 16.43 -16.41 -50.33
N LYS A 96 17.06 -15.82 -51.34
CA LYS A 96 16.83 -16.27 -52.71
C LYS A 96 17.33 -17.70 -52.89
N LEU A 97 18.50 -18.01 -52.30
CA LEU A 97 19.06 -19.35 -52.42
C LEU A 97 18.21 -20.38 -51.70
N CYS A 98 17.77 -20.06 -50.47
CA CYS A 98 16.94 -21.00 -49.73
C CYS A 98 15.60 -21.21 -50.41
N ARG A 99 15.05 -20.16 -51.03
CA ARG A 99 13.79 -20.27 -51.72
C ARG A 99 13.89 -21.25 -52.89
N GLU A 100 14.92 -21.08 -53.72
CA GLU A 100 15.06 -21.96 -54.88
C GLU A 100 15.35 -23.39 -54.46
N ALA A 101 16.01 -23.55 -53.31
CA ALA A 101 16.36 -24.87 -52.78
C ALA A 101 15.28 -25.45 -51.88
N GLY A 102 14.26 -24.66 -51.52
CA GLY A 102 13.20 -25.17 -50.67
C GLY A 102 13.59 -25.47 -49.24
N VAL A 103 14.56 -24.75 -48.70
CA VAL A 103 15.08 -24.95 -47.35
C VAL A 103 14.59 -23.81 -46.46
N ALA A 104 14.04 -24.15 -45.30
CA ALA A 104 13.58 -23.13 -44.37
C ALA A 104 14.77 -22.37 -43.79
N ILE A 105 14.49 -21.14 -43.34
CA ILE A 105 15.55 -20.26 -42.84
C ILE A 105 15.07 -19.53 -41.59
N VAL A 106 15.95 -19.39 -40.61
CA VAL A 106 15.70 -18.63 -39.39
C VAL A 106 16.60 -17.40 -39.42
N ILE A 107 15.99 -16.22 -39.41
CA ILE A 107 16.69 -14.95 -39.61
C ILE A 107 16.69 -14.14 -38.32
N GLY A 108 17.87 -13.69 -37.92
CA GLY A 108 18.00 -12.84 -36.76
C GLY A 108 18.78 -11.58 -37.09
N THR A 109 18.96 -11.35 -38.38
CA THR A 109 19.64 -10.15 -38.85
C THR A 109 18.86 -8.92 -38.45
N THR A 110 19.53 -7.95 -37.86
CA THR A 110 18.90 -6.72 -37.43
C THR A 110 18.99 -5.64 -38.52
N GLY A 111 17.98 -4.78 -38.56
CA GLY A 111 18.00 -3.59 -39.40
C GLY A 111 17.69 -3.76 -40.87
N MET A 112 16.74 -4.62 -41.22
CA MET A 112 16.33 -4.78 -42.61
C MET A 112 15.38 -3.67 -43.03
N SER A 113 15.54 -3.20 -44.27
CA SER A 113 14.71 -2.13 -44.81
C SER A 113 13.27 -2.61 -45.01
N ASP A 114 12.37 -1.64 -45.20
CA ASP A 114 10.98 -1.97 -45.47
C ASP A 114 10.84 -2.79 -46.75
N GLU A 115 11.71 -2.53 -47.74
CA GLU A 115 11.72 -3.36 -48.94
C GLU A 115 12.34 -4.73 -48.68
N GLN A 116 13.43 -4.77 -47.91
CA GLN A 116 14.04 -6.06 -47.58
C GLN A 116 13.09 -6.92 -46.76
N LYS A 117 12.36 -6.30 -45.83
CA LYS A 117 11.36 -7.03 -45.07
C LYS A 117 10.25 -7.53 -45.99
N ALA A 118 9.96 -6.81 -47.07
CA ALA A 118 8.98 -7.29 -48.04
C ALA A 118 9.50 -8.50 -48.80
N GLU A 119 10.79 -8.50 -49.15
CA GLU A 119 11.37 -9.68 -49.78
C GLU A 119 11.21 -10.91 -48.90
N LEU A 120 11.29 -10.72 -47.58
CA LEU A 120 11.08 -11.81 -46.65
C LEU A 120 9.63 -12.30 -46.71
N ASP A 121 8.67 -11.38 -46.69
CA ASP A 121 7.26 -11.77 -46.64
C ASP A 121 6.84 -12.52 -47.90
N GLU A 122 7.39 -12.13 -49.06
CA GLU A 122 7.07 -12.85 -50.29
C GLU A 122 7.78 -14.20 -50.30
N THR A 123 9.00 -14.25 -49.77
CA THR A 123 9.71 -15.53 -49.63
C THR A 123 8.94 -16.46 -48.70
N ALA A 124 8.39 -15.93 -47.60
CA ALA A 124 7.66 -16.77 -46.65
C ALA A 124 6.43 -17.41 -47.23
N LYS A 125 6.02 -17.00 -48.43
CA LYS A 125 4.97 -17.70 -49.16
C LYS A 125 5.49 -18.92 -49.89
N HIS A 126 6.81 -19.06 -50.02
CA HIS A 126 7.41 -20.20 -50.70
C HIS A 126 8.11 -21.16 -49.76
N ILE A 127 8.88 -20.65 -48.81
CA ILE A 127 9.56 -21.49 -47.82
C ILE A 127 9.13 -21.02 -46.44
N PRO A 128 9.22 -21.89 -45.44
CA PRO A 128 8.99 -21.44 -44.06
C PRO A 128 10.12 -20.51 -43.62
N VAL A 129 9.74 -19.40 -43.02
CA VAL A 129 10.67 -18.37 -42.57
C VAL A 129 10.32 -18.01 -41.13
N VAL A 130 11.32 -18.04 -40.25
CA VAL A 130 11.16 -17.56 -38.88
C VAL A 130 11.91 -16.25 -38.75
N TYR A 131 11.22 -15.22 -38.27
CA TYR A 131 11.81 -13.91 -38.05
C TYR A 131 11.30 -13.40 -36.71
N ALA A 132 12.22 -13.14 -35.80
CA ALA A 132 11.84 -12.69 -34.46
C ALA A 132 12.74 -11.54 -34.04
N ALA A 133 12.16 -10.60 -33.26
CA ALA A 133 12.94 -9.50 -32.74
C ALA A 133 13.96 -9.98 -31.71
N ASN A 134 13.62 -11.02 -30.96
CA ASN A 134 14.50 -11.53 -29.91
C ASN A 134 14.33 -13.04 -29.84
N TYR A 135 15.44 -13.76 -29.84
CA TYR A 135 15.39 -15.22 -29.85
C TYR A 135 15.62 -15.86 -28.49
N SER A 136 15.86 -15.07 -27.44
CA SER A 136 15.95 -15.62 -26.10
C SER A 136 14.64 -16.27 -25.69
N VAL A 137 14.69 -17.54 -25.32
CA VAL A 137 13.48 -18.23 -24.88
C VAL A 137 12.88 -17.54 -23.67
N GLY A 138 13.72 -17.17 -22.70
CA GLY A 138 13.22 -16.54 -21.48
C GLY A 138 12.54 -15.20 -21.72
N VAL A 139 13.10 -14.38 -22.60
CA VAL A 139 12.50 -13.08 -22.88
C VAL A 139 11.13 -13.23 -23.52
N ASN A 140 11.02 -14.13 -24.51
CA ASN A 140 9.72 -14.33 -25.14
C ASN A 140 8.71 -14.91 -24.16
N VAL A 141 9.16 -15.83 -23.30
CA VAL A 141 8.28 -16.29 -22.23
C VAL A 141 7.87 -15.11 -21.36
N SER A 142 8.85 -14.28 -20.97
CA SER A 142 8.55 -13.14 -20.10
C SER A 142 7.47 -12.25 -20.70
N ILE A 143 7.60 -11.95 -22.00
CA ILE A 143 6.63 -11.07 -22.64
C ILE A 143 5.24 -11.67 -22.58
N LYS A 144 5.12 -12.97 -22.85
CA LYS A 144 3.81 -13.61 -22.76
C LYS A 144 3.25 -13.53 -21.34
N LEU A 145 4.10 -13.75 -20.34
CA LEU A 145 3.66 -13.64 -18.95
C LEU A 145 3.17 -12.24 -18.64
N LEU A 146 3.85 -11.21 -19.16
CA LEU A 146 3.40 -9.84 -18.92
C LEU A 146 2.01 -9.60 -19.50
N GLU A 147 1.79 -10.05 -20.74
CA GLU A 147 0.50 -9.84 -21.39
C GLU A 147 -0.61 -10.49 -20.56
N LEU A 148 -0.35 -11.70 -20.07
CA LEU A 148 -1.37 -12.42 -19.33
C LEU A 148 -1.66 -11.75 -18.00
N ALA A 149 -0.62 -11.38 -17.26
CA ALA A 149 -0.82 -10.69 -15.99
C ALA A 149 -1.51 -9.34 -16.20
N ALA A 150 -1.13 -8.62 -17.26
CA ALA A 150 -1.74 -7.33 -17.50
C ALA A 150 -3.23 -7.49 -17.78
N LYS A 151 -3.60 -8.51 -18.56
CA LYS A 151 -5.01 -8.69 -18.87
C LYS A 151 -5.82 -8.94 -17.60
N VAL A 152 -5.28 -9.72 -16.67
CA VAL A 152 -6.03 -10.06 -15.46
C VAL A 152 -6.11 -8.88 -14.52
N PHE A 153 -4.98 -8.21 -14.28
CA PHE A 153 -4.96 -7.09 -13.34
C PHE A 153 -5.75 -5.90 -13.88
N GLY A 154 -5.72 -5.68 -15.19
CA GLY A 154 -6.41 -4.53 -15.75
C GLY A 154 -5.88 -3.26 -15.13
N ASP A 155 -6.79 -2.38 -14.71
CA ASP A 155 -6.45 -1.09 -14.15
C ASP A 155 -6.31 -1.13 -12.62
N THR A 156 -6.08 -2.28 -12.03
CA THR A 156 -6.00 -2.36 -10.57
C THR A 156 -4.57 -2.27 -10.05
N VAL A 157 -3.56 -2.15 -10.93
CA VAL A 157 -2.16 -2.12 -10.51
C VAL A 157 -1.38 -1.02 -11.21
N ASP A 158 -0.40 -0.47 -10.49
CA ASP A 158 0.57 0.45 -11.07
C ASP A 158 1.72 -0.35 -11.67
N ILE A 159 2.03 -0.08 -12.93
CA ILE A 159 2.97 -0.91 -13.68
C ILE A 159 4.26 -0.13 -13.86
N GLU A 160 5.37 -0.72 -13.42
CA GLU A 160 6.69 -0.10 -13.47
C GLU A 160 7.67 -1.08 -14.09
N VAL A 161 8.47 -0.60 -15.05
CA VAL A 161 9.45 -1.41 -15.75
C VAL A 161 10.82 -0.94 -15.29
N ILE A 162 11.60 -1.86 -14.71
CA ILE A 162 12.94 -1.58 -14.22
C ILE A 162 13.92 -2.44 -15.00
N GLU A 163 14.94 -1.80 -15.56
CA GLU A 163 15.96 -2.53 -16.29
C GLU A 163 17.34 -2.02 -15.88
N ALA A 164 18.34 -2.90 -16.02
CA ALA A 164 19.71 -2.58 -15.67
C ALA A 164 20.67 -3.04 -16.75
N HIS A 165 21.63 -2.19 -17.10
CA HIS A 165 22.63 -2.55 -18.11
C HIS A 165 23.95 -1.86 -17.77
N HIS A 166 25.00 -2.35 -18.42
CA HIS A 166 26.35 -1.86 -18.23
C HIS A 166 26.45 -0.36 -18.53
N ARG A 167 27.57 0.22 -18.09
CA ARG A 167 27.76 1.66 -18.18
C ARG A 167 28.01 2.15 -19.59
N HIS A 168 28.17 1.25 -20.55
CA HIS A 168 28.43 1.67 -21.93
C HIS A 168 27.16 1.82 -22.76
N LYS A 169 26.03 1.28 -22.31
CA LYS A 169 24.82 1.32 -23.11
C LYS A 169 24.37 2.76 -23.33
N VAL A 170 24.14 3.11 -24.60
CA VAL A 170 23.84 4.49 -24.95
C VAL A 170 22.34 4.79 -25.00
N ASP A 171 21.49 3.78 -25.16
CA ASP A 171 20.05 3.96 -25.31
C ASP A 171 19.34 3.63 -24.00
N ALA A 172 18.32 4.44 -23.67
CA ALA A 172 17.53 4.23 -22.45
C ALA A 172 16.04 4.49 -22.73
N PRO A 173 15.16 3.59 -22.29
CA PRO A 173 15.43 2.26 -21.73
C PRO A 173 15.90 1.35 -22.85
N SER A 174 16.27 0.11 -22.52
CA SER A 174 16.68 -0.86 -23.53
C SER A 174 15.52 -1.16 -24.46
N GLY A 175 15.85 -1.69 -25.64
CA GLY A 175 14.81 -2.16 -26.55
C GLY A 175 13.94 -3.23 -25.92
N THR A 176 14.53 -4.08 -25.08
CA THR A 176 13.75 -5.12 -24.43
C THR A 176 12.75 -4.52 -23.44
N ALA A 177 13.18 -3.53 -22.66
CA ALA A 177 12.25 -2.87 -21.74
C ALA A 177 11.12 -2.17 -22.50
N LEU A 178 11.46 -1.50 -23.61
CA LEU A 178 10.41 -0.87 -24.40
C LEU A 178 9.49 -1.92 -25.01
N MET A 179 10.05 -3.04 -25.44
CA MET A 179 9.26 -4.13 -25.97
C MET A 179 8.24 -4.62 -24.94
N MET A 180 8.67 -4.73 -23.67
CA MET A 180 7.78 -5.17 -22.61
C MET A 180 6.68 -4.13 -22.34
N GLY A 181 7.04 -2.86 -22.26
CA GLY A 181 6.03 -1.83 -22.07
C GLY A 181 5.04 -1.81 -23.20
N GLU A 182 5.52 -2.02 -24.43
CA GLU A 182 4.64 -2.05 -25.58
C GLU A 182 3.65 -3.21 -25.48
N ALA A 183 4.10 -4.39 -25.05
CA ALA A 183 3.18 -5.51 -24.89
C ALA A 183 2.13 -5.23 -23.84
N ILE A 184 2.53 -4.62 -22.73
CA ILE A 184 1.61 -4.30 -21.65
C ILE A 184 0.64 -3.20 -22.08
N ALA A 185 1.17 -2.14 -22.71
CA ALA A 185 0.31 -1.05 -23.17
C ALA A 185 -0.70 -1.54 -24.21
N ASP A 186 -0.27 -2.44 -25.09
CA ASP A 186 -1.23 -2.97 -26.06
C ASP A 186 -2.32 -3.78 -25.38
N THR A 187 -1.94 -4.64 -24.42
CA THR A 187 -2.92 -5.44 -23.71
C THR A 187 -3.94 -4.58 -22.99
N LEU A 188 -3.48 -3.48 -22.37
CA LEU A 188 -4.34 -2.60 -21.59
C LEU A 188 -5.00 -1.50 -22.40
N GLY A 189 -4.78 -1.44 -23.70
CA GLY A 189 -5.40 -0.40 -24.50
C GLY A 189 -4.83 0.97 -24.28
N ARG A 190 -3.58 1.07 -23.84
CA ARG A 190 -2.93 2.34 -23.62
C ARG A 190 -1.93 2.66 -24.73
N ASN A 191 -1.68 3.95 -24.90
CA ASN A 191 -0.68 4.45 -25.83
C ASN A 191 0.60 4.72 -25.07
N LEU A 192 1.64 3.93 -25.35
CA LEU A 192 2.86 4.00 -24.54
C LEU A 192 3.46 5.41 -24.52
N LYS A 193 3.56 6.05 -25.68
CA LYS A 193 4.15 7.39 -25.71
C LYS A 193 3.35 8.36 -24.84
N GLU A 194 2.05 8.14 -24.66
CA GLU A 194 1.23 9.01 -23.83
C GLU A 194 1.40 8.73 -22.34
N VAL A 195 1.53 7.46 -21.95
CA VAL A 195 1.51 7.09 -20.54
C VAL A 195 2.89 6.81 -19.97
N ALA A 196 3.95 6.90 -20.77
CA ALA A 196 5.28 6.54 -20.28
C ALA A 196 5.92 7.67 -19.51
N VAL A 197 6.64 7.30 -18.45
CA VAL A 197 7.39 8.23 -17.61
C VAL A 197 8.77 7.63 -17.40
N TYR A 198 9.82 8.42 -17.64
CA TYR A 198 11.19 7.93 -17.64
C TYR A 198 12.03 8.48 -16.50
N GLY A 199 11.46 9.30 -15.64
CA GLY A 199 12.19 9.85 -14.52
C GLY A 199 11.22 10.45 -13.53
N ARG A 200 11.70 10.69 -12.33
CA ARG A 200 10.89 11.29 -11.28
C ARG A 200 11.79 12.21 -10.48
N GLU A 201 11.43 13.47 -10.40
CA GLU A 201 12.27 14.42 -9.69
C GLU A 201 11.41 15.54 -9.16
N GLY A 202 11.57 15.88 -7.87
CA GLY A 202 10.81 16.98 -7.32
C GLY A 202 9.40 16.57 -6.94
N HIS A 203 8.51 17.55 -6.93
CA HIS A 203 7.11 17.33 -6.58
C HIS A 203 6.37 16.77 -7.80
N THR A 204 6.48 15.45 -7.98
CA THR A 204 5.78 14.81 -9.08
C THR A 204 4.28 14.71 -8.87
N GLY A 205 3.80 14.87 -7.63
CA GLY A 205 2.41 14.62 -7.33
C GLY A 205 2.15 13.13 -7.21
N PRO A 206 0.89 12.77 -6.94
CA PRO A 206 0.54 11.35 -6.82
C PRO A 206 0.56 10.67 -8.17
N ARG A 207 0.64 9.34 -8.15
CA ARG A 207 0.83 8.57 -9.38
C ARG A 207 -0.50 8.37 -10.10
N ASP A 208 -0.50 8.70 -11.40
CA ASP A 208 -1.63 8.35 -12.26
C ASP A 208 -1.63 6.84 -12.49
N ARG A 209 -2.82 6.23 -12.38
CA ARG A 209 -2.92 4.79 -12.56
C ARG A 209 -2.55 4.35 -13.97
N GLN A 210 -2.83 5.20 -14.97
CA GLN A 210 -2.50 4.84 -16.35
C GLN A 210 -1.00 4.82 -16.61
N THR A 211 -0.22 5.53 -15.80
CA THR A 211 1.21 5.67 -16.06
C THR A 211 1.91 4.30 -16.07
N ILE A 212 2.78 4.12 -17.06
CA ILE A 212 3.76 3.05 -17.07
C ILE A 212 5.12 3.70 -16.85
N GLY A 213 5.73 3.40 -15.71
CA GLY A 213 7.00 4.03 -15.34
C GLY A 213 8.20 3.20 -15.74
N PHE A 214 9.22 3.87 -16.25
CA PHE A 214 10.47 3.23 -16.66
C PHE A 214 11.61 3.72 -15.79
N GLU A 215 12.17 2.83 -14.97
CA GLU A 215 13.38 3.12 -14.20
C GLU A 215 14.54 2.37 -14.85
N THR A 216 15.53 3.12 -15.31
CA THR A 216 16.66 2.56 -16.05
C THR A 216 17.93 2.72 -15.22
N ILE A 217 18.56 1.58 -14.92
CA ILE A 217 19.79 1.52 -14.14
C ILE A 217 20.95 1.35 -15.10
N ARG A 218 22.02 2.12 -14.88
CA ARG A 218 23.22 2.05 -15.69
C ARG A 218 24.42 1.93 -14.78
N GLY A 219 25.28 0.95 -15.04
CA GLY A 219 26.49 0.81 -14.25
C GLY A 219 27.29 -0.44 -14.54
N GLY A 220 28.60 -0.37 -14.30
CA GLY A 220 29.46 -1.54 -14.32
C GLY A 220 29.38 -2.26 -15.64
N ASP A 221 29.31 -3.59 -15.57
CA ASP A 221 29.29 -4.44 -16.76
C ASP A 221 28.06 -5.34 -16.80
N ILE A 222 26.96 -4.87 -16.20
CA ILE A 222 25.73 -5.66 -16.14
C ILE A 222 25.30 -6.04 -17.54
N VAL A 223 25.12 -7.34 -17.76
CA VAL A 223 24.77 -7.82 -19.10
C VAL A 223 23.36 -7.39 -19.47
N GLY A 224 22.41 -7.53 -18.55
CA GLY A 224 21.07 -7.13 -18.87
C GLY A 224 20.03 -7.76 -17.96
N GLU A 225 19.33 -6.92 -17.17
CA GLU A 225 18.26 -7.34 -16.27
C GLU A 225 17.02 -6.51 -16.53
N HIS A 226 15.86 -7.18 -16.55
CA HIS A 226 14.58 -6.53 -16.81
C HIS A 226 13.55 -7.05 -15.79
N THR A 227 12.85 -6.13 -15.12
CA THR A 227 11.82 -6.46 -14.14
C THR A 227 10.57 -5.63 -14.42
N VAL A 228 9.40 -6.28 -14.44
CA VAL A 228 8.13 -5.58 -14.53
C VAL A 228 7.37 -5.82 -13.24
N MET A 229 6.97 -4.75 -12.57
CA MET A 229 6.27 -4.83 -11.31
C MET A 229 4.81 -4.46 -11.56
N PHE A 230 3.91 -5.36 -11.20
CA PHE A 230 2.49 -5.10 -11.17
C PHE A 230 2.14 -4.83 -9.71
N ILE A 231 2.03 -3.55 -9.35
CA ILE A 231 1.96 -3.14 -7.95
C ILE A 231 0.51 -2.80 -7.61
N GLY A 232 -0.11 -3.64 -6.77
CA GLY A 232 -1.47 -3.43 -6.34
C GLY A 232 -1.57 -3.03 -4.87
N GLU A 233 -2.80 -3.07 -4.37
CA GLU A 233 -3.08 -2.71 -2.98
C GLU A 233 -2.95 -3.94 -2.10
N GLY A 234 -1.88 -4.01 -1.33
CA GLY A 234 -1.62 -5.12 -0.44
C GLY A 234 -0.71 -6.18 -1.03
N GLU A 235 -0.49 -6.17 -2.33
CA GLU A 235 0.33 -7.20 -2.95
C GLU A 235 1.01 -6.65 -4.18
N ARG A 236 1.92 -7.46 -4.71
CA ARG A 236 2.75 -7.09 -5.84
C ARG A 236 3.13 -8.37 -6.55
N VAL A 237 3.14 -8.34 -7.88
CA VAL A 237 3.62 -9.45 -8.68
C VAL A 237 4.71 -8.93 -9.59
N GLU A 238 5.85 -9.63 -9.61
CA GLU A 238 7.01 -9.24 -10.41
C GLU A 238 7.34 -10.34 -11.39
N VAL A 239 7.59 -9.96 -12.64
CA VAL A 239 8.15 -10.85 -13.65
C VAL A 239 9.52 -10.31 -14.01
N THR A 240 10.53 -11.18 -13.94
CA THR A 240 11.91 -10.74 -14.10
C THR A 240 12.68 -11.68 -15.02
N HIS A 241 13.46 -11.11 -15.93
CA HIS A 241 14.38 -11.85 -16.76
C HIS A 241 15.79 -11.31 -16.54
N LYS A 242 16.75 -12.21 -16.32
CA LYS A 242 18.14 -11.82 -16.12
C LYS A 242 19.03 -12.58 -17.10
N ALA A 243 19.97 -11.89 -17.72
CA ALA A 243 20.89 -12.49 -18.66
C ALA A 243 22.26 -12.66 -18.00
N THR A 244 22.81 -13.87 -18.08
CA THR A 244 24.14 -14.18 -17.55
C THR A 244 25.23 -13.79 -18.53
N ASN A 245 24.96 -13.95 -19.82
CA ASN A 245 25.89 -13.62 -20.88
C ASN A 245 25.07 -13.21 -22.09
N ARG A 246 25.77 -12.82 -23.16
CA ARG A 246 25.09 -12.38 -24.37
C ARG A 246 24.89 -13.53 -25.37
N MET A 247 24.54 -14.73 -24.91
CA MET A 247 24.51 -15.91 -25.78
C MET A 247 23.20 -16.69 -25.77
N ASN A 248 22.16 -16.23 -25.07
CA ASN A 248 20.94 -17.01 -25.00
C ASN A 248 20.03 -16.83 -26.22
N PHE A 249 20.43 -15.98 -27.17
CA PHE A 249 19.78 -15.99 -28.47
C PHE A 249 19.96 -17.32 -29.18
N ALA A 250 21.10 -17.98 -28.97
CA ALA A 250 21.48 -19.14 -29.77
C ALA A 250 20.52 -20.31 -29.56
N ALA A 251 20.25 -20.66 -28.30
CA ALA A 251 19.38 -21.80 -28.01
C ALA A 251 17.99 -21.59 -28.58
N GLY A 252 17.46 -20.37 -28.47
CA GLY A 252 16.15 -20.09 -29.03
C GLY A 252 16.15 -20.20 -30.54
N ALA A 253 17.20 -19.67 -31.19
CA ALA A 253 17.29 -19.78 -32.65
C ALA A 253 17.38 -21.24 -33.08
N VAL A 254 18.19 -22.04 -32.38
CA VAL A 254 18.26 -23.47 -32.70
C VAL A 254 16.92 -24.13 -32.44
N ARG A 255 16.25 -23.76 -31.35
CA ARG A 255 14.94 -24.34 -31.07
C ARG A 255 13.94 -23.98 -32.15
N ALA A 256 13.97 -22.74 -32.64
CA ALA A 256 13.10 -22.35 -33.75
C ALA A 256 13.46 -23.10 -35.02
N ALA A 257 14.75 -23.35 -35.24
CA ALA A 257 15.17 -24.05 -36.45
C ALA A 257 14.58 -25.45 -36.51
N ALA A 258 14.66 -26.20 -35.41
CA ALA A 258 14.06 -27.52 -35.39
C ALA A 258 12.55 -27.46 -35.48
N TRP A 259 11.94 -26.44 -34.88
CA TRP A 259 10.49 -26.37 -34.86
C TRP A 259 9.94 -26.13 -36.26
N VAL A 260 10.61 -25.30 -37.05
CA VAL A 260 10.08 -24.87 -38.35
C VAL A 260 10.25 -25.90 -39.45
N VAL A 261 11.06 -26.94 -39.25
CA VAL A 261 11.31 -27.90 -40.33
C VAL A 261 10.01 -28.57 -40.73
N GLY A 262 9.74 -28.59 -42.02
CA GLY A 262 8.61 -29.34 -42.54
C GLY A 262 7.25 -28.73 -42.29
N ARG A 263 7.19 -27.44 -42.00
CA ARG A 263 5.91 -26.77 -41.74
C ARG A 263 5.51 -25.97 -42.98
N GLU A 264 4.23 -25.61 -43.02
CA GLU A 264 3.73 -24.86 -44.16
C GLU A 264 4.50 -23.57 -44.33
N ALA A 265 4.67 -23.15 -45.58
CA ALA A 265 5.44 -21.95 -45.87
C ALA A 265 4.63 -20.74 -45.42
N ARG A 266 4.96 -20.22 -44.24
CA ARG A 266 4.40 -18.96 -43.75
C ARG A 266 5.52 -18.21 -43.05
N LYS A 267 5.19 -17.04 -42.53
CA LYS A 267 6.11 -16.33 -41.65
C LYS A 267 5.73 -16.64 -40.20
N TYR A 268 6.72 -17.10 -39.43
CA TYR A 268 6.57 -17.49 -38.04
C TYR A 268 7.44 -16.61 -37.16
N ASP A 269 7.07 -16.53 -35.88
CA ASP A 269 7.87 -15.86 -34.87
C ASP A 269 8.04 -16.79 -33.67
N MET A 270 8.74 -16.28 -32.65
CA MET A 270 9.02 -17.11 -31.48
C MET A 270 7.77 -17.38 -30.66
N LYS A 271 6.72 -16.57 -30.82
CA LYS A 271 5.45 -16.93 -30.19
C LYS A 271 4.92 -18.22 -30.77
N ASP A 272 5.08 -18.42 -32.08
CA ASP A 272 4.69 -19.69 -32.67
C ASP A 272 5.55 -20.82 -32.14
N VAL A 273 6.87 -20.63 -32.16
CA VAL A 273 7.80 -21.70 -31.80
C VAL A 273 7.54 -22.18 -30.38
N LEU A 274 7.30 -21.27 -29.47
CA LEU A 274 7.14 -21.62 -28.07
C LEU A 274 5.69 -21.93 -27.70
N GLY A 275 4.76 -21.91 -28.64
CA GLY A 275 3.38 -22.19 -28.32
C GLY A 275 2.74 -21.13 -27.44
N LEU A 276 3.07 -19.87 -27.67
CA LEU A 276 2.65 -18.76 -26.83
C LEU A 276 1.39 -18.05 -27.35
N ASN A 277 0.97 -18.33 -28.58
CA ASN A 277 -0.11 -17.56 -29.18
C ASN A 277 -1.42 -17.78 -28.43
N ASP A 278 -1.74 -19.03 -28.11
CA ASP A 278 -2.85 -19.31 -27.20
C ASP A 278 -2.77 -20.77 -26.73
N PRO B 13 54.83 1.92 -9.61
CA PRO B 13 55.38 0.60 -9.27
C PRO B 13 55.36 -0.35 -10.46
N ARG B 14 56.38 -1.20 -10.52
CA ARG B 14 56.52 -2.20 -11.58
C ARG B 14 56.00 -3.53 -11.04
N ILE B 15 54.90 -4.01 -11.61
CA ILE B 15 54.21 -5.20 -11.12
C ILE B 15 54.48 -6.35 -12.07
N GLY B 16 54.98 -7.46 -11.53
CA GLY B 16 55.20 -8.68 -12.29
C GLY B 16 54.12 -9.72 -12.02
N ILE B 17 53.80 -10.51 -13.04
CA ILE B 17 52.77 -11.55 -12.97
C ILE B 17 53.42 -12.92 -13.08
N LEU B 18 53.23 -13.75 -12.06
CA LEU B 18 53.70 -15.13 -12.10
C LEU B 18 52.59 -16.05 -12.61
N GLY B 19 52.99 -17.15 -13.24
CA GLY B 19 52.01 -18.02 -13.89
C GLY B 19 51.25 -17.29 -14.97
N ALA B 20 51.95 -16.47 -15.75
CA ALA B 20 51.32 -15.56 -16.71
C ALA B 20 50.66 -16.26 -17.88
N GLY B 21 50.86 -17.57 -18.05
CA GLY B 21 50.26 -18.25 -19.18
C GLY B 21 48.83 -18.71 -18.97
N GLY B 22 48.49 -19.05 -17.73
CA GLY B 22 47.19 -19.62 -17.43
C GLY B 22 46.04 -18.65 -17.64
N ARG B 23 44.83 -19.16 -17.40
CA ARG B 23 43.64 -18.32 -17.51
C ARG B 23 43.72 -17.16 -16.54
N MET B 24 44.04 -17.44 -15.26
CA MET B 24 44.08 -16.39 -14.25
C MET B 24 45.24 -15.43 -14.48
N GLY B 25 46.38 -15.94 -14.98
CA GLY B 25 47.50 -15.06 -15.28
C GLY B 25 47.16 -14.02 -16.33
N ARG B 26 46.50 -14.44 -17.41
CA ARG B 26 46.14 -13.51 -18.47
C ARG B 26 45.23 -12.41 -17.93
N ILE B 27 44.29 -12.77 -17.06
CA ILE B 27 43.38 -11.77 -16.49
C ILE B 27 44.16 -10.77 -15.65
N LEU B 28 45.16 -11.26 -14.90
CA LEU B 28 45.95 -10.38 -14.05
C LEU B 28 46.73 -9.36 -14.88
N ILE B 29 47.21 -9.76 -16.05
CA ILE B 29 47.90 -8.82 -16.93
C ILE B 29 46.94 -7.71 -17.36
N GLN B 30 45.72 -8.07 -17.72
CA GLN B 30 44.72 -7.05 -18.06
C GLN B 30 44.50 -6.11 -16.89
N ALA B 31 44.44 -6.65 -15.67
CA ALA B 31 44.14 -5.82 -14.51
C ALA B 31 45.26 -4.81 -14.25
N VAL B 32 46.52 -5.21 -14.44
CA VAL B 32 47.62 -4.28 -14.27
C VAL B 32 47.52 -3.15 -15.29
N GLN B 33 47.29 -3.50 -16.56
CA GLN B 33 47.18 -2.46 -17.58
C GLN B 33 45.89 -1.65 -17.39
N GLN B 34 44.80 -2.30 -17.02
CA GLN B 34 43.56 -1.57 -16.81
C GLN B 34 43.68 -0.61 -15.65
N ALA B 35 44.54 -0.91 -14.68
CA ALA B 35 44.77 -0.01 -13.55
C ALA B 35 45.80 1.07 -13.86
N GLY B 36 46.33 1.09 -15.08
CA GLY B 36 47.30 2.09 -15.49
C GLY B 36 48.74 1.80 -15.12
N TYR B 37 49.04 0.63 -14.57
CA TYR B 37 50.39 0.33 -14.14
C TYR B 37 51.21 -0.25 -15.28
N GLN B 38 52.53 -0.23 -15.09
CA GLN B 38 53.46 -0.82 -16.05
C GLN B 38 53.70 -2.26 -15.64
N LEU B 39 53.45 -3.18 -16.57
CA LEU B 39 53.73 -4.58 -16.33
C LEU B 39 55.25 -4.80 -16.29
N GLY B 40 55.75 -5.21 -15.12
CA GLY B 40 57.19 -5.36 -14.97
C GLY B 40 57.74 -6.66 -15.52
N ALA B 41 56.96 -7.73 -15.50
CA ALA B 41 57.41 -9.04 -15.94
C ALA B 41 56.22 -9.98 -16.09
N ALA B 42 56.41 -11.03 -16.88
CA ALA B 42 55.42 -12.09 -17.05
C ALA B 42 56.15 -13.43 -17.12
N VAL B 43 55.96 -14.28 -16.11
CA VAL B 43 56.72 -15.51 -15.95
C VAL B 43 55.79 -16.71 -16.06
N VAL B 44 56.28 -17.78 -16.68
CA VAL B 44 55.55 -19.02 -16.86
C VAL B 44 56.43 -20.18 -16.42
N ARG B 45 55.87 -21.39 -16.49
CA ARG B 45 56.66 -22.58 -16.20
C ARG B 45 57.87 -22.66 -17.12
N PRO B 46 59.04 -23.06 -16.62
CA PRO B 46 60.25 -23.05 -17.46
C PRO B 46 60.15 -23.93 -18.70
N GLU B 47 59.19 -24.84 -18.78
CA GLU B 47 58.98 -25.67 -19.96
C GLU B 47 57.75 -25.25 -20.75
N SER B 48 57.25 -24.05 -20.51
CA SER B 48 56.03 -23.62 -21.18
C SER B 48 56.33 -23.29 -22.64
N THR B 49 55.30 -23.47 -23.49
CA THR B 49 55.48 -23.26 -24.91
C THR B 49 55.67 -21.80 -25.29
N LEU B 50 55.06 -20.89 -24.54
CA LEU B 50 54.92 -19.51 -24.96
C LEU B 50 56.12 -18.63 -24.61
N ILE B 51 57.17 -19.20 -24.02
CA ILE B 51 58.30 -18.39 -23.61
C ILE B 51 58.83 -17.61 -24.80
N GLY B 52 58.88 -16.28 -24.66
CA GLY B 52 59.30 -15.37 -25.70
C GLY B 52 58.19 -14.55 -26.31
N ALA B 53 56.93 -14.99 -26.20
CA ALA B 53 55.82 -14.21 -26.74
C ALA B 53 55.55 -12.97 -25.87
N ASP B 54 54.90 -11.98 -26.47
CA ASP B 54 54.62 -10.74 -25.76
C ASP B 54 53.39 -10.90 -24.87
N ALA B 55 53.54 -10.50 -23.60
CA ALA B 55 52.46 -10.68 -22.63
C ALA B 55 51.21 -9.89 -23.01
N GLY B 56 51.38 -8.66 -23.48
CA GLY B 56 50.22 -7.86 -23.83
C GLY B 56 49.40 -8.46 -24.96
N GLU B 57 50.07 -8.89 -26.04
CA GLU B 57 49.36 -9.50 -27.15
C GLU B 57 48.64 -10.77 -26.70
N LEU B 58 49.33 -11.62 -25.92
CA LEU B 58 48.71 -12.85 -25.45
C LEU B 58 47.52 -12.58 -24.55
N ALA B 59 47.54 -11.48 -23.80
CA ALA B 59 46.44 -11.13 -22.91
C ALA B 59 45.31 -10.40 -23.62
N GLY B 60 45.47 -10.08 -24.91
CA GLY B 60 44.41 -9.43 -25.67
C GLY B 60 44.39 -7.93 -25.59
N ILE B 61 45.43 -7.30 -25.07
CA ILE B 61 45.49 -5.84 -24.95
C ILE B 61 46.49 -5.23 -25.93
N GLY B 62 46.93 -6.00 -26.92
CA GLY B 62 47.95 -5.55 -27.85
C GLY B 62 49.34 -5.56 -27.22
N SER B 63 50.37 -5.47 -28.05
CA SER B 63 51.74 -5.55 -27.55
C SER B 63 52.00 -4.47 -26.51
N ILE B 64 52.70 -4.85 -25.43
CA ILE B 64 53.09 -3.90 -24.40
C ILE B 64 54.59 -3.93 -24.12
N GLY B 65 55.36 -4.77 -24.81
CA GLY B 65 56.79 -4.76 -24.67
C GLY B 65 57.36 -5.63 -23.58
N VAL B 66 56.53 -6.44 -22.90
CA VAL B 66 57.00 -7.41 -21.93
C VAL B 66 56.77 -8.80 -22.49
N LYS B 67 57.80 -9.64 -22.43
CA LYS B 67 57.75 -11.00 -22.97
C LYS B 67 57.72 -12.01 -21.83
N LEU B 68 57.16 -13.18 -22.13
CA LEU B 68 57.05 -14.27 -21.16
C LEU B 68 58.39 -14.97 -20.94
N THR B 69 58.82 -15.05 -19.70
CA THR B 69 60.04 -15.74 -19.32
C THR B 69 59.71 -16.98 -18.48
N GLY B 70 60.67 -17.89 -18.39
CA GLY B 70 60.50 -19.10 -17.62
C GLY B 70 61.39 -19.06 -16.40
N SER B 71 62.08 -17.93 -16.22
CA SER B 71 63.01 -17.73 -15.12
C SER B 71 62.56 -16.49 -14.36
N LEU B 72 62.02 -16.70 -13.16
CA LEU B 72 61.56 -15.57 -12.36
C LEU B 72 62.73 -14.75 -11.81
N ALA B 73 63.85 -15.40 -11.49
CA ALA B 73 64.96 -14.68 -10.88
C ALA B 73 65.58 -13.67 -11.83
N GLU B 74 65.55 -13.92 -13.14
CA GLU B 74 66.20 -13.05 -14.10
C GLU B 74 65.48 -11.72 -14.31
N VAL B 75 64.24 -11.58 -13.83
CA VAL B 75 63.45 -10.37 -14.04
C VAL B 75 63.03 -9.71 -12.75
N LEU B 76 63.45 -10.24 -11.60
CA LEU B 76 63.04 -9.68 -10.32
C LEU B 76 63.56 -8.26 -10.16
N GLU B 77 64.73 -7.95 -10.72
CA GLU B 77 65.25 -6.60 -10.69
C GLU B 77 64.38 -5.63 -11.48
N ASP B 78 63.56 -6.14 -12.39
CA ASP B 78 62.65 -5.31 -13.18
C ASP B 78 61.30 -5.09 -12.52
N CYS B 79 61.10 -5.58 -11.29
CA CYS B 79 59.80 -5.52 -10.63
C CYS B 79 59.92 -4.89 -9.25
N ASP B 80 58.86 -4.20 -8.85
CA ASP B 80 58.70 -3.77 -7.46
C ASP B 80 57.81 -4.73 -6.66
N VAL B 81 56.93 -5.46 -7.33
CA VAL B 81 56.03 -6.42 -6.67
C VAL B 81 55.61 -7.47 -7.70
N VAL B 82 55.33 -8.69 -7.22
CA VAL B 82 54.89 -9.78 -8.07
C VAL B 82 53.62 -10.42 -7.52
N ILE B 83 52.78 -10.95 -8.41
CA ILE B 83 51.51 -11.57 -8.05
C ILE B 83 51.55 -13.04 -8.47
N ASP B 84 51.17 -13.94 -7.56
CA ASP B 84 51.27 -15.38 -7.78
C ASP B 84 49.95 -16.08 -7.49
N PHE B 85 49.26 -16.51 -8.55
CA PHE B 85 48.05 -17.34 -8.48
C PHE B 85 48.32 -18.64 -9.24
N SER B 86 48.99 -19.57 -8.58
CA SER B 86 49.36 -20.82 -9.24
C SER B 86 49.10 -22.01 -8.33
N THR B 87 49.99 -22.97 -8.35
CA THR B 87 49.92 -24.17 -7.54
C THR B 87 50.80 -24.00 -6.30
N PRO B 88 50.44 -24.64 -5.18
CA PRO B 88 51.21 -24.43 -3.93
C PRO B 88 52.69 -24.75 -4.04
N ALA B 89 53.08 -25.72 -4.88
CA ALA B 89 54.51 -25.98 -5.04
C ALA B 89 55.21 -24.82 -5.75
N ALA B 90 54.58 -24.24 -6.78
CA ALA B 90 55.19 -23.16 -7.54
C ALA B 90 55.39 -21.89 -6.73
N THR B 91 54.51 -21.63 -5.77
CA THR B 91 54.67 -20.45 -4.93
C THR B 91 55.83 -20.58 -3.95
N SER B 92 56.05 -21.78 -3.41
CA SER B 92 57.10 -21.97 -2.41
C SER B 92 58.47 -21.57 -2.94
N GLU B 93 58.81 -22.03 -4.14
CA GLU B 93 60.07 -21.62 -4.74
C GLU B 93 60.07 -20.14 -5.06
N HIS B 94 58.91 -19.62 -5.48
CA HIS B 94 58.78 -18.20 -5.79
C HIS B 94 58.85 -17.35 -4.52
N LEU B 95 58.31 -17.86 -3.41
CA LEU B 95 58.43 -17.15 -2.14
C LEU B 95 59.88 -17.05 -1.69
N LYS B 96 60.64 -18.13 -1.85
CA LYS B 96 62.05 -18.12 -1.45
C LYS B 96 62.85 -17.16 -2.31
N LEU B 97 62.59 -17.13 -3.62
CA LEU B 97 63.36 -16.25 -4.50
C LEU B 97 63.07 -14.78 -4.19
N CYS B 98 61.80 -14.44 -3.99
CA CYS B 98 61.43 -13.05 -3.69
C CYS B 98 62.06 -12.57 -2.39
N ARG B 99 62.24 -13.46 -1.42
CA ARG B 99 62.87 -13.06 -0.17
C ARG B 99 64.28 -12.56 -0.42
N GLU B 100 65.08 -13.33 -1.17
CA GLU B 100 66.48 -12.98 -1.40
C GLU B 100 66.62 -11.73 -2.26
N ALA B 101 65.67 -11.48 -3.16
CA ALA B 101 65.75 -10.32 -4.03
C ALA B 101 65.08 -9.08 -3.44
N GLY B 102 64.32 -9.23 -2.35
CA GLY B 102 63.63 -8.11 -1.74
C GLY B 102 62.45 -7.56 -2.51
N VAL B 103 61.74 -8.40 -3.27
CA VAL B 103 60.56 -8.00 -4.02
C VAL B 103 59.33 -8.53 -3.31
N ALA B 104 58.33 -7.67 -3.13
CA ALA B 104 57.10 -8.06 -2.47
C ALA B 104 56.28 -9.02 -3.34
N ILE B 105 55.43 -9.81 -2.68
CA ILE B 105 54.63 -10.81 -3.37
C ILE B 105 53.20 -10.83 -2.80
N VAL B 106 52.23 -11.00 -3.69
CA VAL B 106 50.83 -11.17 -3.33
C VAL B 106 50.44 -12.61 -3.69
N ILE B 107 50.05 -13.39 -2.69
CA ILE B 107 49.84 -14.82 -2.87
C ILE B 107 48.35 -15.13 -2.76
N GLY B 108 47.83 -15.81 -3.78
CA GLY B 108 46.45 -16.23 -3.77
C GLY B 108 46.28 -17.71 -4.07
N THR B 109 47.38 -18.46 -4.03
CA THR B 109 47.31 -19.89 -4.25
C THR B 109 46.46 -20.55 -3.17
N THR B 110 45.49 -21.36 -3.59
CA THR B 110 44.61 -22.03 -2.66
C THR B 110 45.19 -23.38 -2.25
N GLY B 111 44.91 -23.77 -1.01
CA GLY B 111 45.29 -25.08 -0.57
C GLY B 111 46.77 -25.19 -0.26
N MET B 112 47.36 -24.13 0.30
CA MET B 112 48.77 -24.18 0.62
C MET B 112 48.99 -25.08 1.82
N SER B 113 50.08 -25.85 1.78
CA SER B 113 50.34 -26.82 2.82
C SER B 113 50.64 -26.13 4.14
N ASP B 114 50.51 -26.89 5.23
CA ASP B 114 50.79 -26.36 6.56
C ASP B 114 52.24 -25.93 6.70
N GLU B 115 53.16 -26.64 6.04
CA GLU B 115 54.56 -26.22 6.05
C GLU B 115 54.77 -24.99 5.17
N GLN B 116 54.10 -24.95 4.01
CA GLN B 116 54.23 -23.79 3.12
C GLN B 116 53.65 -22.53 3.75
N LYS B 117 52.51 -22.65 4.44
CA LYS B 117 51.93 -21.48 5.10
C LYS B 117 52.83 -20.98 6.22
N ALA B 118 53.53 -21.88 6.91
CA ALA B 118 54.50 -21.46 7.92
C ALA B 118 55.72 -20.83 7.26
N GLU B 119 56.13 -21.38 6.11
CA GLU B 119 57.20 -20.75 5.34
C GLU B 119 56.81 -19.34 4.92
N LEU B 120 55.54 -19.13 4.63
CA LEU B 120 55.06 -17.79 4.28
C LEU B 120 55.24 -16.83 5.44
N ASP B 121 54.88 -17.25 6.66
CA ASP B 121 54.95 -16.36 7.80
C ASP B 121 56.40 -15.95 8.07
N GLU B 122 57.34 -16.86 7.89
CA GLU B 122 58.74 -16.48 8.06
C GLU B 122 59.22 -15.62 6.90
N THR B 123 58.73 -15.91 5.69
CA THR B 123 59.02 -15.04 4.55
C THR B 123 58.49 -13.64 4.81
N ALA B 124 57.28 -13.53 5.37
CA ALA B 124 56.71 -12.24 5.71
C ALA B 124 57.50 -11.52 6.80
N LYS B 125 58.46 -12.21 7.45
CA LYS B 125 59.39 -11.54 8.35
C LYS B 125 60.53 -10.87 7.60
N HIS B 126 60.72 -11.18 6.32
CA HIS B 126 61.74 -10.58 5.48
C HIS B 126 61.18 -9.68 4.39
N ILE B 127 60.13 -10.10 3.69
CA ILE B 127 59.49 -9.28 2.65
C ILE B 127 58.02 -9.16 2.99
N PRO B 128 57.35 -8.11 2.50
CA PRO B 128 55.90 -8.00 2.67
C PRO B 128 55.16 -9.04 1.85
N VAL B 129 54.18 -9.70 2.47
CA VAL B 129 53.39 -10.76 1.83
C VAL B 129 51.90 -10.51 2.07
N VAL B 130 51.11 -10.56 1.00
CA VAL B 130 49.65 -10.48 1.09
C VAL B 130 49.08 -11.86 0.83
N TYR B 131 48.27 -12.36 1.76
CA TYR B 131 47.62 -13.66 1.63
C TYR B 131 46.19 -13.51 2.11
N ALA B 132 45.23 -13.77 1.21
CA ALA B 132 43.82 -13.60 1.55
C ALA B 132 43.01 -14.76 0.99
N ALA B 133 41.96 -15.12 1.73
CA ALA B 133 41.06 -16.17 1.28
C ALA B 133 40.27 -15.75 0.05
N ASN B 134 39.98 -14.46 -0.11
CA ASN B 134 39.23 -13.97 -1.26
C ASN B 134 39.75 -12.60 -1.63
N TYR B 135 40.07 -12.41 -2.91
CA TYR B 135 40.65 -11.15 -3.36
C TYR B 135 39.65 -10.22 -4.03
N SER B 136 38.39 -10.63 -4.17
CA SER B 136 37.34 -9.72 -4.64
C SER B 136 37.14 -8.55 -3.68
N VAL B 137 37.29 -7.33 -4.20
CA VAL B 137 37.08 -6.16 -3.34
C VAL B 137 35.65 -6.15 -2.80
N GLY B 138 34.68 -6.48 -3.65
CA GLY B 138 33.29 -6.47 -3.21
C GLY B 138 33.00 -7.47 -2.09
N VAL B 139 33.58 -8.66 -2.17
CA VAL B 139 33.33 -9.66 -1.12
C VAL B 139 33.89 -9.17 0.21
N ASN B 140 35.12 -8.67 0.19
CA ASN B 140 35.74 -8.19 1.43
C ASN B 140 34.98 -7.00 2.02
N VAL B 141 34.54 -6.08 1.16
CA VAL B 141 33.74 -4.96 1.64
C VAL B 141 32.48 -5.47 2.32
N SER B 142 31.78 -6.41 1.67
CA SER B 142 30.52 -6.92 2.19
C SER B 142 30.70 -7.49 3.59
N ILE B 143 31.75 -8.30 3.79
CA ILE B 143 31.94 -8.96 5.08
C ILE B 143 32.16 -7.93 6.17
N LYS B 144 32.85 -6.83 5.85
CA LYS B 144 32.98 -5.74 6.81
C LYS B 144 31.63 -5.10 7.09
N LEU B 145 30.81 -4.90 6.06
CA LEU B 145 29.47 -4.39 6.29
C LEU B 145 28.69 -5.34 7.19
N LEU B 146 28.84 -6.65 6.96
CA LEU B 146 28.12 -7.62 7.77
C LEU B 146 28.52 -7.51 9.22
N GLU B 147 29.84 -7.41 9.48
CA GLU B 147 30.31 -7.28 10.85
C GLU B 147 29.77 -6.03 11.50
N LEU B 148 29.78 -4.93 10.75
CA LEU B 148 29.35 -3.65 11.30
C LEU B 148 27.86 -3.67 11.59
N ALA B 149 27.05 -4.16 10.63
CA ALA B 149 25.61 -4.27 10.86
C ALA B 149 25.31 -5.22 12.01
N ALA B 150 26.04 -6.32 12.10
CA ALA B 150 25.77 -7.31 13.15
C ALA B 150 26.03 -6.75 14.54
N LYS B 151 27.13 -6.01 14.71
CA LYS B 151 27.43 -5.44 16.03
C LYS B 151 26.35 -4.46 16.46
N VAL B 152 25.83 -3.66 15.52
CA VAL B 152 24.83 -2.66 15.89
C VAL B 152 23.48 -3.31 16.15
N PHE B 153 23.05 -4.21 15.25
CA PHE B 153 21.75 -4.86 15.43
C PHE B 153 21.74 -5.78 16.63
N GLY B 154 22.87 -6.43 16.93
CA GLY B 154 22.90 -7.36 18.04
C GLY B 154 21.89 -8.46 17.86
N ASP B 155 21.18 -8.78 18.96
CA ASP B 155 20.22 -9.87 18.99
C ASP B 155 18.80 -9.44 18.65
N THR B 156 18.63 -8.30 17.95
CA THR B 156 17.31 -7.79 17.60
C THR B 156 16.86 -8.21 16.20
N VAL B 157 17.66 -8.99 15.48
CA VAL B 157 17.34 -9.39 14.12
C VAL B 157 17.58 -10.88 13.94
N ASP B 158 16.75 -11.48 13.08
CA ASP B 158 16.94 -12.85 12.59
C ASP B 158 17.79 -12.81 11.33
N ILE B 159 18.89 -13.55 11.33
CA ILE B 159 19.89 -13.45 10.27
C ILE B 159 19.80 -14.68 9.38
N GLU B 160 19.66 -14.43 8.07
CA GLU B 160 19.51 -15.47 7.07
C GLU B 160 20.50 -15.22 5.95
N VAL B 161 21.19 -16.26 5.53
CA VAL B 161 22.21 -16.18 4.48
C VAL B 161 21.66 -16.89 3.26
N ILE B 162 21.55 -16.16 2.16
CA ILE B 162 21.05 -16.69 0.89
C ILE B 162 22.16 -16.58 -0.14
N GLU B 163 22.45 -17.69 -0.82
CA GLU B 163 23.43 -17.66 -1.90
C GLU B 163 22.90 -18.46 -3.09
N ALA B 164 23.37 -18.12 -4.28
CA ALA B 164 22.99 -18.83 -5.50
C ALA B 164 24.21 -19.12 -6.36
N HIS B 165 24.27 -20.33 -6.89
CA HIS B 165 25.37 -20.74 -7.76
C HIS B 165 24.84 -21.73 -8.79
N HIS B 166 25.65 -21.94 -9.84
CA HIS B 166 25.33 -22.82 -10.94
C HIS B 166 25.11 -24.27 -10.49
N ARG B 167 24.49 -25.04 -11.38
CA ARG B 167 24.09 -26.41 -11.10
C ARG B 167 25.26 -27.38 -11.01
N HIS B 168 26.48 -26.95 -11.32
CA HIS B 168 27.63 -27.83 -11.23
C HIS B 168 28.30 -27.79 -9.87
N LYS B 169 27.96 -26.81 -9.03
CA LYS B 169 28.62 -26.69 -7.74
C LYS B 169 28.23 -27.85 -6.84
N VAL B 170 29.24 -28.56 -6.31
CA VAL B 170 28.96 -29.76 -5.53
C VAL B 170 28.82 -29.48 -4.04
N ASP B 171 29.37 -28.39 -3.55
CA ASP B 171 29.43 -28.10 -2.12
C ASP B 171 28.48 -26.96 -1.77
N ALA B 172 27.79 -27.10 -0.63
CA ALA B 172 26.78 -26.15 -0.17
C ALA B 172 26.86 -25.97 1.34
N PRO B 173 26.74 -24.73 1.84
CA PRO B 173 26.71 -23.46 1.09
C PRO B 173 28.10 -23.15 0.55
N SER B 174 28.24 -22.09 -0.24
CA SER B 174 29.55 -21.74 -0.76
C SER B 174 30.50 -21.35 0.37
N GLY B 175 31.80 -21.44 0.10
CA GLY B 175 32.78 -20.95 1.06
C GLY B 175 32.57 -19.48 1.39
N THR B 176 32.13 -18.68 0.41
CA THR B 176 31.88 -17.27 0.69
C THR B 176 30.72 -17.10 1.67
N ALA B 177 29.65 -17.89 1.51
CA ALA B 177 28.53 -17.81 2.43
C ALA B 177 28.95 -18.19 3.84
N LEU B 178 29.69 -19.29 3.98
CA LEU B 178 30.16 -19.70 5.31
C LEU B 178 31.14 -18.69 5.87
N MET B 179 31.98 -18.12 5.00
CA MET B 179 32.86 -17.05 5.45
C MET B 179 32.06 -15.89 6.00
N MET B 180 30.97 -15.52 5.33
CA MET B 180 30.09 -14.46 5.81
C MET B 180 29.37 -14.87 7.10
N GLY B 181 28.80 -16.08 7.12
CA GLY B 181 28.15 -16.55 8.32
C GLY B 181 29.11 -16.63 9.49
N GLU B 182 30.35 -17.05 9.22
CA GLU B 182 31.34 -17.12 10.27
C GLU B 182 31.64 -15.74 10.83
N ALA B 183 31.74 -14.74 9.96
CA ALA B 183 31.97 -13.38 10.43
C ALA B 183 30.85 -12.90 11.34
N ILE B 184 29.61 -13.24 10.98
CA ILE B 184 28.47 -12.81 11.77
C ILE B 184 28.46 -13.49 13.13
N ALA B 185 28.69 -14.80 13.15
CA ALA B 185 28.69 -15.54 14.42
C ALA B 185 29.77 -15.03 15.35
N ASP B 186 30.95 -14.71 14.81
CA ASP B 186 32.02 -14.18 15.64
C ASP B 186 31.66 -12.81 16.21
N THR B 187 31.08 -11.93 15.38
CA THR B 187 30.67 -10.63 15.89
C THR B 187 29.64 -10.78 17.00
N LEU B 188 28.71 -11.71 16.84
CA LEU B 188 27.63 -11.91 17.78
C LEU B 188 27.97 -12.87 18.90
N GLY B 189 29.18 -13.43 18.91
CA GLY B 189 29.56 -14.35 19.96
C GLY B 189 28.87 -15.70 19.89
N ARG B 190 28.46 -16.11 18.69
CA ARG B 190 27.80 -17.38 18.48
C ARG B 190 28.77 -18.39 17.88
N ASN B 191 28.46 -19.67 18.07
CA ASN B 191 29.22 -20.75 17.43
C ASN B 191 28.42 -21.21 16.21
N LEU B 192 28.96 -20.94 15.02
CA LEU B 192 28.21 -21.15 13.78
C LEU B 192 27.72 -22.59 13.67
N LYS B 193 28.59 -23.56 13.99
CA LYS B 193 28.20 -24.97 13.92
C LYS B 193 26.99 -25.25 14.81
N GLU B 194 26.86 -24.55 15.93
CA GLU B 194 25.72 -24.78 16.81
C GLU B 194 24.45 -24.12 16.27
N VAL B 195 24.57 -22.92 15.69
CA VAL B 195 23.39 -22.12 15.37
C VAL B 195 23.00 -22.19 13.90
N ALA B 196 23.74 -22.93 13.07
CA ALA B 196 23.44 -22.93 11.65
C ALA B 196 22.30 -23.89 11.32
N VAL B 197 21.49 -23.49 10.34
CA VAL B 197 20.40 -24.30 9.81
C VAL B 197 20.44 -24.20 8.29
N TYR B 198 20.37 -25.34 7.61
CA TYR B 198 20.57 -25.42 6.17
C TYR B 198 19.33 -25.82 5.41
N GLY B 199 18.22 -26.05 6.08
CA GLY B 199 17.00 -26.41 5.41
C GLY B 199 15.85 -26.31 6.37
N ARG B 200 14.64 -26.26 5.82
CA ARG B 200 13.43 -26.15 6.62
C ARG B 200 12.36 -27.01 5.96
N GLU B 201 11.83 -27.96 6.72
CA GLU B 201 10.83 -28.89 6.21
C GLU B 201 9.95 -29.38 7.36
N GLY B 202 8.64 -29.33 7.15
CA GLY B 202 7.70 -29.78 8.15
C GLY B 202 7.42 -28.73 9.21
N HIS B 203 6.99 -29.22 10.37
CA HIS B 203 6.66 -28.35 11.50
C HIS B 203 7.97 -27.94 12.17
N THR B 204 8.60 -26.91 11.60
CA THR B 204 9.86 -26.41 12.13
C THR B 204 9.68 -25.68 13.46
N GLY B 205 8.47 -25.25 13.80
CA GLY B 205 8.23 -24.46 14.97
C GLY B 205 8.66 -23.03 14.73
N PRO B 206 8.48 -22.15 15.72
CA PRO B 206 8.88 -20.75 15.55
C PRO B 206 10.40 -20.62 15.56
N ARG B 207 10.89 -19.53 14.97
CA ARG B 207 12.31 -19.40 14.76
C ARG B 207 13.00 -18.95 16.04
N ASP B 208 14.06 -19.67 16.40
CA ASP B 208 14.93 -19.24 17.48
C ASP B 208 15.76 -18.05 17.01
N ARG B 209 15.86 -17.04 17.88
CA ARG B 209 16.60 -15.82 17.49
C ARG B 209 18.07 -16.12 17.23
N GLN B 210 18.64 -17.09 17.95
CA GLN B 210 20.05 -17.42 17.76
C GLN B 210 20.33 -18.07 16.42
N THR B 211 19.31 -18.66 15.78
CA THR B 211 19.52 -19.40 14.55
C THR B 211 20.10 -18.50 13.46
N ILE B 212 21.10 -19.00 12.76
CA ILE B 212 21.55 -18.41 11.50
C ILE B 212 21.17 -19.35 10.39
N GLY B 213 20.26 -18.92 9.52
CA GLY B 213 19.73 -19.78 8.49
C GLY B 213 20.47 -19.62 7.16
N PHE B 214 20.76 -20.75 6.54
CA PHE B 214 21.45 -20.79 5.25
C PHE B 214 20.47 -21.36 4.22
N GLU B 215 20.09 -20.54 3.25
CA GLU B 215 19.30 -20.97 2.11
C GLU B 215 20.19 -20.98 0.87
N THR B 216 20.37 -22.14 0.27
CA THR B 216 21.27 -22.33 -0.86
C THR B 216 20.48 -22.62 -2.13
N ILE B 217 20.64 -21.78 -3.14
CA ILE B 217 19.97 -21.94 -4.43
C ILE B 217 20.96 -22.50 -5.44
N ARG B 218 20.53 -23.50 -6.21
CA ARG B 218 21.37 -24.11 -7.23
C ARG B 218 20.61 -24.14 -8.55
N GLY B 219 21.25 -23.70 -9.63
CA GLY B 219 20.64 -23.83 -10.93
C GLY B 219 21.43 -23.18 -12.05
N GLY B 220 21.30 -23.70 -13.27
CA GLY B 220 21.81 -23.02 -14.44
C GLY B 220 23.30 -22.72 -14.35
N ASP B 221 23.65 -21.48 -14.69
CA ASP B 221 25.03 -21.03 -14.75
C ASP B 221 25.29 -19.82 -13.87
N ILE B 222 24.53 -19.67 -12.78
CA ILE B 222 24.70 -18.51 -11.91
C ILE B 222 26.13 -18.48 -11.40
N VAL B 223 26.83 -17.37 -11.64
CA VAL B 223 28.24 -17.28 -11.26
C VAL B 223 28.39 -17.24 -9.75
N GLY B 224 27.57 -16.45 -9.07
CA GLY B 224 27.68 -16.41 -7.63
C GLY B 224 27.06 -15.17 -7.01
N GLU B 225 25.99 -15.37 -6.26
CA GLU B 225 25.25 -14.32 -5.59
C GLU B 225 25.15 -14.64 -4.11
N HIS B 226 25.36 -13.63 -3.26
CA HIS B 226 25.28 -13.82 -1.82
C HIS B 226 24.51 -12.67 -1.21
N THR B 227 23.53 -13.00 -0.38
CA THR B 227 22.70 -12.00 0.29
C THR B 227 22.62 -12.37 1.75
N VAL B 228 22.85 -11.39 2.63
CA VAL B 228 22.63 -11.57 4.06
C VAL B 228 21.48 -10.64 4.45
N MET B 229 20.47 -11.21 5.10
CA MET B 229 19.29 -10.46 5.54
C MET B 229 19.36 -10.32 7.06
N PHE B 230 19.32 -9.08 7.53
CA PHE B 230 19.14 -8.78 8.94
C PHE B 230 17.66 -8.39 9.11
N ILE B 231 16.86 -9.34 9.55
CA ILE B 231 15.41 -9.21 9.53
C ILE B 231 14.95 -8.86 10.93
N GLY B 232 14.43 -7.65 11.10
CA GLY B 232 13.88 -7.18 12.35
C GLY B 232 12.37 -7.02 12.30
N GLU B 233 11.85 -6.38 13.34
CA GLU B 233 10.41 -6.13 13.48
C GLU B 233 10.07 -4.80 12.81
N GLY B 234 9.41 -4.86 11.66
CA GLY B 234 9.01 -3.69 10.91
C GLY B 234 9.96 -3.29 9.80
N GLU B 235 11.18 -3.80 9.81
CA GLU B 235 12.17 -3.44 8.79
C GLU B 235 13.17 -4.57 8.60
N ARG B 236 13.99 -4.42 7.56
CA ARG B 236 14.96 -5.41 7.13
C ARG B 236 16.10 -4.71 6.42
N VAL B 237 17.33 -5.15 6.67
CA VAL B 237 18.50 -4.63 5.98
C VAL B 237 19.20 -5.79 5.28
N GLU B 238 19.50 -5.61 4.00
CA GLU B 238 20.13 -6.66 3.20
C GLU B 238 21.47 -6.18 2.67
N VAL B 239 22.47 -7.05 2.77
CA VAL B 239 23.75 -6.84 2.12
C VAL B 239 23.94 -7.92 1.08
N THR B 240 24.20 -7.51 -0.15
CA THR B 240 24.25 -8.44 -1.26
C THR B 240 25.51 -8.19 -2.07
N HIS B 241 26.18 -9.27 -2.43
CA HIS B 241 27.26 -9.24 -3.39
C HIS B 241 26.85 -10.13 -4.55
N LYS B 242 27.00 -9.62 -5.76
CA LYS B 242 26.71 -10.37 -6.98
C LYS B 242 27.92 -10.31 -7.89
N ALA B 243 28.29 -11.45 -8.46
CA ALA B 243 29.41 -11.58 -9.38
C ALA B 243 28.91 -11.76 -10.81
N THR B 244 29.47 -10.99 -11.72
CA THR B 244 29.15 -11.13 -13.14
C THR B 244 29.96 -12.24 -13.79
N ASN B 245 31.23 -12.36 -13.40
CA ASN B 245 32.12 -13.37 -13.95
C ASN B 245 33.11 -13.76 -12.86
N ARG B 246 34.00 -14.69 -13.20
CA ARG B 246 35.01 -15.21 -12.28
C ARG B 246 36.33 -14.48 -12.39
N MET B 247 36.32 -13.16 -12.56
CA MET B 247 37.56 -12.43 -12.77
C MET B 247 37.75 -11.27 -11.82
N ASN B 248 36.84 -11.05 -10.87
CA ASN B 248 36.95 -9.88 -10.00
C ASN B 248 37.96 -10.10 -8.88
N PHE B 249 38.57 -11.28 -8.79
CA PHE B 249 39.73 -11.45 -7.94
C PHE B 249 40.91 -10.60 -8.43
N ALA B 250 41.01 -10.41 -9.75
CA ALA B 250 42.20 -9.80 -10.35
C ALA B 250 42.37 -8.35 -9.91
N ALA B 251 41.31 -7.56 -9.96
CA ALA B 251 41.40 -6.16 -9.58
C ALA B 251 41.87 -6.00 -8.14
N GLY B 252 41.39 -6.86 -7.25
CA GLY B 252 41.84 -6.81 -5.87
C GLY B 252 43.30 -7.19 -5.70
N ALA B 253 43.73 -8.26 -6.38
CA ALA B 253 45.12 -8.68 -6.26
C ALA B 253 46.05 -7.59 -6.78
N VAL B 254 45.69 -6.96 -7.89
CA VAL B 254 46.50 -5.85 -8.39
C VAL B 254 46.49 -4.71 -7.39
N ARG B 255 45.33 -4.44 -6.78
CA ARG B 255 45.24 -3.40 -5.76
C ARG B 255 46.06 -3.76 -4.53
N ALA B 256 46.04 -5.02 -4.12
CA ALA B 256 46.89 -5.47 -3.02
C ALA B 256 48.36 -5.35 -3.41
N ALA B 257 48.68 -5.64 -4.68
CA ALA B 257 50.06 -5.55 -5.12
C ALA B 257 50.58 -4.13 -5.04
N ALA B 258 49.82 -3.17 -5.57
CA ALA B 258 50.25 -1.78 -5.53
C ALA B 258 50.30 -1.28 -4.09
N TRP B 259 49.41 -1.77 -3.23
CA TRP B 259 49.35 -1.28 -1.86
C TRP B 259 50.57 -1.72 -1.05
N VAL B 260 51.04 -2.96 -1.26
CA VAL B 260 52.07 -3.53 -0.40
C VAL B 260 53.47 -3.04 -0.74
N VAL B 261 53.64 -2.36 -1.88
CA VAL B 261 54.98 -1.91 -2.29
C VAL B 261 55.53 -0.90 -1.30
N GLY B 262 56.74 -1.14 -0.83
CA GLY B 262 57.42 -0.18 0.03
C GLY B 262 56.91 -0.11 1.45
N ARG B 263 56.25 -1.16 1.92
CA ARG B 263 55.73 -1.22 3.28
C ARG B 263 56.58 -2.13 4.14
N GLU B 264 56.45 -1.97 5.46
CA GLU B 264 57.20 -2.80 6.39
C GLU B 264 56.82 -4.27 6.22
N ALA B 265 57.79 -5.13 6.46
CA ALA B 265 57.66 -6.56 6.25
C ALA B 265 56.78 -7.17 7.34
N ARG B 266 55.53 -7.42 7.02
CA ARG B 266 54.61 -8.16 7.88
C ARG B 266 53.78 -9.08 6.99
N LYS B 267 52.85 -9.80 7.59
CA LYS B 267 51.82 -10.51 6.84
C LYS B 267 50.57 -9.65 6.78
N TYR B 268 50.07 -9.41 5.57
CA TYR B 268 48.89 -8.57 5.34
C TYR B 268 47.78 -9.39 4.69
N ASP B 269 46.53 -8.95 4.89
CA ASP B 269 45.38 -9.52 4.20
C ASP B 269 44.55 -8.41 3.55
N MET B 270 43.40 -8.75 2.97
CA MET B 270 42.63 -7.74 2.28
C MET B 270 42.02 -6.70 3.21
N LYS B 271 41.82 -7.03 4.50
CA LYS B 271 41.39 -6.00 5.43
C LYS B 271 42.44 -4.90 5.54
N ASP B 272 43.72 -5.27 5.56
CA ASP B 272 44.78 -4.26 5.55
C ASP B 272 44.77 -3.48 4.25
N VAL B 273 44.70 -4.19 3.13
CA VAL B 273 44.80 -3.55 1.81
C VAL B 273 43.67 -2.55 1.61
N LEU B 274 42.46 -2.92 2.00
CA LEU B 274 41.29 -2.07 1.77
C LEU B 274 41.00 -1.12 2.92
N GLY B 275 41.82 -1.12 3.96
CA GLY B 275 41.62 -0.24 5.09
C GLY B 275 40.39 -0.57 5.91
N LEU B 276 40.11 -1.86 6.10
CA LEU B 276 38.87 -2.24 6.76
C LEU B 276 39.03 -2.40 8.26
N ASN B 277 40.25 -2.59 8.74
CA ASN B 277 40.48 -2.69 10.17
C ASN B 277 40.37 -1.33 10.87
N ASP B 278 40.20 -0.24 10.13
CA ASP B 278 40.28 1.12 10.66
C ASP B 278 38.92 1.70 11.06
N VAL B 279 37.88 0.88 11.14
CA VAL B 279 36.54 1.36 11.51
C VAL B 279 35.88 0.30 12.38
N GLN B 280 35.35 0.72 13.53
CA GLN B 280 34.73 -0.20 14.48
C GLN B 280 33.69 0.49 15.34
N ALA C 12 -25.58 -2.87 -11.05
CA ALA C 12 -24.45 -3.20 -10.17
C ALA C 12 -24.85 -4.36 -9.28
N PRO C 13 -23.87 -5.15 -8.84
CA PRO C 13 -24.18 -6.30 -7.97
C PRO C 13 -24.26 -5.92 -6.50
N ARG C 14 -25.19 -6.55 -5.81
CA ARG C 14 -25.43 -6.31 -4.39
C ARG C 14 -24.76 -7.43 -3.60
N ILE C 15 -23.71 -7.09 -2.86
CA ILE C 15 -22.86 -8.06 -2.18
C ILE C 15 -23.16 -7.99 -0.70
N GLY C 16 -23.52 -9.12 -0.11
CA GLY C 16 -23.68 -9.24 1.32
C GLY C 16 -22.45 -9.89 1.94
N ILE C 17 -22.10 -9.46 3.13
CA ILE C 17 -20.94 -9.97 3.85
C ILE C 17 -21.46 -10.70 5.08
N LEU C 18 -21.14 -11.99 5.19
CA LEU C 18 -21.48 -12.76 6.37
C LEU C 18 -20.32 -12.73 7.35
N GLY C 19 -20.65 -12.81 8.64
CA GLY C 19 -19.62 -12.60 9.65
C GLY C 19 -19.03 -11.21 9.56
N ALA C 20 -19.88 -10.20 9.34
CA ALA C 20 -19.42 -8.84 9.08
C ALA C 20 -18.77 -8.18 10.28
N GLY C 21 -18.85 -8.78 11.46
CA GLY C 21 -18.21 -8.20 12.64
C GLY C 21 -16.75 -8.53 12.78
N GLY C 22 -16.33 -9.70 12.29
CA GLY C 22 -14.98 -10.16 12.49
C GLY C 22 -13.95 -9.30 11.78
N ARG C 23 -12.68 -9.67 11.98
CA ARG C 23 -11.59 -8.93 11.34
C ARG C 23 -11.74 -8.98 9.83
N MET C 24 -11.98 -10.17 9.29
CA MET C 24 -12.07 -10.34 7.85
C MET C 24 -13.33 -9.70 7.27
N GLY C 25 -14.44 -9.73 8.01
CA GLY C 25 -15.67 -9.13 7.50
C GLY C 25 -15.50 -7.65 7.23
N ARG C 26 -14.90 -6.94 8.17
CA ARG C 26 -14.67 -5.51 8.01
C ARG C 26 -13.84 -5.20 6.79
N ILE C 27 -12.81 -6.00 6.54
CA ILE C 27 -11.98 -5.80 5.36
C ILE C 27 -12.81 -6.02 4.10
N LEU C 28 -13.69 -7.02 4.11
CA LEU C 28 -14.55 -7.29 2.97
C LEU C 28 -15.52 -6.13 2.72
N ILE C 29 -15.99 -5.50 3.79
CA ILE C 29 -16.86 -4.33 3.63
C ILE C 29 -16.11 -3.20 2.95
N GLN C 30 -14.87 -2.94 3.37
CA GLN C 30 -14.06 -1.94 2.66
C GLN C 30 -13.87 -2.32 1.21
N ALA C 31 -13.65 -3.62 0.95
CA ALA C 31 -13.41 -4.07 -0.42
C ALA C 31 -14.64 -3.89 -1.29
N VAL C 32 -15.82 -4.13 -0.71
CA VAL C 32 -17.06 -3.92 -1.47
C VAL C 32 -17.20 -2.45 -1.85
N GLN C 33 -16.99 -1.55 -0.88
CA GLN C 33 -17.17 -0.13 -1.15
C GLN C 33 -16.06 0.40 -2.06
N GLN C 34 -14.83 -0.09 -1.88
CA GLN C 34 -13.74 0.35 -2.74
C GLN C 34 -13.91 -0.11 -4.18
N ALA C 35 -14.60 -1.23 -4.39
CA ALA C 35 -14.84 -1.65 -5.76
C ALA C 35 -16.02 -0.94 -6.39
N GLY C 36 -16.66 -0.03 -5.66
CA GLY C 36 -17.80 0.71 -6.19
C GLY C 36 -19.11 -0.01 -6.08
N TYR C 37 -19.14 -1.16 -5.42
CA TYR C 37 -20.34 -1.98 -5.28
C TYR C 37 -21.18 -1.53 -4.10
N GLN C 38 -22.43 -2.00 -4.10
CA GLN C 38 -23.36 -1.73 -3.02
C GLN C 38 -23.27 -2.84 -2.00
N LEU C 39 -23.03 -2.49 -0.73
CA LEU C 39 -23.08 -3.49 0.32
C LEU C 39 -24.53 -3.90 0.50
N GLY C 40 -24.84 -5.16 0.18
CA GLY C 40 -26.22 -5.61 0.23
C GLY C 40 -26.68 -5.99 1.61
N ALA C 41 -25.79 -6.46 2.47
CA ALA C 41 -26.15 -6.89 3.81
C ALA C 41 -24.87 -7.08 4.62
N ALA C 42 -25.02 -7.01 5.93
CA ALA C 42 -23.92 -7.27 6.85
C ALA C 42 -24.52 -8.08 7.99
N VAL C 43 -24.14 -9.35 8.08
CA VAL C 43 -24.79 -10.30 8.97
C VAL C 43 -23.79 -10.76 10.01
N VAL C 44 -24.26 -10.92 11.25
CA VAL C 44 -23.47 -11.42 12.35
C VAL C 44 -24.29 -12.48 13.08
N ARG C 45 -23.68 -13.09 14.09
CA ARG C 45 -24.41 -14.01 14.95
C ARG C 45 -25.60 -13.29 15.58
N PRO C 46 -26.75 -13.96 15.73
CA PRO C 46 -27.94 -13.27 16.26
C PRO C 46 -27.77 -12.70 17.66
N GLU C 47 -26.72 -13.09 18.39
CA GLU C 47 -26.48 -12.60 19.75
C GLU C 47 -25.33 -11.60 19.82
N SER C 48 -24.91 -11.03 18.69
CA SER C 48 -23.73 -10.18 18.67
C SER C 48 -24.00 -8.82 19.31
N THR C 49 -22.94 -8.23 19.85
CA THR C 49 -23.02 -6.92 20.47
C THR C 49 -23.27 -5.85 19.42
N LEU C 50 -22.82 -6.09 18.20
CA LEU C 50 -22.74 -5.09 17.15
C LEU C 50 -24.01 -4.98 16.32
N ILE C 51 -25.04 -5.77 16.61
CA ILE C 51 -26.28 -5.65 15.84
C ILE C 51 -26.82 -4.24 16.02
N GLY C 52 -27.03 -3.54 14.90
CA GLY C 52 -27.50 -2.18 14.90
C GLY C 52 -26.44 -1.17 14.54
N ALA C 53 -25.17 -1.53 14.66
CA ALA C 53 -24.09 -0.62 14.28
C ALA C 53 -24.01 -0.51 12.77
N ASP C 54 -23.41 0.57 12.30
CA ASP C 54 -23.29 0.80 10.87
C ASP C 54 -22.06 0.04 10.36
N ALA C 55 -22.26 -0.73 9.27
CA ALA C 55 -21.16 -1.53 8.74
C ALA C 55 -20.00 -0.64 8.32
N GLY C 56 -20.30 0.49 7.68
CA GLY C 56 -19.26 1.39 7.25
C GLY C 56 -18.48 1.97 8.42
N GLU C 57 -19.18 2.42 9.45
CA GLU C 57 -18.50 2.93 10.63
C GLU C 57 -17.64 1.85 11.25
N LEU C 58 -18.20 0.65 11.39
CA LEU C 58 -17.47 -0.47 11.97
C LEU C 58 -16.25 -0.83 11.12
N ALA C 59 -16.35 -0.66 9.80
CA ALA C 59 -15.25 -0.96 8.89
C ALA C 59 -14.25 0.18 8.77
N GLY C 60 -14.49 1.31 9.41
CA GLY C 60 -13.56 2.42 9.37
C GLY C 60 -13.70 3.34 8.17
N ILE C 61 -14.79 3.23 7.40
CA ILE C 61 -15.00 4.05 6.22
C ILE C 61 -16.14 5.04 6.41
N GLY C 62 -16.58 5.27 7.64
CA GLY C 62 -17.71 6.14 7.87
C GLY C 62 -19.03 5.50 7.50
N SER C 63 -20.11 6.15 7.94
CA SER C 63 -21.45 5.60 7.77
C SER C 63 -21.77 5.33 6.30
N ILE C 64 -22.40 4.18 6.04
CA ILE C 64 -22.87 3.85 4.70
C ILE C 64 -24.34 3.45 4.68
N GLY C 65 -25.01 3.42 5.83
CA GLY C 65 -26.44 3.17 5.87
C GLY C 65 -26.87 1.73 5.91
N VAL C 66 -25.93 0.79 5.96
CA VAL C 66 -26.24 -0.62 6.13
C VAL C 66 -25.89 -0.99 7.55
N LYS C 67 -26.85 -1.58 8.25
CA LYS C 67 -26.66 -1.91 9.66
C LYS C 67 -26.47 -3.41 9.82
N LEU C 68 -25.74 -3.78 10.87
CA LEU C 68 -25.48 -5.20 11.10
C LEU C 68 -26.74 -5.87 11.62
N THR C 69 -27.19 -6.90 10.92
CA THR C 69 -28.35 -7.69 11.31
C THR C 69 -27.91 -9.09 11.69
N GLY C 70 -28.79 -9.81 12.38
CA GLY C 70 -28.46 -11.14 12.86
C GLY C 70 -29.16 -12.29 12.18
N SER C 71 -29.95 -12.00 11.14
CA SER C 71 -30.71 -13.02 10.41
C SER C 71 -30.36 -12.91 8.92
N LEU C 72 -29.69 -13.94 8.40
CA LEU C 72 -29.35 -13.94 6.99
C LEU C 72 -30.59 -14.12 6.13
N ALA C 73 -31.56 -14.90 6.59
CA ALA C 73 -32.73 -15.16 5.76
C ALA C 73 -33.53 -13.89 5.52
N GLU C 74 -33.51 -12.97 6.50
CA GLU C 74 -34.27 -11.74 6.38
C GLU C 74 -33.66 -10.75 5.40
N VAL C 75 -32.41 -10.95 4.97
CA VAL C 75 -31.72 -10.00 4.13
C VAL C 75 -31.27 -10.59 2.81
N LEU C 76 -31.59 -11.85 2.51
CA LEU C 76 -31.14 -12.44 1.26
C LEU C 76 -31.80 -11.77 0.04
N GLU C 77 -33.03 -11.27 0.18
CA GLU C 77 -33.67 -10.57 -0.93
C GLU C 77 -32.92 -9.30 -1.31
N ASP C 78 -32.09 -8.76 -0.41
CA ASP C 78 -31.31 -7.57 -0.67
C ASP C 78 -29.97 -7.86 -1.30
N CYS C 79 -29.67 -9.12 -1.59
CA CYS C 79 -28.36 -9.51 -2.06
C CYS C 79 -28.49 -10.32 -3.34
N ASP C 80 -27.49 -10.18 -4.21
CA ASP C 80 -27.32 -11.09 -5.34
C ASP C 80 -26.27 -12.15 -5.05
N VAL C 81 -25.37 -11.87 -4.12
CA VAL C 81 -24.28 -12.77 -3.77
C VAL C 81 -23.87 -12.46 -2.34
N VAL C 82 -23.35 -13.46 -1.63
CA VAL C 82 -22.84 -13.27 -0.28
C VAL C 82 -21.44 -13.83 -0.22
N ILE C 83 -20.63 -13.25 0.67
CA ILE C 83 -19.26 -13.66 0.90
C ILE C 83 -19.17 -14.16 2.33
N ASP C 84 -18.64 -15.36 2.50
CA ASP C 84 -18.67 -16.05 3.79
C ASP C 84 -17.27 -16.52 4.17
N PHE C 85 -16.68 -15.86 5.17
CA PHE C 85 -15.42 -16.25 5.79
C PHE C 85 -15.70 -16.44 7.28
N SER C 86 -16.24 -17.60 7.64
CA SER C 86 -16.62 -17.85 9.03
C SER C 86 -16.18 -19.26 9.44
N THR C 87 -17.01 -19.94 10.16
CA THR C 87 -16.72 -21.29 10.60
C THR C 87 -17.40 -22.32 9.71
N PRO C 88 -16.83 -23.52 9.58
CA PRO C 88 -17.43 -24.53 8.69
C PRO C 88 -18.85 -24.89 9.07
N ALA C 89 -19.19 -24.86 10.36
CA ALA C 89 -20.56 -25.11 10.78
C ALA C 89 -21.47 -23.97 10.35
N ALA C 90 -21.01 -22.73 10.49
CA ALA C 90 -21.83 -21.59 10.08
C ALA C 90 -22.03 -21.58 8.58
N THR C 91 -21.03 -22.03 7.82
CA THR C 91 -21.16 -22.10 6.37
C THR C 91 -22.20 -23.13 5.97
N SER C 92 -22.33 -24.21 6.72
CA SER C 92 -23.35 -25.20 6.42
C SER C 92 -24.74 -24.57 6.48
N GLU C 93 -25.03 -23.82 7.55
CA GLU C 93 -26.33 -23.16 7.64
C GLU C 93 -26.49 -22.10 6.57
N HIS C 94 -25.41 -21.38 6.25
CA HIS C 94 -25.49 -20.33 5.23
C HIS C 94 -25.77 -20.93 3.86
N LEU C 95 -25.27 -22.14 3.59
CA LEU C 95 -25.51 -22.80 2.30
C LEU C 95 -26.99 -23.09 2.11
N LYS C 96 -27.68 -23.58 3.14
CA LYS C 96 -29.08 -23.92 2.97
C LYS C 96 -29.93 -22.68 2.69
N LEU C 97 -29.67 -21.58 3.39
CA LEU C 97 -30.49 -20.39 3.20
C LEU C 97 -30.30 -19.82 1.80
N CYS C 98 -29.05 -19.76 1.33
CA CYS C 98 -28.80 -19.26 -0.02
C CYS C 98 -29.42 -20.14 -1.08
N ARG C 99 -29.47 -21.46 -0.83
CA ARG C 99 -30.07 -22.37 -1.79
C ARG C 99 -31.55 -22.06 -1.99
N GLU C 100 -32.30 -21.95 -0.89
CA GLU C 100 -33.73 -21.73 -0.98
C GLU C 100 -34.04 -20.34 -1.53
N ALA C 101 -33.17 -19.37 -1.28
CA ALA C 101 -33.35 -18.00 -1.75
C ALA C 101 -32.76 -17.77 -3.14
N GLY C 102 -31.96 -18.69 -3.65
CA GLY C 102 -31.37 -18.53 -4.97
C GLY C 102 -30.28 -17.48 -5.06
N VAL C 103 -29.53 -17.28 -3.97
CA VAL C 103 -28.44 -16.31 -3.94
C VAL C 103 -27.12 -17.05 -4.04
N ALA C 104 -26.24 -16.58 -4.92
CA ALA C 104 -24.92 -17.16 -5.05
C ALA C 104 -24.09 -16.87 -3.80
N ILE C 105 -23.09 -17.69 -3.57
CA ILE C 105 -22.28 -17.58 -2.37
C ILE C 105 -20.80 -17.75 -2.72
N VAL C 106 -19.97 -16.91 -2.12
CA VAL C 106 -18.52 -16.99 -2.24
C VAL C 106 -18.00 -17.43 -0.88
N ILE C 107 -17.40 -18.61 -0.84
CA ILE C 107 -17.01 -19.27 0.40
C ILE C 107 -15.51 -19.26 0.51
N GLY C 108 -15.00 -18.79 1.66
CA GLY C 108 -13.58 -18.80 1.94
C GLY C 108 -13.32 -19.42 3.29
N THR C 109 -14.34 -20.06 3.86
CA THR C 109 -14.19 -20.72 5.15
C THR C 109 -13.16 -21.84 5.03
N THR C 110 -12.17 -21.82 5.91
CA THR C 110 -11.11 -22.82 5.88
C THR C 110 -11.45 -24.01 6.78
N GLY C 111 -10.96 -25.18 6.37
CA GLY C 111 -11.04 -26.35 7.22
C GLY C 111 -12.40 -27.03 7.28
N MET C 112 -13.13 -27.05 6.18
CA MET C 112 -14.42 -27.73 6.15
C MET C 112 -14.22 -29.24 6.08
N SER C 113 -15.06 -29.98 6.80
CA SER C 113 -14.93 -31.42 6.80
C SER C 113 -15.28 -31.98 5.42
N ASP C 114 -14.89 -33.23 5.19
CA ASP C 114 -15.22 -33.89 3.93
C ASP C 114 -16.71 -34.02 3.74
N GLU C 115 -17.46 -34.19 4.84
CA GLU C 115 -18.92 -34.20 4.71
C GLU C 115 -19.44 -32.81 4.42
N GLN C 116 -18.88 -31.79 5.08
CA GLN C 116 -19.28 -30.42 4.79
C GLN C 116 -18.87 -30.01 3.38
N LYS C 117 -17.68 -30.44 2.93
CA LYS C 117 -17.27 -30.14 1.56
C LYS C 117 -18.18 -30.84 0.54
N ALA C 118 -18.70 -32.01 0.88
CA ALA C 118 -19.65 -32.67 -0.01
C ALA C 118 -20.98 -31.94 -0.05
N GLU C 119 -21.43 -31.44 1.10
CA GLU C 119 -22.63 -30.62 1.14
C GLU C 119 -22.48 -29.38 0.26
N LEU C 120 -21.27 -28.82 0.22
CA LEU C 120 -21.00 -27.68 -0.66
C LEU C 120 -21.15 -28.07 -2.12
N ASP C 121 -20.56 -29.20 -2.51
CA ASP C 121 -20.54 -29.59 -3.92
C ASP C 121 -21.96 -29.84 -4.45
N GLU C 122 -22.82 -30.43 -3.63
CA GLU C 122 -24.19 -30.69 -4.07
C GLU C 122 -24.99 -29.40 -4.15
N THR C 123 -24.74 -28.46 -3.25
CA THR C 123 -25.39 -27.16 -3.32
C THR C 123 -25.08 -26.48 -4.66
N ALA C 124 -23.82 -26.60 -5.12
CA ALA C 124 -23.39 -25.97 -6.36
C ALA C 124 -24.14 -26.48 -7.59
N LYS C 125 -24.95 -27.53 -7.46
CA LYS C 125 -25.83 -27.93 -8.54
C LYS C 125 -27.09 -27.09 -8.61
N HIS C 126 -27.40 -26.32 -7.56
CA HIS C 126 -28.57 -25.45 -7.51
C HIS C 126 -28.25 -23.97 -7.58
N ILE C 127 -27.23 -23.50 -6.87
CA ILE C 127 -26.84 -22.10 -6.90
C ILE C 127 -25.39 -22.01 -7.35
N PRO C 128 -24.97 -20.88 -7.89
CA PRO C 128 -23.53 -20.69 -8.19
C PRO C 128 -22.73 -20.57 -6.90
N VAL C 129 -21.62 -21.30 -6.83
CA VAL C 129 -20.77 -21.31 -5.66
C VAL C 129 -19.33 -21.10 -6.07
N VAL C 130 -18.65 -20.17 -5.41
CA VAL C 130 -17.22 -19.95 -5.60
C VAL C 130 -16.50 -20.48 -4.37
N TYR C 131 -15.54 -21.35 -4.61
CA TYR C 131 -14.73 -21.94 -3.55
C TYR C 131 -13.29 -21.96 -4.06
N ALA C 132 -12.39 -21.29 -3.35
CA ALA C 132 -11.01 -21.25 -3.76
C ALA C 132 -10.12 -21.38 -2.54
N ALA C 133 -8.97 -22.03 -2.74
CA ALA C 133 -7.98 -22.15 -1.67
C ALA C 133 -7.35 -20.79 -1.36
N ASN C 134 -7.23 -19.92 -2.36
CA ASN C 134 -6.65 -18.59 -2.16
C ASN C 134 -7.40 -17.59 -3.03
N TYR C 135 -7.84 -16.49 -2.43
CA TYR C 135 -8.60 -15.50 -3.18
C TYR C 135 -7.75 -14.32 -3.61
N SER C 136 -6.47 -14.31 -3.25
CA SER C 136 -5.59 -13.25 -3.72
C SER C 136 -5.47 -13.29 -5.23
N VAL C 137 -5.79 -12.18 -5.88
CA VAL C 137 -5.68 -12.14 -7.33
C VAL C 137 -4.24 -12.39 -7.76
N GLY C 138 -3.27 -11.78 -7.05
CA GLY C 138 -1.88 -11.93 -7.43
C GLY C 138 -1.37 -13.36 -7.34
N VAL C 139 -1.78 -14.09 -6.31
CA VAL C 139 -1.32 -15.45 -6.15
C VAL C 139 -1.85 -16.33 -7.29
N ASN C 140 -3.14 -16.23 -7.59
CA ASN C 140 -3.71 -17.05 -8.65
C ASN C 140 -3.08 -16.70 -10.00
N VAL C 141 -2.83 -15.41 -10.24
CA VAL C 141 -2.10 -15.01 -11.44
C VAL C 141 -0.72 -15.66 -11.46
N SER C 142 0.00 -15.59 -10.33
CA SER C 142 1.34 -16.17 -10.28
C SER C 142 1.34 -17.65 -10.68
N ILE C 143 0.38 -18.42 -10.17
CA ILE C 143 0.31 -19.83 -10.49
CA ILE C 143 0.28 -19.84 -10.49
C ILE C 143 0.17 -20.03 -12.00
N LYS C 144 -0.65 -19.23 -12.65
CA LYS C 144 -0.82 -19.37 -14.09
C LYS C 144 0.48 -19.07 -14.83
N LEU C 145 1.18 -18.02 -14.41
CA LEU C 145 2.47 -17.70 -15.01
C LEU C 145 3.46 -18.86 -14.82
N LEU C 146 3.46 -19.46 -13.63
CA LEU C 146 4.36 -20.58 -13.38
C LEU C 146 4.07 -21.75 -14.30
N GLU C 147 2.79 -22.10 -14.43
CA GLU C 147 2.41 -23.20 -15.31
C GLU C 147 2.81 -22.92 -16.75
N LEU C 148 2.58 -21.69 -17.22
CA LEU C 148 2.87 -21.35 -18.60
C LEU C 148 4.37 -21.36 -18.88
N ALA C 149 5.15 -20.74 -18.00
CA ALA C 149 6.60 -20.78 -18.17
C ALA C 149 7.11 -22.21 -18.08
N ALA C 150 6.53 -23.02 -17.19
CA ALA C 150 7.01 -24.39 -17.04
C ALA C 150 6.77 -25.20 -18.31
N LYS C 151 5.62 -25.00 -18.96
CA LYS C 151 5.35 -25.76 -20.19
C LYS C 151 6.35 -25.38 -21.28
N VAL C 152 6.71 -24.11 -21.36
CA VAL C 152 7.61 -23.67 -22.41
C VAL C 152 9.05 -24.08 -22.11
N PHE C 153 9.51 -23.84 -20.89
CA PHE C 153 10.89 -24.17 -20.54
C PHE C 153 11.13 -25.66 -20.57
N GLY C 154 10.11 -26.45 -20.22
CA GLY C 154 10.28 -27.90 -20.20
C GLY C 154 11.40 -28.29 -19.25
N ASP C 155 12.27 -29.19 -19.71
CA ASP C 155 13.38 -29.69 -18.91
C ASP C 155 14.68 -28.90 -19.13
N THR C 156 14.62 -27.67 -19.63
CA THR C 156 15.82 -26.90 -19.91
C THR C 156 16.21 -25.97 -18.76
N VAL C 157 15.44 -25.93 -17.67
CA VAL C 157 15.70 -25.00 -16.57
C VAL C 157 15.66 -25.72 -15.24
N ASP C 158 16.48 -25.24 -14.33
CA ASP C 158 16.44 -25.68 -12.94
C ASP C 158 15.45 -24.82 -12.18
N ILE C 159 14.51 -25.47 -11.50
CA ILE C 159 13.40 -24.77 -10.87
C ILE C 159 13.63 -24.78 -9.36
N GLU C 160 13.65 -23.58 -8.78
CA GLU C 160 13.89 -23.36 -7.37
C GLU C 160 12.80 -22.45 -6.82
N VAL C 161 12.23 -22.84 -5.68
CA VAL C 161 11.16 -22.09 -5.03
C VAL C 161 11.72 -21.48 -3.77
N ILE C 162 11.68 -20.14 -3.68
CA ILE C 162 12.18 -19.41 -2.52
C ILE C 162 11.00 -18.68 -1.89
N GLU C 163 10.83 -18.84 -0.58
CA GLU C 163 9.80 -18.11 0.13
C GLU C 163 10.36 -17.53 1.42
N ALA C 164 9.72 -16.46 1.89
CA ALA C 164 10.11 -15.81 3.13
C ALA C 164 8.88 -15.51 3.97
N HIS C 165 8.98 -15.77 5.27
CA HIS C 165 7.90 -15.47 6.19
C HIS C 165 8.48 -15.08 7.54
N HIS C 166 7.62 -14.50 8.37
CA HIS C 166 7.96 -14.06 9.72
C HIS C 166 8.43 -15.23 10.57
N ARG C 167 9.04 -14.88 11.70
CA ARG C 167 9.66 -15.84 12.61
C ARG C 167 8.66 -16.68 13.38
N HIS C 168 7.36 -16.39 13.30
CA HIS C 168 6.36 -17.14 14.04
C HIS C 168 5.80 -18.32 13.25
N LYS C 169 6.06 -18.37 11.94
CA LYS C 169 5.48 -19.43 11.12
C LYS C 169 6.10 -20.76 11.49
N VAL C 170 5.23 -21.75 11.79
CA VAL C 170 5.69 -23.05 12.26
C VAL C 170 5.86 -24.07 11.13
N ASP C 171 5.33 -23.79 9.94
CA ASP C 171 5.34 -24.73 8.83
C ASP C 171 6.29 -24.26 7.74
N ALA C 172 7.02 -25.22 7.15
CA ALA C 172 7.92 -24.93 6.05
C ALA C 172 7.90 -26.06 5.03
N PRO C 173 7.84 -25.73 3.73
CA PRO C 173 7.59 -24.39 3.18
C PRO C 173 6.13 -23.99 3.40
N SER C 174 5.75 -22.76 3.06
CA SER C 174 4.37 -22.33 3.21
C SER C 174 3.45 -23.14 2.28
N GLY C 175 2.15 -23.13 2.61
CA GLY C 175 1.19 -23.75 1.72
C GLY C 175 1.20 -23.17 0.32
N THR C 176 1.42 -21.85 0.21
CA THR C 176 1.48 -21.23 -1.11
C THR C 176 2.71 -21.68 -1.89
N ALA C 177 3.85 -21.80 -1.21
CA ALA C 177 5.05 -22.30 -1.89
C ALA C 177 4.84 -23.72 -2.40
N LEU C 178 4.25 -24.59 -1.58
CA LEU C 178 3.96 -25.95 -2.00
C LEU C 178 2.90 -25.98 -3.10
N MET C 179 1.91 -25.09 -3.01
CA MET C 179 0.92 -24.98 -4.08
C MET C 179 1.58 -24.65 -5.41
N MET C 180 2.58 -23.77 -5.39
CA MET C 180 3.30 -23.42 -6.60
C MET C 180 4.12 -24.58 -7.13
N GLY C 181 4.88 -25.23 -6.25
CA GLY C 181 5.67 -26.38 -6.69
C GLY C 181 4.80 -27.48 -7.24
N GLU C 182 3.63 -27.68 -6.64
CA GLU C 182 2.71 -28.70 -7.14
C GLU C 182 2.23 -28.38 -8.56
N ALA C 183 1.89 -27.12 -8.83
CA ALA C 183 1.46 -26.75 -10.18
C ALA C 183 2.56 -26.95 -11.21
N ILE C 184 3.80 -26.62 -10.84
CA ILE C 184 4.92 -26.81 -11.75
C ILE C 184 5.17 -28.31 -11.96
N ALA C 185 5.14 -29.09 -10.88
CA ALA C 185 5.34 -30.53 -10.99
C ALA C 185 4.24 -31.18 -11.84
N ASP C 186 2.99 -30.74 -11.68
CA ASP C 186 1.92 -31.27 -12.54
C ASP C 186 2.18 -30.91 -13.99
N THR C 187 2.56 -29.66 -14.24
CA THR C 187 2.85 -29.23 -15.61
C THR C 187 3.99 -30.03 -16.21
N LEU C 188 5.04 -30.28 -15.44
CA LEU C 188 6.20 -30.99 -15.96
C LEU C 188 6.08 -32.50 -15.87
N GLY C 189 5.00 -33.01 -15.30
CA GLY C 189 4.83 -34.45 -15.15
C GLY C 189 5.70 -35.09 -14.10
N ARG C 190 6.14 -34.34 -13.10
CA ARG C 190 6.99 -34.85 -12.04
C ARG C 190 6.17 -35.10 -10.78
N ASN C 191 6.71 -35.98 -9.93
CA ASN C 191 6.13 -36.27 -8.64
C ASN C 191 6.85 -35.42 -7.59
N LEU C 192 6.11 -34.47 -7.01
CA LEU C 192 6.71 -33.49 -6.12
C LEU C 192 7.41 -34.16 -4.94
N LYS C 193 6.78 -35.16 -4.32
CA LYS C 193 7.42 -35.81 -3.18
C LYS C 193 8.77 -36.42 -3.57
N GLU C 194 8.91 -36.86 -4.82
CA GLU C 194 10.15 -37.47 -5.25
C GLU C 194 11.22 -36.44 -5.57
N VAL C 195 10.84 -35.33 -6.18
CA VAL C 195 11.84 -34.41 -6.72
C VAL C 195 12.06 -33.20 -5.83
N ALA C 196 11.36 -33.11 -4.70
CA ALA C 196 11.48 -31.93 -3.85
C ALA C 196 12.71 -32.02 -2.97
N VAL C 197 13.34 -30.88 -2.76
CA VAL C 197 14.53 -30.75 -1.90
C VAL C 197 14.36 -29.51 -1.04
N TYR C 198 14.57 -29.66 0.27
CA TYR C 198 14.28 -28.62 1.24
C TYR C 198 15.51 -28.07 1.95
N GLY C 199 16.70 -28.55 1.62
CA GLY C 199 17.91 -28.06 2.22
C GLY C 199 19.09 -28.52 1.42
N ARG C 200 20.24 -27.87 1.65
CA ARG C 200 21.47 -28.26 0.96
C ARG C 200 22.63 -28.03 1.92
N GLU C 201 23.40 -29.09 2.20
CA GLU C 201 24.52 -28.98 3.14
C GLU C 201 25.58 -30.02 2.80
N GLY C 202 26.84 -29.59 2.74
CA GLY C 202 27.94 -30.50 2.47
C GLY C 202 28.08 -30.77 0.97
N HIS C 203 28.68 -31.93 0.69
CA HIS C 203 28.91 -32.36 -0.70
C HIS C 203 27.62 -32.93 -1.28
N THR C 204 26.76 -32.05 -1.77
CA THR C 204 25.52 -32.48 -2.40
C THR C 204 25.72 -33.05 -3.79
N GLY C 205 26.87 -32.82 -4.43
CA GLY C 205 27.06 -33.19 -5.81
C GLY C 205 26.36 -32.21 -6.73
N PRO C 206 26.45 -32.44 -8.04
CA PRO C 206 25.80 -31.53 -9.00
C PRO C 206 24.29 -31.70 -8.97
N ARG C 207 23.60 -30.69 -9.47
CA ARG C 207 22.16 -30.62 -9.35
C ARG C 207 21.50 -31.50 -10.41
N ASP C 208 20.57 -32.33 -9.98
CA ASP C 208 19.71 -33.05 -10.90
C ASP C 208 18.67 -32.10 -11.50
N ARG C 209 18.48 -32.20 -12.83
CA ARG C 209 17.54 -31.32 -13.52
C ARG C 209 16.10 -31.53 -13.04
N GLN C 210 15.75 -32.74 -12.61
CA GLN C 210 14.42 -33.00 -12.10
C GLN C 210 14.14 -32.34 -10.76
N THR C 211 15.19 -32.01 -10.00
CA THR C 211 15.00 -31.47 -8.67
C THR C 211 14.22 -30.16 -8.72
N ILE C 212 13.26 -30.03 -7.80
CA ILE C 212 12.62 -28.75 -7.47
C ILE C 212 13.08 -28.41 -6.05
N GLY C 213 13.84 -27.33 -5.92
CA GLY C 213 14.42 -26.93 -4.65
C GLY C 213 13.55 -25.93 -3.92
N PHE C 214 13.42 -26.11 -2.60
CA PHE C 214 12.65 -25.21 -1.76
C PHE C 214 13.59 -24.56 -0.76
N GLU C 215 13.82 -23.26 -0.91
CA GLU C 215 14.57 -22.48 0.07
C GLU C 215 13.57 -21.63 0.85
N THR C 216 13.50 -21.86 2.15
CA THR C 216 12.53 -21.19 3.01
C THR C 216 13.27 -20.30 3.99
N ILE C 217 12.93 -19.02 3.96
CA ILE C 217 13.52 -17.99 4.81
C ILE C 217 12.56 -17.71 5.95
N ARG C 218 13.08 -17.60 7.16
CA ARG C 218 12.28 -17.27 8.32
C ARG C 218 12.93 -16.11 9.07
N GLY C 219 12.13 -15.09 9.39
CA GLY C 219 12.64 -13.96 10.17
C GLY C 219 11.67 -12.81 10.35
N GLY C 220 11.83 -12.08 11.45
CA GLY C 220 11.12 -10.84 11.65
C GLY C 220 9.61 -10.97 11.58
N ASP C 221 8.98 -10.03 10.86
CA ASP C 221 7.53 -9.96 10.72
C ASP C 221 7.11 -10.01 9.26
N ILE C 222 7.92 -10.65 8.42
CA ILE C 222 7.65 -10.71 6.99
C ILE C 222 6.28 -11.32 6.74
N VAL C 223 5.43 -10.58 6.02
CA VAL C 223 4.07 -11.04 5.78
C VAL C 223 4.05 -12.24 4.85
N GLY C 224 4.82 -12.19 3.76
CA GLY C 224 4.87 -13.33 2.87
C GLY C 224 5.34 -13.06 1.45
N GLU C 225 6.50 -13.61 1.06
CA GLU C 225 7.04 -13.44 -0.27
C GLU C 225 7.32 -14.80 -0.90
N HIS C 226 7.02 -14.94 -2.18
CA HIS C 226 7.24 -16.20 -2.90
C HIS C 226 7.88 -15.90 -4.25
N THR C 227 8.98 -16.58 -4.55
CA THR C 227 9.69 -16.41 -5.80
C THR C 227 10.01 -17.78 -6.38
N VAL C 228 9.71 -17.96 -7.66
CA VAL C 228 10.10 -19.15 -8.41
C VAL C 228 11.11 -18.74 -9.45
N MET C 229 12.25 -19.41 -9.47
CA MET C 229 13.31 -19.13 -10.43
C MET C 229 13.35 -20.27 -11.44
N PHE C 230 13.20 -19.94 -12.71
CA PHE C 230 13.43 -20.87 -13.82
C PHE C 230 14.83 -20.55 -14.32
N ILE C 231 15.80 -21.35 -13.91
CA ILE C 231 17.21 -21.03 -14.08
C ILE C 231 17.76 -21.85 -15.24
N GLY C 232 18.07 -21.18 -16.34
CA GLY C 232 18.64 -21.83 -17.50
C GLY C 232 20.10 -21.47 -17.71
N GLU C 233 20.61 -21.89 -18.86
CA GLU C 233 21.98 -21.63 -19.26
C GLU C 233 22.04 -20.29 -19.98
N GLY C 234 22.60 -19.30 -19.30
CA GLY C 234 22.72 -17.96 -19.82
C GLY C 234 21.62 -17.02 -19.38
N GLU C 235 20.52 -17.56 -18.86
CA GLU C 235 19.43 -16.69 -18.46
C GLU C 235 18.61 -17.34 -17.37
N ARG C 236 17.71 -16.52 -16.82
CA ARG C 236 16.89 -16.86 -15.67
C ARG C 236 15.62 -16.04 -15.76
N VAL C 237 14.50 -16.66 -15.43
CA VAL C 237 13.22 -15.97 -15.34
C VAL C 237 12.68 -16.18 -13.94
N GLU C 238 12.26 -15.09 -13.29
CA GLU C 238 11.73 -15.17 -11.93
C GLU C 238 10.29 -14.68 -11.94
N VAL C 239 9.41 -15.42 -11.28
CA VAL C 239 8.06 -14.97 -11.01
C VAL C 239 7.93 -14.82 -9.50
N THR C 240 7.51 -13.63 -9.05
CA THR C 240 7.51 -13.31 -7.64
C THR C 240 6.18 -12.68 -7.24
N HIS C 241 5.64 -13.13 -6.11
CA HIS C 241 4.49 -12.51 -5.46
C HIS C 241 4.88 -12.09 -4.06
N LYS C 242 4.60 -10.84 -3.71
CA LYS C 242 4.89 -10.30 -2.38
C LYS C 242 3.64 -9.68 -1.80
N ALA C 243 3.36 -9.97 -0.53
CA ALA C 243 2.20 -9.45 0.17
C ALA C 243 2.61 -8.36 1.16
N THR C 244 1.92 -7.22 1.09
CA THR C 244 2.16 -6.12 2.01
C THR C 244 1.42 -6.31 3.33
N ASN C 245 0.24 -6.91 3.28
CA ASN C 245 -0.54 -7.18 4.46
C ASN C 245 -1.32 -8.46 4.24
N ARG C 246 -2.09 -8.86 5.25
CA ARG C 246 -2.90 -10.08 5.17
C ARG C 246 -4.32 -9.77 4.70
N MET C 247 -4.48 -8.88 3.72
CA MET C 247 -5.80 -8.39 3.35
C MET C 247 -6.14 -8.49 1.87
N ASN C 248 -5.25 -9.03 1.02
CA ASN C 248 -5.56 -9.06 -0.41
C ASN C 248 -6.49 -10.20 -0.79
N PHE C 249 -6.92 -11.02 0.18
CA PHE C 249 -8.02 -11.93 -0.06
C PHE C 249 -9.31 -11.17 -0.36
N ALA C 250 -9.51 -10.02 0.27
CA ALA C 250 -10.79 -9.32 0.17
C ALA C 250 -11.06 -8.86 -1.25
N ALA C 251 -10.09 -8.18 -1.87
CA ALA C 251 -10.29 -7.69 -3.22
C ALA C 251 -10.57 -8.83 -4.19
N GLY C 252 -9.90 -9.97 -4.03
CA GLY C 252 -10.18 -11.11 -4.88
C GLY C 252 -11.56 -11.70 -4.60
N ALA C 253 -11.91 -11.84 -3.31
CA ALA C 253 -13.21 -12.39 -2.96
C ALA C 253 -14.34 -11.49 -3.48
N VAL C 254 -14.20 -10.18 -3.31
CA VAL C 254 -15.23 -9.27 -3.82
C VAL C 254 -15.30 -9.36 -5.34
N ARG C 255 -14.14 -9.48 -6.00
CA ARG C 255 -14.13 -9.60 -7.46
C ARG C 255 -14.82 -10.89 -7.90
N ALA C 256 -14.61 -11.98 -7.15
CA ALA C 256 -15.31 -13.23 -7.47
C ALA C 256 -16.81 -13.10 -7.26
N ALA C 257 -17.21 -12.37 -6.21
CA ALA C 257 -18.64 -12.20 -5.95
C ALA C 257 -19.32 -11.45 -7.09
N ALA C 258 -18.71 -10.35 -7.56
CA ALA C 258 -19.30 -9.62 -8.66
C ALA C 258 -19.32 -10.45 -9.93
N TRP C 259 -18.32 -11.29 -10.13
CA TRP C 259 -18.21 -12.09 -11.34
C TRP C 259 -19.29 -13.16 -11.40
N VAL C 260 -19.59 -13.78 -10.26
CA VAL C 260 -20.44 -14.96 -10.23
C VAL C 260 -21.92 -14.65 -10.34
N VAL C 261 -22.32 -13.38 -10.20
CA VAL C 261 -23.73 -13.06 -10.20
C VAL C 261 -24.35 -13.42 -11.54
N GLY C 262 -25.45 -14.18 -11.49
CA GLY C 262 -26.21 -14.53 -12.68
C GLY C 262 -25.61 -15.60 -13.58
N ARG C 263 -24.73 -16.44 -13.06
CA ARG C 263 -24.12 -17.48 -13.87
C ARG C 263 -24.75 -18.84 -13.59
N GLU C 264 -24.53 -19.78 -14.51
CA GLU C 264 -25.11 -21.11 -14.37
C GLU C 264 -24.62 -21.77 -13.10
N ALA C 265 -25.47 -22.60 -12.51
CA ALA C 265 -25.19 -23.21 -11.22
C ALA C 265 -24.09 -24.26 -11.38
N ARG C 266 -22.86 -23.87 -11.08
CA ARG C 266 -21.75 -24.82 -11.01
C ARG C 266 -20.88 -24.43 -9.82
N LYS C 267 -19.83 -25.20 -9.59
CA LYS C 267 -18.80 -24.81 -8.65
C LYS C 267 -17.67 -24.15 -9.43
N TYR C 268 -17.29 -22.95 -8.99
CA TYR C 268 -16.29 -22.12 -9.63
C TYR C 268 -15.12 -21.91 -8.68
N ASP C 269 -13.96 -21.63 -9.26
CA ASP C 269 -12.78 -21.23 -8.50
C ASP C 269 -12.25 -19.92 -9.08
N MET C 270 -11.14 -19.43 -8.53
CA MET C 270 -10.59 -18.15 -8.97
C MET C 270 -10.00 -18.25 -10.36
N LYS C 271 -9.65 -19.45 -10.83
CA LYS C 271 -9.21 -19.60 -12.21
C LYS C 271 -10.32 -19.22 -13.19
N ASP C 272 -11.57 -19.57 -12.85
CA ASP C 272 -12.71 -19.15 -13.64
C ASP C 272 -12.91 -17.64 -13.55
N VAL C 273 -12.84 -17.10 -12.33
CA VAL C 273 -13.13 -15.69 -12.10
C VAL C 273 -12.16 -14.82 -12.88
N LEU C 274 -10.89 -15.19 -12.89
CA LEU C 274 -9.84 -14.39 -13.50
C LEU C 274 -9.61 -14.74 -14.96
N GLY C 275 -10.35 -15.68 -15.52
CA GLY C 275 -10.17 -16.05 -16.91
C GLY C 275 -8.84 -16.74 -17.20
N LEU C 276 -8.39 -17.60 -16.29
CA LEU C 276 -7.08 -18.23 -16.39
C LEU C 276 -7.10 -19.63 -17.00
N ASN C 277 -8.25 -20.28 -17.06
CA ASN C 277 -8.32 -21.64 -17.59
C ASN C 277 -8.11 -21.73 -19.10
N ASP C 278 -7.90 -20.61 -19.79
CA ASP C 278 -7.64 -20.65 -21.23
C ASP C 278 -6.35 -21.42 -21.54
N ALA D 12 17.10 1.16 35.79
CA ALA D 12 16.38 1.37 34.53
C ALA D 12 15.88 2.81 34.41
N PRO D 13 15.85 3.32 33.18
CA PRO D 13 15.42 4.71 32.97
C PRO D 13 13.91 4.84 32.86
N ARG D 14 13.42 5.98 33.34
CA ARG D 14 11.99 6.32 33.30
C ARG D 14 11.75 7.22 32.10
N ILE D 15 11.00 6.72 31.12
CA ILE D 15 10.79 7.40 29.85
C ILE D 15 9.36 7.93 29.79
N GLY D 16 9.23 9.23 29.53
CA GLY D 16 7.94 9.85 29.30
C GLY D 16 7.69 10.07 27.82
N ILE D 17 6.43 9.94 27.42
CA ILE D 17 6.01 10.08 26.02
C ILE D 17 5.11 11.30 25.90
N LEU D 18 5.49 12.22 25.03
CA LEU D 18 4.66 13.39 24.73
C LEU D 18 3.75 13.10 23.55
N GLY D 19 2.60 13.78 23.55
CA GLY D 19 1.59 13.51 22.53
C GLY D 19 1.10 12.08 22.57
N ALA D 20 0.90 11.54 23.78
CA ALA D 20 0.61 10.12 23.94
C ALA D 20 -0.75 9.71 23.37
N GLY D 21 -1.61 10.67 22.99
CA GLY D 21 -2.90 10.31 22.43
C GLY D 21 -2.83 10.02 20.94
N GLY D 22 -1.90 10.66 20.24
CA GLY D 22 -1.81 10.53 18.80
C GLY D 22 -1.36 9.15 18.38
N ARG D 23 -1.30 8.97 17.06
CA ARG D 23 -0.86 7.70 16.49
C ARG D 23 0.56 7.38 16.94
N MET D 24 1.48 8.33 16.78
CA MET D 24 2.87 8.08 17.12
C MET D 24 3.06 7.94 18.62
N GLY D 25 2.29 8.68 19.43
CA GLY D 25 2.40 8.55 20.87
C GLY D 25 2.06 7.15 21.35
N ARG D 26 0.95 6.60 20.83
CA ARG D 26 0.56 5.24 21.22
C ARG D 26 1.63 4.23 20.85
N ILE D 27 2.22 4.38 19.66
CA ILE D 27 3.29 3.47 19.25
C ILE D 27 4.49 3.61 20.16
N LEU D 28 4.82 4.84 20.54
CA LEU D 28 5.95 5.06 21.44
C LEU D 28 5.72 4.41 22.80
N ILE D 29 4.47 4.41 23.27
CA ILE D 29 4.16 3.74 24.53
C ILE D 29 4.40 2.24 24.40
N GLN D 30 3.98 1.65 23.28
CA GLN D 30 4.24 0.23 23.03
C GLN D 30 5.73 -0.06 23.00
N ALA D 31 6.50 0.83 22.35
CA ALA D 31 7.93 0.57 22.21
C ALA D 31 8.64 0.60 23.56
N VAL D 32 8.21 1.50 24.45
CA VAL D 32 8.76 1.55 25.80
C VAL D 32 8.50 0.24 26.51
N GLN D 33 7.26 -0.26 26.44
CA GLN D 33 6.93 -1.51 27.10
C GLN D 33 7.57 -2.71 26.39
N GLN D 34 7.64 -2.66 25.06
CA GLN D 34 8.24 -3.77 24.32
C GLN D 34 9.73 -3.90 24.60
N ALA D 35 10.38 -2.78 24.95
CA ALA D 35 11.80 -2.80 25.30
C ALA D 35 12.03 -3.14 26.76
N GLY D 36 10.96 -3.39 27.51
CA GLY D 36 11.09 -3.70 28.92
C GLY D 36 11.18 -2.51 29.85
N TYR D 37 11.03 -1.29 29.36
CA TYR D 37 11.16 -0.13 30.23
C TYR D 37 9.83 0.17 30.91
N GLN D 38 9.93 0.99 31.96
CA GLN D 38 8.78 1.50 32.68
C GLN D 38 8.38 2.84 32.06
N LEU D 39 7.10 2.96 31.69
CA LEU D 39 6.60 4.23 31.19
C LEU D 39 6.53 5.24 32.32
N GLY D 40 7.33 6.31 32.20
CA GLY D 40 7.39 7.30 33.27
C GLY D 40 6.26 8.31 33.26
N ALA D 41 5.75 8.66 32.09
CA ALA D 41 4.69 9.66 31.97
C ALA D 41 4.11 9.60 30.57
N ALA D 42 2.88 10.11 30.43
CA ALA D 42 2.20 10.26 29.15
C ALA D 42 1.42 11.56 29.15
N VAL D 43 1.83 12.50 28.29
CA VAL D 43 1.29 13.86 28.29
C VAL D 43 0.56 14.10 26.97
N VAL D 44 -0.54 14.85 27.03
CA VAL D 44 -1.35 15.16 25.86
C VAL D 44 -1.60 16.67 25.80
N ARG D 45 -2.29 17.09 24.75
CA ARG D 45 -2.66 18.49 24.59
C ARG D 45 -3.54 18.92 25.77
N PRO D 46 -3.34 20.14 26.30
CA PRO D 46 -4.13 20.56 27.47
C PRO D 46 -5.62 20.57 27.24
N GLU D 47 -6.09 20.52 25.99
CA GLU D 47 -7.52 20.49 25.70
C GLU D 47 -7.98 19.10 25.25
N SER D 48 -7.17 18.07 25.47
CA SER D 48 -7.51 16.74 25.01
C SER D 48 -8.58 16.10 25.88
N THR D 49 -9.39 15.22 25.27
CA THR D 49 -10.45 14.54 25.98
C THR D 49 -9.93 13.47 26.93
N LEU D 50 -8.77 12.89 26.63
CA LEU D 50 -8.32 11.66 27.27
C LEU D 50 -7.60 11.85 28.60
N ILE D 51 -7.48 13.08 29.11
CA ILE D 51 -6.79 13.30 30.37
C ILE D 51 -7.46 12.50 31.47
N GLY D 52 -6.69 11.62 32.12
CA GLY D 52 -7.17 10.75 33.17
C GLY D 52 -7.27 9.28 32.78
N ALA D 53 -7.37 8.97 31.49
CA ALA D 53 -7.42 7.60 31.04
C ALA D 53 -6.05 6.94 31.14
N ASP D 54 -6.03 5.61 31.14
CA ASP D 54 -4.79 4.86 31.29
C ASP D 54 -4.03 4.77 29.97
N ALA D 55 -2.74 5.11 30.01
CA ALA D 55 -1.92 5.11 28.80
C ALA D 55 -1.77 3.72 28.22
N GLY D 56 -1.54 2.72 29.06
CA GLY D 56 -1.38 1.36 28.55
C GLY D 56 -2.63 0.86 27.85
N GLU D 57 -3.79 1.05 28.49
CA GLU D 57 -5.04 0.68 27.85
C GLU D 57 -5.26 1.50 26.59
N LEU D 58 -5.04 2.82 26.66
CA LEU D 58 -5.23 3.69 25.51
C LEU D 58 -4.30 3.30 24.37
N ALA D 59 -3.12 2.79 24.68
CA ALA D 59 -2.17 2.34 23.67
C ALA D 59 -2.42 0.91 23.22
N GLY D 60 -3.36 0.19 23.85
CA GLY D 60 -3.69 -1.15 23.43
C GLY D 60 -2.85 -2.26 24.02
N ILE D 61 -2.06 -1.98 25.06
CA ILE D 61 -1.23 -2.99 25.70
C ILE D 61 -1.78 -3.35 27.08
N GLY D 62 -3.03 -2.98 27.36
CA GLY D 62 -3.61 -3.18 28.66
C GLY D 62 -3.08 -2.18 29.68
N SER D 63 -3.79 -2.06 30.79
CA SER D 63 -3.45 -1.07 31.80
C SER D 63 -2.01 -1.27 32.28
N ILE D 64 -1.30 -0.16 32.43
CA ILE D 64 0.06 -0.16 32.94
C ILE D 64 0.25 0.75 34.14
N GLY D 65 -0.80 1.42 34.60
CA GLY D 65 -0.73 2.24 35.80
C GLY D 65 -0.28 3.66 35.56
N VAL D 66 -0.11 4.08 34.32
CA VAL D 66 0.20 5.45 33.96
C VAL D 66 -1.02 6.06 33.29
N LYS D 67 -1.44 7.24 33.75
CA LYS D 67 -2.60 7.92 33.23
C LYS D 67 -2.18 9.11 32.39
N LEU D 68 -3.03 9.48 31.43
CA LEU D 68 -2.73 10.61 30.56
C LEU D 68 -2.91 11.94 31.29
N THR D 69 -1.87 12.77 31.26
CA THR D 69 -1.89 14.11 31.83
C THR D 69 -1.83 15.16 30.73
N GLY D 70 -2.22 16.38 31.10
CA GLY D 70 -2.21 17.47 30.15
C GLY D 70 -1.16 18.51 30.50
N SER D 71 -0.38 18.24 31.54
CA SER D 71 0.63 19.17 32.04
C SER D 71 1.98 18.47 32.02
N LEU D 72 2.85 18.89 31.11
CA LEU D 72 4.18 18.29 31.03
C LEU D 72 5.02 18.69 32.24
N ALA D 73 4.85 19.92 32.73
CA ALA D 73 5.65 20.39 33.85
C ALA D 73 5.38 19.61 35.13
N GLU D 74 4.15 19.13 35.29
CA GLU D 74 3.75 18.42 36.51
C GLU D 74 4.28 17.00 36.60
N VAL D 75 4.82 16.44 35.52
CA VAL D 75 5.26 15.04 35.50
C VAL D 75 6.73 14.88 35.18
N LEU D 76 7.47 15.98 35.00
CA LEU D 76 8.88 15.87 34.65
C LEU D 76 9.71 15.22 35.76
N GLU D 77 9.31 15.39 37.02
CA GLU D 77 10.05 14.78 38.13
C GLU D 77 10.01 13.25 38.08
N ASP D 78 9.05 12.66 37.38
CA ASP D 78 8.95 11.21 37.29
C ASP D 78 9.74 10.62 36.13
N CYS D 79 10.47 11.44 35.37
CA CYS D 79 11.14 10.97 34.17
C CYS D 79 12.60 11.35 34.19
N ASP D 80 13.42 10.49 33.58
CA ASP D 80 14.80 10.82 33.29
C ASP D 80 14.99 11.34 31.89
N VAL D 81 14.09 11.00 30.96
CA VAL D 81 14.15 11.46 29.58
C VAL D 81 12.74 11.44 29.03
N VAL D 82 12.47 12.32 28.07
CA VAL D 82 11.17 12.35 27.42
C VAL D 82 11.38 12.30 25.91
N ILE D 83 10.40 11.75 25.21
CA ILE D 83 10.42 11.60 23.76
C ILE D 83 9.30 12.45 23.20
N ASP D 84 9.63 13.27 22.19
CA ASP D 84 8.70 14.26 21.65
C ASP D 84 8.61 14.11 20.14
N PHE D 85 7.48 13.61 19.66
CA PHE D 85 7.15 13.57 18.24
C PHE D 85 5.84 14.36 18.08
N SER D 86 5.96 15.68 18.02
CA SER D 86 4.79 16.55 17.95
C SER D 86 4.95 17.64 16.91
N THR D 87 4.46 18.84 17.20
CA THR D 87 4.54 20.01 16.32
C THR D 87 5.65 20.95 16.78
N PRO D 88 6.29 21.67 15.84
CA PRO D 88 7.39 22.56 16.24
C PRO D 88 6.99 23.64 17.24
N ALA D 89 5.75 24.13 17.19
CA ALA D 89 5.31 25.09 18.18
C ALA D 89 5.20 24.45 19.57
N ALA D 90 4.65 23.23 19.63
CA ALA D 90 4.59 22.53 20.90
C ALA D 90 5.98 22.15 21.38
N THR D 91 6.89 21.86 20.45
CA THR D 91 8.26 21.53 20.83
C THR D 91 8.97 22.73 21.44
N SER D 92 8.63 23.94 20.98
CA SER D 92 9.21 25.15 21.56
C SER D 92 8.90 25.25 23.04
N GLU D 93 7.65 25.00 23.42
CA GLU D 93 7.30 25.00 24.83
C GLU D 93 7.99 23.85 25.56
N HIS D 94 8.13 22.71 24.90
CA HIS D 94 8.78 21.55 25.52
C HIS D 94 10.27 21.79 25.72
N LEU D 95 10.92 22.47 24.78
CA LEU D 95 12.34 22.75 24.92
C LEU D 95 12.61 23.66 26.11
N LYS D 96 11.81 24.71 26.28
CA LYS D 96 12.02 25.61 27.40
C LYS D 96 11.74 24.91 28.73
N LEU D 97 10.68 24.09 28.77
CA LEU D 97 10.31 23.41 30.01
C LEU D 97 11.34 22.37 30.42
N CYS D 98 11.83 21.56 29.47
CA CYS D 98 12.82 20.53 29.79
C CYS D 98 14.13 21.14 30.27
N ARG D 99 14.49 22.33 29.78
CA ARG D 99 15.73 22.96 30.20
C ARG D 99 15.75 23.20 31.70
N GLU D 100 14.67 23.80 32.23
CA GLU D 100 14.62 24.14 33.64
C GLU D 100 14.55 22.92 34.55
N ALA D 101 13.97 21.82 34.07
CA ALA D 101 13.82 20.62 34.88
C ALA D 101 15.01 19.67 34.81
N GLY D 102 15.93 19.88 33.88
CA GLY D 102 17.07 19.01 33.78
C GLY D 102 16.75 17.61 33.28
N VAL D 103 15.72 17.47 32.45
CA VAL D 103 15.33 16.19 31.88
C VAL D 103 15.75 16.18 30.42
N ALA D 104 16.40 15.10 30.00
CA ALA D 104 16.80 14.97 28.60
C ALA D 104 15.57 14.78 27.72
N ILE D 105 15.74 15.13 26.43
CA ILE D 105 14.62 15.08 25.50
C ILE D 105 15.11 14.49 24.18
N VAL D 106 14.27 13.63 23.59
CA VAL D 106 14.52 13.06 22.27
C VAL D 106 13.45 13.62 21.33
N ILE D 107 13.88 14.38 20.33
CA ILE D 107 12.98 15.13 19.45
C ILE D 107 13.02 14.52 18.05
N GLY D 108 11.84 14.22 17.50
CA GLY D 108 11.74 13.73 16.15
C GLY D 108 10.75 14.52 15.32
N THR D 109 10.35 15.68 15.84
CA THR D 109 9.44 16.56 15.13
C THR D 109 10.08 17.06 13.85
N THR D 110 9.36 16.91 12.74
CA THR D 110 9.84 17.35 11.44
C THR D 110 9.37 18.78 11.15
N GLY D 111 10.18 19.49 10.38
CA GLY D 111 9.79 20.80 9.89
C GLY D 111 9.94 21.94 10.87
N MET D 112 10.98 21.93 11.69
CA MET D 112 11.25 23.04 12.59
C MET D 112 11.89 24.18 11.81
N SER D 113 11.52 25.40 12.16
CA SER D 113 12.04 26.56 11.45
C SER D 113 13.54 26.72 11.73
N ASP D 114 14.19 27.53 10.88
CA ASP D 114 15.60 27.82 11.11
C ASP D 114 15.81 28.51 12.45
N GLU D 115 14.83 29.31 12.89
CA GLU D 115 14.91 29.91 14.22
C GLU D 115 14.63 28.87 15.30
N GLN D 116 13.64 28.00 15.09
CA GLN D 116 13.35 26.96 16.07
C GLN D 116 14.50 25.98 16.19
N LYS D 117 15.13 25.62 15.07
CA LYS D 117 16.30 24.75 15.13
C LYS D 117 17.44 25.43 15.86
N ALA D 118 17.54 26.75 15.74
CA ALA D 118 18.54 27.50 16.51
C ALA D 118 18.18 27.50 17.99
N GLU D 119 16.88 27.61 18.31
CA GLU D 119 16.44 27.47 19.69
C GLU D 119 16.82 26.10 20.25
N LEU D 120 16.75 25.08 19.41
CA LEU D 120 17.15 23.74 19.84
C LEU D 120 18.64 23.69 20.15
N ASP D 121 19.46 24.25 19.26
CA ASP D 121 20.91 24.15 19.44
C ASP D 121 21.36 24.86 20.71
N GLU D 122 20.72 26.00 21.04
CA GLU D 122 21.07 26.69 22.28
C GLU D 122 20.53 25.94 23.49
N THR D 123 19.37 25.29 23.36
CA THR D 123 18.85 24.44 24.43
C THR D 123 19.81 23.29 24.70
N ALA D 124 20.34 22.68 23.64
CA ALA D 124 21.25 21.54 23.76
C ALA D 124 22.54 21.88 24.48
N LYS D 125 22.81 23.16 24.74
CA LYS D 125 23.95 23.53 25.57
C LYS D 125 23.66 23.38 27.05
N HIS D 126 22.39 23.23 27.44
CA HIS D 126 22.00 23.08 28.84
C HIS D 126 21.55 21.67 29.19
N ILE D 127 20.75 21.03 28.34
CA ILE D 127 20.27 19.68 28.58
C ILE D 127 20.70 18.80 27.41
N PRO D 128 20.79 17.49 27.62
CA PRO D 128 21.05 16.58 26.48
C PRO D 128 19.84 16.54 25.55
N VAL D 129 20.10 16.68 24.25
CA VAL D 129 19.06 16.69 23.23
C VAL D 129 19.48 15.74 22.13
N VAL D 130 18.59 14.82 21.75
CA VAL D 130 18.81 13.95 20.60
C VAL D 130 17.87 14.44 19.50
N TYR D 131 18.45 14.72 18.34
CA TYR D 131 17.70 15.19 17.18
C TYR D 131 18.26 14.47 15.96
N ALA D 132 17.42 13.69 15.30
CA ALA D 132 17.84 12.94 14.14
C ALA D 132 16.79 13.06 13.06
N ALA D 133 17.25 13.04 11.80
CA ALA D 133 16.32 13.10 10.69
C ALA D 133 15.48 11.83 10.59
N ASN D 134 16.05 10.70 10.97
CA ASN D 134 15.36 9.42 10.88
C ASN D 134 15.79 8.58 12.07
N TYR D 135 14.82 8.03 12.80
CA TYR D 135 15.11 7.26 13.99
C TYR D 135 15.07 5.76 13.76
N SER D 136 14.76 5.31 12.54
CA SER D 136 14.83 3.89 12.22
C SER D 136 16.26 3.37 12.38
N VAL D 137 16.42 2.35 13.23
CA VAL D 137 17.77 1.81 13.44
C VAL D 137 18.34 1.28 12.14
N GLY D 138 17.50 0.60 11.35
CA GLY D 138 17.98 0.03 10.10
C GLY D 138 18.48 1.08 9.13
N VAL D 139 17.75 2.20 9.02
CA VAL D 139 18.16 3.25 8.09
C VAL D 139 19.50 3.84 8.50
N ASN D 140 19.66 4.14 9.79
CA ASN D 140 20.92 4.71 10.24
C ASN D 140 22.08 3.75 10.03
N VAL D 141 21.86 2.45 10.28
CA VAL D 141 22.89 1.47 9.96
C VAL D 141 23.18 1.48 8.46
N SER D 142 22.12 1.50 7.64
CA SER D 142 22.33 1.47 6.19
C SER D 142 23.22 2.60 5.74
N ILE D 143 22.98 3.82 6.24
CA ILE D 143 23.81 4.96 5.85
C ILE D 143 25.28 4.72 6.21
N LYS D 144 25.53 4.10 7.37
CA LYS D 144 26.91 3.81 7.75
C LYS D 144 27.54 2.78 6.82
N LEU D 145 26.79 1.74 6.44
CA LEU D 145 27.32 0.79 5.46
C LEU D 145 27.66 1.50 4.15
N LEU D 146 26.80 2.44 3.74
CA LEU D 146 27.04 3.17 2.50
C LEU D 146 28.32 3.97 2.58
N GLU D 147 28.53 4.67 3.69
CA GLU D 147 29.73 5.48 3.83
C GLU D 147 30.97 4.60 3.77
N LEU D 148 30.94 3.45 4.44
CA LEU D 148 32.10 2.58 4.45
C LEU D 148 32.35 2.00 3.06
N ALA D 149 31.30 1.48 2.42
CA ALA D 149 31.48 0.94 1.08
C ALA D 149 31.97 2.00 0.11
N ALA D 150 31.44 3.21 0.22
CA ALA D 150 31.84 4.27 -0.71
C ALA D 150 33.31 4.63 -0.54
N LYS D 151 33.80 4.67 0.71
CA LYS D 151 35.20 5.02 0.92
C LYS D 151 36.13 4.00 0.29
N VAL D 152 35.78 2.71 0.36
CA VAL D 152 36.64 1.65 -0.14
C VAL D 152 36.57 1.59 -1.67
N PHE D 153 35.36 1.59 -2.23
CA PHE D 153 35.23 1.44 -3.68
C PHE D 153 35.81 2.65 -4.41
N GLY D 154 35.68 3.84 -3.84
CA GLY D 154 36.15 5.05 -4.50
C GLY D 154 35.47 5.26 -5.85
N ASP D 155 36.27 5.64 -6.84
CA ASP D 155 35.76 5.93 -8.18
C ASP D 155 35.78 4.72 -9.10
N THR D 156 35.78 3.52 -8.56
CA THR D 156 35.80 2.31 -9.37
C THR D 156 34.40 1.72 -9.60
N VAL D 157 33.36 2.32 -9.04
CA VAL D 157 32.02 1.75 -9.14
C VAL D 157 31.03 2.83 -9.54
N ASP D 158 30.02 2.41 -10.31
CA ASP D 158 28.88 3.25 -10.64
C ASP D 158 27.83 3.09 -9.55
N ILE D 159 27.39 4.21 -9.00
CA ILE D 159 26.48 4.21 -7.85
C ILE D 159 25.11 4.63 -8.31
N GLU D 160 24.11 3.78 -8.02
CA GLU D 160 22.73 4.01 -8.40
C GLU D 160 21.86 3.81 -7.16
N VAL D 161 20.94 4.75 -6.93
CA VAL D 161 20.05 4.72 -5.78
C VAL D 161 18.66 4.40 -6.29
N ILE D 162 18.08 3.31 -5.81
CA ILE D 162 16.76 2.85 -6.23
C ILE D 162 15.86 2.84 -5.00
N GLU D 163 14.70 3.49 -5.12
CA GLU D 163 13.73 3.44 -4.03
C GLU D 163 12.35 3.21 -4.60
N ALA D 164 11.48 2.63 -3.78
CA ALA D 164 10.09 2.39 -4.15
C ALA D 164 9.18 2.85 -3.02
N HIS D 165 8.06 3.49 -3.40
CA HIS D 165 7.07 3.94 -2.43
C HIS D 165 5.69 3.86 -3.05
N HIS D 166 4.68 3.95 -2.19
CA HIS D 166 3.27 3.87 -2.57
C HIS D 166 2.91 4.97 -3.57
N ARG D 167 1.77 4.79 -4.23
CA ARG D 167 1.36 5.69 -5.31
C ARG D 167 0.93 7.07 -4.83
N HIS D 168 0.78 7.29 -3.53
CA HIS D 168 0.34 8.60 -3.05
C HIS D 168 1.50 9.54 -2.77
N LYS D 169 2.74 9.06 -2.75
CA LYS D 169 3.86 9.93 -2.42
C LYS D 169 4.05 10.98 -3.50
N VAL D 170 4.10 12.25 -3.09
CA VAL D 170 4.18 13.34 -4.05
C VAL D 170 5.62 13.76 -4.35
N ASP D 171 6.60 13.33 -3.57
CA ASP D 171 7.98 13.78 -3.70
CA ASP D 171 7.98 13.77 -3.68
C ASP D 171 8.87 12.62 -4.15
N ALA D 172 9.78 12.92 -5.09
CA ALA D 172 10.75 11.98 -5.64
C ALA D 172 12.09 12.67 -5.83
N PRO D 173 13.19 12.02 -5.45
CA PRO D 173 13.25 10.76 -4.70
C PRO D 173 12.81 11.03 -3.27
N SER D 174 12.65 10.00 -2.46
CA SER D 174 12.28 10.17 -1.06
C SER D 174 13.39 10.90 -0.32
N GLY D 175 13.03 11.48 0.83
CA GLY D 175 14.04 12.07 1.68
C GLY D 175 15.09 11.06 2.11
N THR D 176 14.69 9.81 2.35
CA THR D 176 15.66 8.80 2.74
C THR D 176 16.66 8.53 1.62
N ALA D 177 16.17 8.44 0.38
CA ALA D 177 17.06 8.20 -0.75
C ALA D 177 18.06 9.33 -0.92
N LEU D 178 17.60 10.58 -0.81
CA LEU D 178 18.51 11.71 -0.93
C LEU D 178 19.49 11.73 0.23
N MET D 179 19.02 11.39 1.43
CA MET D 179 19.93 11.28 2.57
C MET D 179 21.03 10.27 2.28
N MET D 180 20.68 9.14 1.67
CA MET D 180 21.67 8.16 1.29
C MET D 180 22.59 8.70 0.21
N GLY D 181 22.01 9.33 -0.82
CA GLY D 181 22.82 9.90 -1.88
C GLY D 181 23.77 10.97 -1.37
N GLU D 182 23.31 11.81 -0.44
CA GLU D 182 24.16 12.86 0.08
C GLU D 182 25.34 12.28 0.85
N ALA D 183 25.10 11.26 1.68
CA ALA D 183 26.18 10.66 2.45
C ALA D 183 27.28 10.13 1.54
N ILE D 184 26.91 9.52 0.42
CA ILE D 184 27.90 9.01 -0.53
C ILE D 184 28.66 10.16 -1.19
N ALA D 185 27.93 11.20 -1.62
CA ALA D 185 28.57 12.31 -2.31
C ALA D 185 29.60 12.99 -1.41
N ASP D 186 29.30 13.12 -0.12
CA ASP D 186 30.27 13.68 0.81
C ASP D 186 31.51 12.79 0.91
N THR D 187 31.30 11.47 1.01
CA THR D 187 32.42 10.55 1.09
C THR D 187 33.31 10.66 -0.15
N LEU D 188 32.70 10.77 -1.32
CA LEU D 188 33.44 10.80 -2.57
C LEU D 188 33.85 12.21 -2.98
N GLY D 189 33.51 13.22 -2.18
CA GLY D 189 33.87 14.58 -2.50
C GLY D 189 33.12 15.14 -3.69
N ARG D 190 31.92 14.62 -3.96
CA ARG D 190 31.12 15.10 -5.07
C ARG D 190 30.01 16.04 -4.60
N ASN D 191 29.57 16.87 -5.53
CA ASN D 191 28.44 17.77 -5.32
C ASN D 191 27.20 17.12 -5.91
N LEU D 192 26.29 16.70 -5.03
CA LEU D 192 25.13 15.92 -5.48
C LEU D 192 24.32 16.67 -6.52
N LYS D 193 24.08 17.97 -6.32
CA LYS D 193 23.29 18.71 -7.30
C LYS D 193 23.93 18.66 -8.67
N GLU D 194 25.26 18.60 -8.73
CA GLU D 194 25.94 18.56 -10.03
C GLU D 194 25.90 17.16 -10.64
N VAL D 195 26.04 16.11 -9.83
CA VAL D 195 26.24 14.76 -10.34
C VAL D 195 24.98 13.90 -10.28
N ALA D 196 23.87 14.43 -9.79
CA ALA D 196 22.67 13.60 -9.64
C ALA D 196 21.92 13.50 -10.96
N VAL D 197 21.34 12.32 -11.20
CA VAL D 197 20.54 12.04 -12.38
C VAL D 197 19.26 11.34 -11.93
N TYR D 198 18.10 11.82 -12.39
CA TYR D 198 16.82 11.30 -11.90
C TYR D 198 15.99 10.59 -12.95
N GLY D 199 16.48 10.48 -14.18
CA GLY D 199 15.75 9.79 -15.22
C GLY D 199 16.68 9.55 -16.38
N ARG D 200 16.27 8.65 -17.26
CA ARG D 200 17.07 8.32 -18.44
C ARG D 200 16.14 8.07 -19.61
N GLU D 201 16.33 8.82 -20.69
CA GLU D 201 15.48 8.64 -21.86
C GLU D 201 16.25 9.08 -23.10
N GLY D 202 16.23 8.26 -24.15
CA GLY D 202 16.89 8.57 -25.40
C GLY D 202 18.38 8.26 -25.37
N HIS D 203 19.11 8.91 -26.27
CA HIS D 203 20.54 8.65 -26.42
C HIS D 203 21.29 9.39 -25.32
N THR D 204 21.36 8.74 -24.15
CA THR D 204 22.05 9.30 -22.99
C THR D 204 23.56 9.27 -23.14
N GLY D 205 24.10 8.47 -24.06
CA GLY D 205 25.53 8.28 -24.16
C GLY D 205 26.04 7.38 -23.05
N PRO D 206 27.35 7.13 -23.00
CA PRO D 206 27.90 6.30 -21.92
C PRO D 206 27.87 7.04 -20.59
N ARG D 207 27.92 6.26 -19.52
CA ARG D 207 27.72 6.79 -18.18
C ARG D 207 28.97 7.44 -17.64
N ASP D 208 28.84 8.67 -17.15
CA ASP D 208 29.93 9.31 -16.43
C ASP D 208 30.11 8.62 -15.09
N ARG D 209 31.36 8.32 -14.73
CA ARG D 209 31.62 7.65 -13.47
C ARG D 209 31.20 8.49 -12.27
N GLN D 210 31.25 9.82 -12.40
CA GLN D 210 30.84 10.71 -11.32
C GLN D 210 29.34 10.66 -11.04
N THR D 211 28.54 10.24 -12.01
CA THR D 211 27.09 10.28 -11.86
C THR D 211 26.60 9.43 -10.68
N ILE D 212 25.68 9.99 -9.91
CA ILE D 212 24.86 9.22 -8.97
C ILE D 212 23.44 9.25 -9.52
N GLY D 213 22.93 8.09 -9.92
CA GLY D 213 21.63 7.99 -10.55
C GLY D 213 20.54 7.63 -9.54
N PHE D 214 19.39 8.27 -9.68
CA PHE D 214 18.26 8.02 -8.80
C PHE D 214 17.14 7.41 -9.64
N GLU D 215 16.82 6.15 -9.34
CA GLU D 215 15.67 5.48 -9.93
C GLU D 215 14.57 5.40 -8.88
N THR D 216 13.44 6.02 -9.15
CA THR D 216 12.36 6.15 -8.19
C THR D 216 11.18 5.34 -8.71
N ILE D 217 10.75 4.36 -7.93
CA ILE D 217 9.61 3.51 -8.28
C ILE D 217 8.41 3.97 -7.48
N ARG D 218 7.26 4.08 -8.12
CA ARG D 218 6.03 4.48 -7.44
C ARG D 218 4.92 3.50 -7.76
N GLY D 219 4.23 3.02 -6.73
CA GLY D 219 3.07 2.20 -7.01
C GLY D 219 2.40 1.62 -5.80
N GLY D 220 1.08 1.41 -5.90
CA GLY D 220 0.36 0.65 -4.89
C GLY D 220 0.52 1.25 -3.51
N ASP D 221 0.81 0.37 -2.55
CA ASP D 221 0.91 0.75 -1.14
C ASP D 221 2.27 0.42 -0.54
N ILE D 222 3.32 0.42 -1.37
CA ILE D 222 4.65 0.09 -0.86
C ILE D 222 5.02 1.07 0.24
N VAL D 223 5.36 0.56 1.42
CA VAL D 223 5.70 1.42 2.55
C VAL D 223 7.02 2.13 2.32
N GLY D 224 8.04 1.42 1.83
CA GLY D 224 9.29 2.11 1.60
C GLY D 224 10.49 1.21 1.47
N GLU D 225 11.08 1.19 0.29
CA GLU D 225 12.24 0.38 -0.02
C GLU D 225 13.34 1.26 -0.60
N HIS D 226 14.57 1.05 -0.13
CA HIS D 226 15.73 1.80 -0.58
C HIS D 226 16.88 0.85 -0.83
N THR D 227 17.47 0.94 -2.01
CA THR D 227 18.59 0.10 -2.41
C THR D 227 19.65 1.00 -2.99
N VAL D 228 20.89 0.81 -2.57
CA VAL D 228 22.04 1.46 -3.17
C VAL D 228 22.91 0.38 -3.80
N MET D 229 23.21 0.55 -5.09
CA MET D 229 24.04 -0.39 -5.83
C MET D 229 25.40 0.23 -6.08
N PHE D 230 26.45 -0.46 -5.66
CA PHE D 230 27.82 -0.12 -6.03
C PHE D 230 28.19 -1.10 -7.14
N ILE D 231 28.14 -0.64 -8.39
CA ILE D 231 28.24 -1.52 -9.55
C ILE D 231 29.64 -1.41 -10.13
N GLY D 232 30.43 -2.48 -10.02
CA GLY D 232 31.77 -2.50 -10.56
C GLY D 232 31.92 -3.39 -11.76
N GLU D 233 33.17 -3.61 -12.15
CA GLU D 233 33.50 -4.47 -13.29
C GLU D 233 33.62 -5.89 -12.78
N GLY D 234 32.65 -6.74 -13.11
CA GLY D 234 32.62 -8.11 -12.70
C GLY D 234 31.82 -8.40 -11.46
N GLU D 235 31.48 -7.38 -10.67
CA GLU D 235 30.78 -7.62 -9.42
C GLU D 235 29.94 -6.40 -9.05
N ARG D 236 29.12 -6.58 -8.02
CA ARG D 236 28.18 -5.57 -7.57
C ARG D 236 27.91 -5.82 -6.08
N VAL D 237 27.82 -4.75 -5.31
CA VAL D 237 27.45 -4.83 -3.91
C VAL D 237 26.23 -3.95 -3.72
N GLU D 238 25.19 -4.51 -3.09
CA GLU D 238 23.95 -3.80 -2.86
C GLU D 238 23.70 -3.71 -1.36
N VAL D 239 23.34 -2.53 -0.89
CA VAL D 239 22.86 -2.33 0.46
C VAL D 239 21.41 -1.91 0.37
N THR D 240 20.53 -2.61 1.07
CA THR D 240 19.10 -2.41 0.95
C THR D 240 18.47 -2.32 2.33
N HIS D 241 17.55 -1.37 2.48
CA HIS D 241 16.69 -1.27 3.64
C HIS D 241 15.24 -1.36 3.17
N LYS D 242 14.46 -2.22 3.81
CA LYS D 242 13.04 -2.39 3.51
C LYS D 242 12.23 -2.18 4.77
N ALA D 243 11.16 -1.40 4.67
CA ALA D 243 10.27 -1.09 5.78
C ALA D 243 8.98 -1.87 5.65
N THR D 244 8.59 -2.56 6.72
CA THR D 244 7.32 -3.29 6.74
C THR D 244 6.15 -2.38 7.12
N ASN D 245 6.39 -1.43 8.01
CA ASN D 245 5.35 -0.53 8.45
C ASN D 245 5.97 0.82 8.78
N ARG D 246 5.13 1.76 9.18
CA ARG D 246 5.60 3.10 9.53
C ARG D 246 5.89 3.25 11.01
N MET D 247 6.46 2.22 11.63
CA MET D 247 6.63 2.21 13.07
C MET D 247 8.06 1.92 13.54
N ASN D 248 9.02 1.79 12.63
CA ASN D 248 10.36 1.49 13.08
C ASN D 248 11.09 2.72 13.60
N PHE D 249 10.45 3.90 13.53
CA PHE D 249 10.96 5.07 14.23
C PHE D 249 10.90 4.89 15.73
N ALA D 250 9.86 4.20 16.23
CA ALA D 250 9.61 4.15 17.66
C ALA D 250 10.71 3.41 18.40
N ALA D 251 11.09 2.23 17.92
CA ALA D 251 12.14 1.46 18.59
C ALA D 251 13.44 2.23 18.61
N GLY D 252 13.75 2.93 17.52
CA GLY D 252 14.96 3.74 17.49
C GLY D 252 14.91 4.91 18.47
N ALA D 253 13.76 5.58 18.54
CA ALA D 253 13.62 6.69 19.47
C ALA D 253 13.73 6.23 20.92
N VAL D 254 13.09 5.09 21.24
CA VAL D 254 13.18 4.58 22.61
C VAL D 254 14.62 4.21 22.94
N ARG D 255 15.32 3.60 21.98
CA ARG D 255 16.72 3.24 22.19
C ARG D 255 17.58 4.48 22.38
N ALA D 256 17.27 5.56 21.66
CA ALA D 256 17.97 6.81 21.87
C ALA D 256 17.66 7.38 23.25
N ALA D 257 16.42 7.23 23.72
CA ALA D 257 16.04 7.76 25.01
C ALA D 257 16.83 7.08 26.13
N ALA D 258 16.91 5.74 26.10
CA ALA D 258 17.69 5.02 27.09
C ALA D 258 19.18 5.32 26.96
N TRP D 259 19.64 5.54 25.74
CA TRP D 259 21.07 5.79 25.55
C TRP D 259 21.47 7.14 26.13
N VAL D 260 20.61 8.15 25.98
CA VAL D 260 20.98 9.53 26.35
C VAL D 260 20.89 9.80 27.83
N VAL D 261 20.30 8.89 28.62
CA VAL D 261 20.07 9.17 30.03
C VAL D 261 21.39 9.41 30.73
N GLY D 262 21.48 10.53 31.45
CA GLY D 262 22.64 10.80 32.26
C GLY D 262 23.90 11.20 31.52
N ARG D 263 23.78 11.73 30.30
CA ARG D 263 24.95 12.10 29.51
C ARG D 263 25.15 13.61 29.51
N GLU D 264 26.36 14.01 29.10
CA GLU D 264 26.70 15.43 29.03
C GLU D 264 25.79 16.17 28.06
N ALA D 265 25.50 17.44 28.38
CA ALA D 265 24.56 18.24 27.62
C ALA D 265 25.18 18.64 26.28
N ARG D 266 24.83 17.90 25.23
CA ARG D 266 25.19 18.26 23.86
C ARG D 266 24.01 17.91 22.96
N LYS D 267 24.16 18.17 21.67
CA LYS D 267 23.22 17.71 20.68
C LYS D 267 23.72 16.39 20.10
N TYR D 268 22.88 15.36 20.14
CA TYR D 268 23.23 14.03 19.68
C TYR D 268 22.31 13.62 18.54
N ASP D 269 22.79 12.69 17.73
CA ASP D 269 22.01 12.10 16.66
C ASP D 269 22.09 10.58 16.80
N MET D 270 21.47 9.86 15.85
CA MET D 270 21.46 8.41 15.94
C MET D 270 22.83 7.79 15.70
N LYS D 271 23.73 8.50 15.00
CA LYS D 271 25.11 8.00 14.88
C LYS D 271 25.76 7.90 16.24
N ASP D 272 25.47 8.86 17.13
CA ASP D 272 25.97 8.78 18.50
C ASP D 272 25.34 7.61 19.24
N VAL D 273 24.01 7.47 19.16
CA VAL D 273 23.31 6.45 19.93
C VAL D 273 23.78 5.06 19.53
N LEU D 274 23.95 4.82 18.23
CA LEU D 274 24.31 3.51 17.70
C LEU D 274 25.82 3.29 17.61
N GLY D 275 26.62 4.23 18.06
CA GLY D 275 28.06 4.08 18.03
C GLY D 275 28.67 4.06 16.65
N LEU D 276 28.14 4.87 15.73
CA LEU D 276 28.59 4.87 14.35
C LEU D 276 29.64 5.94 14.07
N ASN D 277 29.73 6.96 14.91
CA ASN D 277 30.72 8.04 14.72
C ASN D 277 32.13 7.55 15.04
N ALA E 12 -33.50 17.57 44.83
CA ALA E 12 -32.47 17.51 43.80
C ALA E 12 -31.91 16.10 43.66
N PRO E 13 -32.01 15.53 42.45
CA PRO E 13 -31.63 14.11 42.26
C PRO E 13 -30.24 13.90 41.66
N ARG E 14 -29.58 12.84 42.10
CA ARG E 14 -28.27 12.43 41.57
C ARG E 14 -28.49 11.28 40.59
N ILE E 15 -28.23 11.54 39.31
CA ILE E 15 -28.50 10.59 38.24
C ILE E 15 -27.18 10.01 37.75
N GLY E 16 -27.06 8.68 37.79
CA GLY E 16 -25.89 7.99 37.25
C GLY E 16 -26.20 7.36 35.89
N ILE E 17 -25.20 7.39 35.01
CA ILE E 17 -25.35 6.90 33.63
C ILE E 17 -24.49 5.65 33.44
N LEU E 18 -25.13 4.56 33.03
CA LEU E 18 -24.45 3.32 32.69
C LEU E 18 -24.16 3.28 31.18
N GLY E 19 -23.12 2.55 30.81
CA GLY E 19 -22.69 2.49 29.42
C GLY E 19 -22.22 3.80 28.83
N ALA E 20 -21.45 4.58 29.60
CA ALA E 20 -21.07 5.93 29.21
C ALA E 20 -20.11 5.99 28.02
N GLY E 21 -19.59 4.85 27.55
CA GLY E 21 -18.66 4.90 26.44
C GLY E 21 -19.31 4.93 25.07
N GLY E 22 -20.47 4.29 24.92
CA GLY E 22 -21.12 4.19 23.63
C GLY E 22 -21.69 5.51 23.12
N ARG E 23 -22.22 5.45 21.90
CA ARG E 23 -22.85 6.62 21.31
C ARG E 23 -24.03 7.07 22.16
N MET E 24 -24.91 6.15 22.52
CA MET E 24 -26.10 6.50 23.28
C MET E 24 -25.74 6.97 24.68
N GLY E 25 -24.70 6.38 25.26
CA GLY E 25 -24.26 6.80 26.58
C GLY E 25 -23.83 8.25 26.62
N ARG E 26 -23.05 8.68 25.63
CA ARG E 26 -22.59 10.07 25.60
C ARG E 26 -23.76 11.03 25.49
N ILE E 27 -24.78 10.70 24.70
CA ILE E 27 -25.95 11.56 24.59
C ILE E 27 -26.70 11.63 25.90
N LEU E 28 -26.81 10.51 26.61
CA LEU E 28 -27.50 10.50 27.89
C LEU E 28 -26.80 11.39 28.90
N ILE E 29 -25.47 11.41 28.86
CA ILE E 29 -24.72 12.31 29.72
C ILE E 29 -25.05 13.76 29.38
N GLN E 30 -25.15 14.07 28.08
CA GLN E 30 -25.52 15.43 27.68
C GLN E 30 -26.88 15.83 28.23
N ALA E 31 -27.86 14.91 28.21
CA ALA E 31 -29.21 15.26 28.63
C ALA E 31 -29.27 15.58 30.12
N VAL E 32 -28.48 14.88 30.93
CA VAL E 32 -28.47 15.11 32.38
C VAL E 32 -28.04 16.54 32.70
N GLN E 33 -26.98 17.01 32.06
CA GLN E 33 -26.50 18.36 32.34
C GLN E 33 -27.47 19.42 31.78
N GLN E 34 -28.07 19.14 30.63
CA GLN E 34 -29.01 20.09 30.04
C GLN E 34 -30.26 20.24 30.88
N ALA E 35 -30.63 19.21 31.65
CA ALA E 35 -31.79 19.30 32.52
C ALA E 35 -31.47 19.94 33.86
N GLY E 36 -30.22 20.35 34.09
CA GLY E 36 -29.83 20.96 35.34
C GLY E 36 -29.51 20.01 36.46
N TYR E 37 -29.47 18.71 36.18
CA TYR E 37 -29.23 17.70 37.19
C TYR E 37 -27.73 17.44 37.36
N GLN E 38 -27.38 16.81 38.48
CA GLN E 38 -26.00 16.45 38.78
C GLN E 38 -25.73 15.03 38.32
N LEU E 39 -24.68 14.85 37.52
CA LEU E 39 -24.23 13.51 37.13
C LEU E 39 -23.59 12.85 38.33
N GLY E 40 -24.22 11.77 38.83
CA GLY E 40 -23.70 11.11 40.01
C GLY E 40 -22.58 10.13 39.72
N ALA E 41 -22.58 9.52 38.54
CA ALA E 41 -21.59 8.52 38.17
C ALA E 41 -21.71 8.25 36.68
N ALA E 42 -20.61 7.73 36.10
CA ALA E 42 -20.57 7.32 34.70
C ALA E 42 -19.79 6.02 34.62
N VAL E 43 -20.47 4.93 34.26
CA VAL E 43 -19.90 3.59 34.30
C VAL E 43 -19.85 3.03 32.88
N VAL E 44 -18.78 2.30 32.59
CA VAL E 44 -18.54 1.66 31.31
C VAL E 44 -18.19 0.21 31.57
N ARG E 45 -17.94 -0.53 30.49
CA ARG E 45 -17.49 -1.90 30.65
C ARG E 45 -16.21 -1.91 31.48
N PRO E 46 -16.08 -2.84 32.44
CA PRO E 46 -14.91 -2.84 33.33
C PRO E 46 -13.57 -3.01 32.61
N GLU E 47 -13.60 -3.43 31.34
CA GLU E 47 -12.40 -3.62 30.54
C GLU E 47 -12.21 -2.54 29.49
N SER E 48 -12.93 -1.43 29.61
CA SER E 48 -12.90 -0.38 28.60
C SER E 48 -11.62 0.45 28.68
N THR E 49 -11.25 1.02 27.54
CA THR E 49 -10.05 1.86 27.48
C THR E 49 -10.22 3.16 28.25
N LEU E 50 -11.44 3.67 28.34
CA LEU E 50 -11.67 5.02 28.82
C LEU E 50 -11.80 5.12 30.33
N ILE E 51 -11.66 4.01 31.06
CA ILE E 51 -11.76 4.05 32.51
C ILE E 51 -10.72 5.01 33.06
N GLY E 52 -11.19 6.01 33.79
CA GLY E 52 -10.34 7.05 34.35
C GLY E 52 -10.49 8.38 33.64
N ALA E 53 -10.98 8.38 32.41
CA ALA E 53 -11.19 9.62 31.67
C ALA E 53 -12.39 10.38 32.24
N ASP E 54 -12.44 11.67 31.96
CA ASP E 54 -13.51 12.50 32.48
C ASP E 54 -14.77 12.33 31.64
N ALA E 55 -15.89 12.07 32.34
CA ALA E 55 -17.16 11.85 31.65
C ALA E 55 -17.64 13.08 30.92
N GLY E 56 -17.51 14.26 31.54
CA GLY E 56 -18.01 15.48 30.92
C GLY E 56 -17.31 15.82 29.61
N GLU E 57 -15.98 15.74 29.60
CA GLU E 57 -15.23 16.03 28.39
C GLU E 57 -15.56 15.04 27.27
N LEU E 58 -15.62 13.76 27.59
CA LEU E 58 -15.93 12.76 26.56
C LEU E 58 -17.30 12.99 25.94
N ALA E 59 -18.26 13.50 26.72
CA ALA E 59 -19.57 13.81 26.19
C ALA E 59 -19.64 15.19 25.54
N GLY E 60 -18.56 15.97 25.60
CA GLY E 60 -18.51 17.27 24.99
C GLY E 60 -19.03 18.41 25.85
N ILE E 61 -19.18 18.19 27.16
CA ILE E 61 -19.73 19.21 28.05
C ILE E 61 -18.67 19.81 28.96
N GLY E 62 -17.39 19.60 28.66
CA GLY E 62 -16.35 20.12 29.53
C GLY E 62 -16.23 19.34 30.83
N SER E 63 -15.15 19.55 31.58
CA SER E 63 -14.93 18.78 32.80
C SER E 63 -16.08 18.97 33.78
N ILE E 64 -16.51 17.86 34.38
CA ILE E 64 -17.55 17.89 35.40
C ILE E 64 -17.14 17.17 36.68
N GLY E 65 -15.95 16.58 36.72
CA GLY E 65 -15.49 15.96 37.94
C GLY E 65 -15.94 14.53 38.12
N VAL E 66 -16.65 13.95 37.14
CA VAL E 66 -17.02 12.55 37.16
C VAL E 66 -16.20 11.81 36.12
N LYS E 67 -15.57 10.72 36.52
CA LYS E 67 -14.70 9.92 35.67
C LYS E 67 -15.40 8.61 35.33
N LEU E 68 -15.00 8.02 34.21
CA LEU E 68 -15.57 6.75 33.77
C LEU E 68 -15.04 5.62 34.66
N THR E 69 -15.95 4.88 35.27
CA THR E 69 -15.63 3.75 36.13
C THR E 69 -16.12 2.47 35.49
N GLY E 70 -15.56 1.34 35.94
CA GLY E 70 -15.95 0.05 35.44
C GLY E 70 -16.70 -0.72 36.49
N SER E 71 -16.95 -0.07 37.63
CA SER E 71 -17.61 -0.68 38.77
C SER E 71 -18.86 0.11 39.12
N LEU E 72 -20.02 -0.46 38.83
CA LEU E 72 -21.29 0.19 39.18
C LEU E 72 -21.52 0.15 40.68
N ALA E 73 -21.13 -0.94 41.32
CA ALA E 73 -21.38 -1.10 42.75
C ALA E 73 -20.57 -0.09 43.56
N GLU E 74 -19.41 0.32 43.06
CA GLU E 74 -18.55 1.25 43.80
C GLU E 74 -19.10 2.67 43.80
N VAL E 75 -20.07 2.97 42.94
CA VAL E 75 -20.64 4.31 42.82
C VAL E 75 -22.14 4.35 43.04
N LEU E 76 -22.77 3.20 43.34
CA LEU E 76 -24.22 3.21 43.53
C LEU E 76 -24.64 4.02 44.74
N GLU E 77 -23.78 4.09 45.77
CA GLU E 77 -24.08 4.91 46.94
C GLU E 77 -24.14 6.40 46.59
N ASP E 78 -23.55 6.81 45.46
CA ASP E 78 -23.54 8.19 45.01
C ASP E 78 -24.74 8.57 44.15
N CYS E 79 -25.70 7.68 43.96
CA CYS E 79 -26.79 7.92 43.01
C CYS E 79 -28.15 7.70 43.65
N ASP E 80 -29.14 8.45 43.16
CA ASP E 80 -30.54 8.18 43.46
C ASP E 80 -31.22 7.36 42.36
N VAL E 81 -30.69 7.42 41.13
CA VAL E 81 -31.27 6.71 40.00
C VAL E 81 -30.15 6.48 38.99
N VAL E 82 -30.28 5.39 38.22
CA VAL E 82 -29.32 5.09 37.16
C VAL E 82 -30.11 4.84 35.87
N ILE E 83 -29.47 5.17 34.75
CA ILE E 83 -30.05 5.03 33.43
C ILE E 83 -29.21 4.03 32.63
N ASP E 84 -29.87 3.04 32.04
CA ASP E 84 -29.18 1.93 31.38
C ASP E 84 -29.71 1.77 29.96
N PHE E 85 -28.88 2.16 29.00
CA PHE E 85 -29.07 1.90 27.57
C PHE E 85 -27.84 1.12 27.14
N SER E 86 -27.88 -0.19 27.37
CA SER E 86 -26.72 -1.02 27.11
C SER E 86 -27.11 -2.30 26.36
N THR E 87 -26.45 -3.38 26.68
CA THR E 87 -26.71 -4.67 26.07
C THR E 87 -27.57 -5.54 27.00
N PRO E 88 -28.38 -6.44 26.44
CA PRO E 88 -29.24 -7.26 27.31
C PRO E 88 -28.48 -8.06 28.34
N ALA E 89 -27.26 -8.49 28.02
CA ALA E 89 -26.45 -9.19 29.00
C ALA E 89 -26.02 -8.25 30.13
N ALA E 90 -25.63 -7.03 29.79
CA ALA E 90 -25.20 -6.06 30.80
C ALA E 90 -26.37 -5.61 31.68
N THR E 91 -27.57 -5.55 31.12
CA THR E 91 -28.72 -5.11 31.91
C THR E 91 -29.11 -6.11 33.01
N SER E 92 -28.96 -7.41 32.75
CA SER E 92 -29.33 -8.41 33.76
C SER E 92 -28.52 -8.23 35.04
N GLU E 93 -27.20 -8.06 34.92
CA GLU E 93 -26.37 -7.85 36.10
C GLU E 93 -26.71 -6.53 36.79
N HIS E 94 -27.02 -5.50 36.01
CA HIS E 94 -27.33 -4.19 36.59
C HIS E 94 -28.63 -4.23 37.38
N LEU E 95 -29.61 -5.02 36.91
CA LEU E 95 -30.88 -5.13 37.64
C LEU E 95 -30.66 -5.75 39.01
N LYS E 96 -29.82 -6.79 39.08
CA LYS E 96 -29.57 -7.45 40.36
C LYS E 96 -28.90 -6.50 41.34
N LEU E 97 -27.97 -5.67 40.85
CA LEU E 97 -27.23 -4.78 41.74
C LEU E 97 -28.12 -3.68 42.32
N CYS E 98 -28.99 -3.07 41.50
CA CYS E 98 -29.85 -1.98 41.96
C CYS E 98 -30.86 -2.43 43.02
N ARG E 99 -31.28 -3.69 42.99
CA ARG E 99 -32.25 -4.16 43.97
C ARG E 99 -31.70 -4.03 45.39
N GLU E 100 -30.48 -4.51 45.62
CA GLU E 100 -29.91 -4.51 46.97
C GLU E 100 -29.56 -3.11 47.47
N ALA E 101 -29.23 -2.18 46.58
CA ALA E 101 -28.84 -0.83 46.98
C ALA E 101 -30.00 0.12 47.11
N GLY E 102 -31.19 -0.25 46.64
CA GLY E 102 -32.34 0.63 46.71
C GLY E 102 -32.27 1.82 45.79
N VAL E 103 -31.60 1.69 44.65
CA VAL E 103 -31.47 2.76 43.66
C VAL E 103 -32.35 2.41 42.48
N ALA E 104 -33.16 3.38 42.04
CA ALA E 104 -34.03 3.19 40.89
C ALA E 104 -33.20 3.11 39.61
N ILE E 105 -33.78 2.48 38.59
CA ILE E 105 -33.09 2.29 37.31
C ILE E 105 -34.07 2.57 36.18
N VAL E 106 -33.59 3.23 35.14
CA VAL E 106 -34.37 3.45 33.93
C VAL E 106 -33.72 2.64 32.82
N ILE E 107 -34.45 1.67 32.27
CA ILE E 107 -33.91 0.69 31.36
C ILE E 107 -34.47 0.94 29.98
N GLY E 108 -33.58 1.07 29.00
CA GLY E 108 -33.97 1.24 27.61
C GLY E 108 -33.23 0.28 26.70
N THR E 109 -32.59 -0.72 27.30
CA THR E 109 -31.88 -1.72 26.53
C THR E 109 -32.85 -2.48 25.62
N THR E 110 -32.50 -2.58 24.34
CA THR E 110 -33.33 -3.28 23.39
C THR E 110 -32.92 -4.75 23.35
N GLY E 111 -33.89 -5.61 23.06
CA GLY E 111 -33.56 -7.01 22.85
C GLY E 111 -33.36 -7.83 24.11
N MET E 112 -34.17 -7.60 25.14
CA MET E 112 -34.09 -8.41 26.35
C MET E 112 -34.73 -9.76 26.09
N SER E 113 -34.09 -10.82 26.61
CA SER E 113 -34.58 -12.17 26.36
C SER E 113 -35.94 -12.39 27.03
N ASP E 114 -36.63 -13.45 26.59
CA ASP E 114 -37.90 -13.79 27.20
C ASP E 114 -37.71 -14.10 28.69
N GLU E 115 -36.56 -14.66 29.07
CA GLU E 115 -36.26 -14.88 30.47
C GLU E 115 -35.90 -13.58 31.17
N GLN E 116 -35.14 -12.71 30.50
CA GLN E 116 -34.75 -11.44 31.09
C GLN E 116 -35.94 -10.53 31.35
N LYS E 117 -36.93 -10.53 30.45
CA LYS E 117 -38.11 -9.71 30.69
C LYS E 117 -38.87 -10.18 31.93
N ALA E 118 -38.86 -11.48 32.21
CA ALA E 118 -39.45 -11.96 33.44
C ALA E 118 -38.61 -11.52 34.63
N GLU E 119 -37.28 -11.54 34.48
CA GLU E 119 -36.39 -11.02 35.51
C GLU E 119 -36.67 -9.55 35.78
N LEU E 120 -37.04 -8.80 34.74
CA LEU E 120 -37.39 -7.38 34.91
C LEU E 120 -38.64 -7.24 35.78
N ASP E 121 -39.66 -8.05 35.50
CA ASP E 121 -40.92 -7.90 36.21
C ASP E 121 -40.77 -8.18 37.70
N GLU E 122 -39.92 -9.13 38.06
CA GLU E 122 -39.73 -9.43 39.48
C GLU E 122 -38.89 -8.36 40.18
N THR E 123 -37.88 -7.82 39.51
CA THR E 123 -37.07 -6.75 40.10
C THR E 123 -37.92 -5.52 40.41
N ALA E 124 -38.83 -5.17 39.50
CA ALA E 124 -39.69 -4.01 39.68
C ALA E 124 -40.62 -4.16 40.88
N LYS E 125 -40.69 -5.35 41.48
CA LYS E 125 -41.40 -5.50 42.75
C LYS E 125 -40.56 -5.06 43.94
N HIS E 126 -39.26 -4.88 43.75
CA HIS E 126 -38.37 -4.43 44.81
C HIS E 126 -37.86 -3.02 44.61
N ILE E 127 -37.45 -2.66 43.40
CA ILE E 127 -36.94 -1.31 43.13
C ILE E 127 -37.81 -0.69 42.05
N PRO E 128 -37.87 0.64 41.98
CA PRO E 128 -38.57 1.28 40.86
C PRO E 128 -37.84 1.04 39.55
N VAL E 129 -38.59 0.59 38.55
CA VAL E 129 -38.05 0.25 37.24
C VAL E 129 -38.92 0.88 36.16
N VAL E 130 -38.29 1.60 35.23
CA VAL E 130 -38.95 2.13 34.04
C VAL E 130 -38.42 1.37 32.83
N TYR E 131 -39.34 0.80 32.04
CA TYR E 131 -39.00 0.10 30.81
C TYR E 131 -40.03 0.50 29.77
N ALA E 132 -39.57 1.09 28.66
CA ALA E 132 -40.47 1.58 27.61
C ALA E 132 -39.92 1.24 26.24
N ALA E 133 -40.85 1.01 25.30
CA ALA E 133 -40.47 0.74 23.91
C ALA E 133 -39.89 1.97 23.23
N ASN E 134 -40.34 3.16 23.61
CA ASN E 134 -39.88 4.42 23.02
C ASN E 134 -39.83 5.47 24.11
N TYR E 135 -38.69 6.13 24.23
CA TYR E 135 -38.47 7.13 25.27
C TYR E 135 -38.57 8.57 24.76
N SER E 136 -38.79 8.78 23.46
CA SER E 136 -39.00 10.13 22.95
C SER E 136 -40.26 10.72 23.55
N VAL E 137 -40.11 11.89 24.19
CA VAL E 137 -41.26 12.55 24.82
C VAL E 137 -42.32 12.88 23.78
N GLY E 138 -41.92 13.40 22.62
CA GLY E 138 -42.87 13.81 21.61
C GLY E 138 -43.70 12.68 21.06
N VAL E 139 -43.07 11.53 20.81
CA VAL E 139 -43.78 10.40 20.22
C VAL E 139 -44.85 9.88 21.17
N ASN E 140 -44.51 9.71 22.44
CA ASN E 140 -45.49 9.20 23.40
C ASN E 140 -46.68 10.12 23.51
N VAL E 141 -46.43 11.43 23.49
CA VAL E 141 -47.53 12.39 23.49
C VAL E 141 -48.41 12.16 22.27
N SER E 142 -47.78 12.03 21.09
CA SER E 142 -48.53 11.83 19.86
C SER E 142 -49.42 10.60 19.96
N ILE E 143 -48.96 9.56 20.65
CA ILE E 143 -49.81 8.40 20.88
C ILE E 143 -51.10 8.81 21.59
N LYS E 144 -50.97 9.59 22.66
CA LYS E 144 -52.15 9.96 23.43
C LYS E 144 -53.10 10.83 22.61
N LEU E 145 -52.55 11.77 21.85
CA LEU E 145 -53.39 12.60 20.98
C LEU E 145 -54.14 11.75 19.95
N LEU E 146 -53.46 10.76 19.38
CA LEU E 146 -54.12 9.88 18.40
C LEU E 146 -55.23 9.09 19.06
N GLU E 147 -54.95 8.52 20.24
CA GLU E 147 -55.95 7.73 20.96
C GLU E 147 -57.17 8.59 21.30
N LEU E 148 -56.92 9.80 21.80
CA LEU E 148 -58.01 10.66 22.22
C LEU E 148 -58.83 11.12 21.02
N ALA E 149 -58.16 11.55 19.95
CA ALA E 149 -58.85 11.98 18.74
C ALA E 149 -59.64 10.84 18.11
N ALA E 150 -59.09 9.63 18.09
CA ALA E 150 -59.77 8.51 17.44
C ALA E 150 -61.07 8.15 18.16
N LYS E 151 -61.07 8.20 19.50
CA LYS E 151 -62.29 7.87 20.24
C LYS E 151 -63.42 8.80 19.87
N VAL E 152 -63.12 10.09 19.67
CA VAL E 152 -64.18 11.07 19.42
C VAL E 152 -64.73 10.92 18.00
N PHE E 153 -63.84 10.82 17.01
CA PHE E 153 -64.29 10.75 15.63
C PHE E 153 -65.06 9.46 15.34
N GLY E 154 -64.64 8.36 15.96
CA GLY E 154 -65.30 7.09 15.70
C GLY E 154 -65.24 6.71 14.24
N ASP E 155 -66.37 6.23 13.72
CA ASP E 155 -66.46 5.72 12.36
C ASP E 155 -66.89 6.79 11.35
N THR E 156 -66.69 8.06 11.69
CA THR E 156 -67.07 9.16 10.80
C THR E 156 -65.92 9.70 9.97
N VAL E 157 -64.72 9.17 10.12
CA VAL E 157 -63.55 9.70 9.44
C VAL E 157 -62.76 8.58 8.81
N ASP E 158 -62.16 8.86 7.67
CA ASP E 158 -61.19 7.97 7.04
C ASP E 158 -59.82 8.32 7.59
N ILE E 159 -59.13 7.33 8.12
CA ILE E 159 -57.88 7.53 8.86
C ILE E 159 -56.72 7.04 8.00
N GLU E 160 -55.73 7.90 7.80
CA GLU E 160 -54.57 7.60 6.96
C GLU E 160 -53.30 7.94 7.73
N VAL E 161 -52.34 7.01 7.71
CA VAL E 161 -51.07 7.14 8.41
C VAL E 161 -49.96 7.30 7.37
N ILE E 162 -49.25 8.42 7.44
CA ILE E 162 -48.20 8.75 6.48
C ILE E 162 -46.87 8.92 7.22
N GLU E 163 -45.83 8.24 6.74
CA GLU E 163 -44.51 8.39 7.33
C GLU E 163 -43.44 8.48 6.24
N ALA E 164 -42.33 9.12 6.57
CA ALA E 164 -41.19 9.25 5.67
C ALA E 164 -39.89 8.94 6.41
N HIS E 165 -38.99 8.21 5.75
CA HIS E 165 -37.69 7.90 6.31
C HIS E 165 -36.65 7.84 5.20
N HIS E 166 -35.38 7.83 5.63
CA HIS E 166 -34.25 7.80 4.72
C HIS E 166 -34.30 6.59 3.79
N ARG E 167 -33.51 6.66 2.71
CA ARG E 167 -33.54 5.64 1.67
C ARG E 167 -32.94 4.32 2.10
N HIS E 168 -32.32 4.24 3.28
CA HIS E 168 -31.71 2.98 3.69
C HIS E 168 -32.66 2.09 4.45
N LYS E 169 -33.79 2.62 4.92
CA LYS E 169 -34.69 1.82 5.74
C LYS E 169 -35.28 0.70 4.90
N VAL E 170 -35.15 -0.53 5.39
CA VAL E 170 -35.60 -1.69 4.62
C VAL E 170 -37.02 -2.14 4.95
N ASP E 171 -37.60 -1.68 6.05
CA ASP E 171 -38.89 -2.18 6.53
C ASP E 171 -39.94 -1.07 6.50
N ALA E 172 -41.08 -1.37 5.87
CA ALA E 172 -42.16 -0.41 5.72
C ALA E 172 -43.48 -1.04 6.12
N PRO E 173 -44.34 -0.29 6.82
CA PRO E 173 -44.10 1.03 7.41
C PRO E 173 -43.18 0.92 8.62
N SER E 174 -42.77 2.05 9.19
CA SER E 174 -41.91 2.03 10.36
C SER E 174 -42.62 1.38 11.54
N GLY E 175 -41.82 0.92 12.51
CA GLY E 175 -42.41 0.43 13.75
C GLY E 175 -43.26 1.48 14.43
N THR E 176 -42.83 2.74 14.36
CA THR E 176 -43.61 3.83 14.94
C THR E 176 -44.92 4.02 14.18
N ALA E 177 -44.89 3.93 12.85
CA ALA E 177 -46.12 4.04 12.07
C ALA E 177 -47.08 2.90 12.40
N LEU E 178 -46.57 1.66 12.44
CA LEU E 178 -47.42 0.53 12.79
C LEU E 178 -47.93 0.64 14.22
N MET E 179 -47.08 1.12 15.12
CA MET E 179 -47.51 1.32 16.50
C MET E 179 -48.69 2.27 16.56
N MET E 180 -48.67 3.34 15.75
CA MET E 180 -49.79 4.27 15.70
C MET E 180 -51.03 3.61 15.10
N GLY E 181 -50.87 2.86 14.02
CA GLY E 181 -52.01 2.16 13.44
C GLY E 181 -52.63 1.18 14.42
N GLU E 182 -51.80 0.50 15.21
CA GLU E 182 -52.32 -0.44 16.20
C GLU E 182 -53.13 0.27 17.27
N ALA E 183 -52.64 1.41 17.78
CA ALA E 183 -53.38 2.14 18.81
C ALA E 183 -54.73 2.61 18.32
N ILE E 184 -54.80 3.06 17.06
CA ILE E 184 -56.08 3.48 16.48
C ILE E 184 -56.99 2.29 16.30
N ALA E 185 -56.46 1.17 15.79
CA ALA E 185 -57.27 -0.03 15.63
C ALA E 185 -57.78 -0.52 16.98
N ASP E 186 -56.94 -0.43 18.01
CA ASP E 186 -57.37 -0.81 19.36
C ASP E 186 -58.47 0.11 19.87
N THR E 187 -58.32 1.43 19.67
CA THR E 187 -59.34 2.36 20.13
C THR E 187 -60.66 2.15 19.39
N LEU E 188 -60.61 1.89 18.09
CA LEU E 188 -61.81 1.73 17.27
C LEU E 188 -62.32 0.30 17.23
N GLY E 189 -61.63 -0.65 17.86
CA GLY E 189 -62.09 -2.03 17.84
C GLY E 189 -61.90 -2.75 16.53
N ARG E 190 -60.92 -2.33 15.74
CA ARG E 190 -60.64 -2.96 14.45
C ARG E 190 -59.43 -3.86 14.55
N ASN E 191 -59.37 -4.85 13.64
CA ASN E 191 -58.22 -5.74 13.55
C ASN E 191 -57.31 -5.16 12.48
N LEU E 192 -56.15 -4.66 12.90
CA LEU E 192 -55.30 -3.90 12.01
C LEU E 192 -54.92 -4.71 10.77
N LYS E 193 -54.57 -5.98 10.96
CA LYS E 193 -54.21 -6.81 9.80
C LYS E 193 -55.35 -6.89 8.80
N GLU E 194 -56.60 -6.80 9.27
CA GLU E 194 -57.72 -6.88 8.35
C GLU E 194 -57.94 -5.57 7.61
N VAL E 195 -57.79 -4.42 8.29
CA VAL E 195 -58.20 -3.14 7.73
C VAL E 195 -57.03 -2.34 7.17
N ALA E 196 -55.81 -2.88 7.23
CA ALA E 196 -54.64 -2.12 6.79
C ALA E 196 -54.49 -2.23 5.28
N VAL E 197 -54.05 -1.13 4.68
CA VAL E 197 -53.79 -1.04 3.25
C VAL E 197 -52.45 -0.33 3.08
N TYR E 198 -51.57 -0.91 2.26
CA TYR E 198 -50.22 -0.39 2.15
C TYR E 198 -49.91 0.18 0.78
N GLY E 199 -50.86 0.14 -0.14
CA GLY E 199 -50.63 0.70 -1.45
C GLY E 199 -51.94 0.82 -2.20
N ARG E 200 -51.91 1.64 -3.24
CA ARG E 200 -53.07 1.87 -4.08
C ARG E 200 -52.61 2.01 -5.52
N GLU E 201 -53.15 1.15 -6.38
CA GLU E 201 -52.79 1.15 -7.79
C GLU E 201 -53.97 0.60 -8.57
N GLY E 202 -54.35 1.30 -9.64
CA GLY E 202 -55.46 0.88 -10.46
C GLY E 202 -56.81 1.30 -9.89
N HIS E 203 -57.84 0.59 -10.35
CA HIS E 203 -59.23 0.87 -9.95
C HIS E 203 -59.47 0.22 -8.59
N THR E 204 -59.08 0.96 -7.53
CA THR E 204 -59.27 0.46 -6.17
C THR E 204 -60.72 0.50 -5.73
N GLY E 205 -61.57 1.24 -6.42
CA GLY E 205 -62.93 1.43 -5.98
C GLY E 205 -63.01 2.45 -4.86
N PRO E 206 -64.21 2.70 -4.36
CA PRO E 206 -64.37 3.68 -3.27
C PRO E 206 -63.81 3.15 -1.96
N ARG E 207 -63.51 4.08 -1.06
CA ARG E 207 -62.83 3.76 0.19
C ARG E 207 -63.81 3.24 1.25
N ASP E 208 -63.49 2.10 1.83
CA ASP E 208 -64.20 1.60 3.00
C ASP E 208 -63.83 2.45 4.22
N ARG E 209 -64.85 2.82 4.99
CA ARG E 209 -64.62 3.67 6.15
C ARG E 209 -63.72 3.00 7.19
N GLN E 210 -63.81 1.68 7.33
CA GLN E 210 -62.99 0.97 8.31
C GLN E 210 -61.51 0.95 7.95
N THR E 211 -61.17 1.17 6.68
CA THR E 211 -59.79 1.04 6.23
C THR E 211 -58.89 2.02 6.96
N ILE E 212 -57.71 1.55 7.36
CA ILE E 212 -56.61 2.39 7.80
C ILE E 212 -55.51 2.32 6.74
N GLY E 213 -55.24 3.45 6.09
CA GLY E 213 -54.29 3.50 4.99
C GLY E 213 -52.90 3.91 5.46
N PHE E 214 -51.90 3.22 4.92
CA PHE E 214 -50.49 3.49 5.21
C PHE E 214 -49.82 3.96 3.93
N GLU E 215 -49.41 5.21 3.90
CA GLU E 215 -48.58 5.75 2.84
C GLU E 215 -47.17 5.91 3.39
N THR E 216 -46.22 5.21 2.79
CA THR E 216 -44.85 5.17 3.29
C THR E 216 -43.95 5.83 2.26
N ILE E 217 -43.26 6.89 2.67
CA ILE E 217 -42.33 7.63 1.83
C ILE E 217 -40.91 7.25 2.17
N ARG E 218 -40.08 7.04 1.14
CA ARG E 218 -38.67 6.70 1.33
C ARG E 218 -37.80 7.60 0.48
N GLY E 219 -36.77 8.20 1.07
CA GLY E 219 -35.82 8.96 0.30
C GLY E 219 -34.77 9.69 1.10
N GLY E 220 -33.58 9.87 0.50
CA GLY E 220 -32.55 10.71 1.09
C GLY E 220 -32.15 10.29 2.50
N ASP E 221 -32.05 11.28 3.40
CA ASP E 221 -31.60 11.08 4.77
C ASP E 221 -32.64 11.51 5.80
N ILE E 222 -33.92 11.43 5.46
CA ILE E 222 -34.97 11.85 6.39
C ILE E 222 -34.86 11.05 7.68
N VAL E 223 -34.74 11.77 8.80
CA VAL E 223 -34.59 11.10 10.09
C VAL E 223 -35.89 10.39 10.48
N GLY E 224 -37.02 11.05 10.33
CA GLY E 224 -38.27 10.37 10.63
C GLY E 224 -39.46 11.26 10.88
N GLU E 225 -40.43 11.18 9.97
CA GLU E 225 -41.64 11.98 10.07
C GLU E 225 -42.84 11.05 10.03
N HIS E 226 -43.82 11.31 10.90
CA HIS E 226 -45.01 10.49 10.99
C HIS E 226 -46.22 11.41 11.09
N THR E 227 -47.23 11.18 10.24
CA THR E 227 -48.44 11.97 10.24
C THR E 227 -49.65 11.07 10.17
N VAL E 228 -50.63 11.33 11.04
CA VAL E 228 -51.93 10.66 11.00
C VAL E 228 -52.97 11.69 10.64
N MET E 229 -53.74 11.40 9.60
CA MET E 229 -54.80 12.27 9.13
C MET E 229 -56.14 11.66 9.51
N PHE E 230 -56.95 12.40 10.24
CA PHE E 230 -58.35 12.04 10.47
C PHE E 230 -59.16 12.90 9.49
N ILE E 231 -59.54 12.29 8.38
CA ILE E 231 -60.11 13.02 7.25
C ILE E 231 -61.61 12.84 7.27
N GLY E 232 -62.34 13.91 7.59
CA GLY E 232 -63.78 13.89 7.61
C GLY E 232 -64.39 14.64 6.46
N GLU E 233 -65.71 14.85 6.57
CA GLU E 233 -66.48 15.56 5.56
C GLU E 233 -66.46 17.05 5.89
N GLY E 234 -65.69 17.83 5.14
CA GLY E 234 -65.57 19.25 5.36
C GLY E 234 -64.39 19.68 6.20
N GLU E 235 -63.74 18.77 6.91
CA GLU E 235 -62.63 19.15 7.77
C GLU E 235 -61.66 17.99 7.87
N ARG E 236 -60.51 18.29 8.46
CA ARG E 236 -59.42 17.33 8.59
C ARG E 236 -58.59 17.70 9.80
N VAL E 237 -58.19 16.70 10.58
CA VAL E 237 -57.30 16.90 11.73
C VAL E 237 -56.08 16.02 11.54
N GLU E 238 -54.90 16.62 11.64
CA GLU E 238 -53.63 15.94 11.45
C GLU E 238 -52.81 16.03 12.72
N VAL E 239 -52.23 14.91 13.13
CA VAL E 239 -51.24 14.88 14.20
C VAL E 239 -49.92 14.39 13.61
N THR E 240 -48.85 15.17 13.81
CA THR E 240 -47.56 14.92 13.18
C THR E 240 -46.44 15.03 14.21
N HIS E 241 -45.50 14.08 14.15
CA HIS E 241 -44.23 14.14 14.86
C HIS E 241 -43.10 14.12 13.84
N LYS E 242 -42.15 15.03 13.98
CA LYS E 242 -40.97 15.09 13.13
C LYS E 242 -39.73 15.04 14.02
N ALA E 243 -38.74 14.25 13.61
CA ALA E 243 -37.51 14.10 14.34
C ALA E 243 -36.39 14.85 13.63
N THR E 244 -35.64 15.66 14.40
CA THR E 244 -34.47 16.34 13.87
C THR E 244 -33.24 15.43 13.88
N ASN E 245 -33.12 14.63 14.93
CA ASN E 245 -31.98 13.72 15.05
C ASN E 245 -32.45 12.46 15.76
N ARG E 246 -31.54 11.51 15.89
CA ARG E 246 -31.84 10.22 16.52
C ARG E 246 -31.49 10.24 18.00
N MET E 247 -31.76 11.36 18.68
CA MET E 247 -31.31 11.57 20.05
C MET E 247 -32.44 11.96 21.00
N ASN E 248 -33.68 11.94 20.54
CA ASN E 248 -34.76 12.35 21.43
C ASN E 248 -35.17 11.24 22.39
N PHE E 249 -34.55 10.06 22.30
CA PHE E 249 -34.72 9.07 23.36
C PHE E 249 -34.11 9.55 24.67
N ALA E 250 -32.96 10.23 24.60
CA ALA E 250 -32.18 10.53 25.79
C ALA E 250 -32.91 11.48 26.73
N ALA E 251 -33.45 12.56 26.17
CA ALA E 251 -34.16 13.55 26.98
C ALA E 251 -35.36 12.92 27.68
N GLY E 252 -36.02 11.97 27.01
CA GLY E 252 -37.13 11.27 27.65
C GLY E 252 -36.67 10.35 28.77
N ALA E 253 -35.58 9.61 28.55
CA ALA E 253 -35.08 8.71 29.58
C ALA E 253 -34.64 9.47 30.83
N VAL E 254 -33.97 10.60 30.64
CA VAL E 254 -33.57 11.44 31.78
C VAL E 254 -34.82 11.94 32.50
N ARG E 255 -35.87 12.28 31.75
CA ARG E 255 -37.11 12.73 32.37
C ARG E 255 -37.74 11.63 33.21
N ALA E 256 -37.62 10.37 32.75
CA ALA E 256 -38.10 9.24 33.54
C ALA E 256 -37.29 9.06 34.82
N ALA E 257 -35.98 9.29 34.77
CA ALA E 257 -35.13 9.08 35.94
C ALA E 257 -35.49 10.01 37.09
N ALA E 258 -35.61 11.30 36.80
CA ALA E 258 -35.96 12.26 37.85
C ALA E 258 -37.36 12.02 38.40
N TRP E 259 -38.28 11.56 37.55
CA TRP E 259 -39.65 11.33 37.97
C TRP E 259 -39.77 10.13 38.90
N VAL E 260 -39.02 9.05 38.65
CA VAL E 260 -39.21 7.80 39.37
C VAL E 260 -38.56 7.80 40.75
N VAL E 261 -37.68 8.77 41.04
CA VAL E 261 -36.98 8.78 42.33
C VAL E 261 -37.98 8.96 43.46
N GLY E 262 -37.87 8.09 44.47
CA GLY E 262 -38.69 8.19 45.66
C GLY E 262 -40.12 7.74 45.51
N ARG E 263 -40.42 6.94 44.50
CA ARG E 263 -41.76 6.41 44.29
C ARG E 263 -41.81 4.93 44.66
N GLU E 264 -43.02 4.44 44.86
CA GLU E 264 -43.22 3.03 45.18
C GLU E 264 -42.69 2.14 44.06
N ALA E 265 -42.20 0.97 44.44
CA ALA E 265 -41.59 0.02 43.52
C ALA E 265 -42.66 -0.63 42.65
N ARG E 266 -42.78 -0.18 41.41
CA ARG E 266 -43.65 -0.82 40.43
C ARG E 266 -42.92 -0.85 39.09
N LYS E 267 -43.59 -1.40 38.09
CA LYS E 267 -43.14 -1.27 36.70
C LYS E 267 -43.87 -0.10 36.08
N TYR E 268 -43.10 0.83 35.50
CA TYR E 268 -43.64 2.04 34.88
C TYR E 268 -43.27 2.08 33.41
N ASP E 269 -44.07 2.82 32.64
CA ASP E 269 -43.79 3.11 31.24
C ASP E 269 -43.85 4.62 31.06
N MET E 270 -43.68 5.08 29.81
CA MET E 270 -43.71 6.52 29.59
C MET E 270 -45.10 7.12 29.75
N LYS E 271 -46.17 6.32 29.61
CA LYS E 271 -47.50 6.83 29.91
C LYS E 271 -47.61 7.24 31.37
N ASP E 272 -46.99 6.47 32.26
CA ASP E 272 -46.91 6.86 33.67
C ASP E 272 -46.05 8.12 33.83
N VAL E 273 -44.85 8.12 33.23
CA VAL E 273 -43.90 9.20 33.43
C VAL E 273 -44.45 10.53 32.94
N LEU E 274 -45.12 10.54 31.79
CA LEU E 274 -45.62 11.79 31.23
C LEU E 274 -47.05 12.10 31.65
N GLY E 275 -47.65 11.26 32.50
CA GLY E 275 -49.01 11.52 32.96
C GLY E 275 -50.06 11.38 31.90
N LEU E 276 -49.93 10.38 31.00
CA LEU E 276 -50.85 10.27 29.90
C LEU E 276 -52.01 9.33 30.21
N ASN E 277 -51.82 8.41 31.15
CA ASN E 277 -52.91 7.54 31.55
C ASN E 277 -53.90 8.31 32.42
N ASP E 278 -53.39 9.07 33.39
CA ASP E 278 -54.20 9.86 34.31
C ASP E 278 -55.06 10.87 33.56
N ALA F 12 -11.30 13.03 -14.98
CA ALA F 12 -11.79 13.33 -13.63
C ALA F 12 -11.07 14.53 -13.05
N PRO F 13 -11.83 15.47 -12.49
CA PRO F 13 -11.23 16.68 -11.95
C PRO F 13 -10.56 16.43 -10.61
N ARG F 14 -9.43 17.12 -10.39
CA ARG F 14 -8.68 17.04 -9.14
C ARG F 14 -9.04 18.26 -8.31
N ILE F 15 -9.73 18.04 -7.19
CA ILE F 15 -10.30 19.12 -6.38
C ILE F 15 -9.49 19.26 -5.12
N GLY F 16 -8.97 20.45 -4.86
CA GLY F 16 -8.27 20.74 -3.63
C GLY F 16 -9.20 21.46 -2.68
N ILE F 17 -9.05 21.16 -1.39
CA ILE F 17 -9.87 21.77 -0.35
C ILE F 17 -8.95 22.64 0.50
N LEU F 18 -9.28 23.92 0.59
CA LEU F 18 -8.56 24.87 1.44
C LEU F 18 -9.24 24.94 2.79
N GLY F 19 -8.46 25.23 3.83
CA GLY F 19 -9.03 25.15 5.16
C GLY F 19 -9.51 23.76 5.48
N ALA F 20 -8.73 22.74 5.13
CA ALA F 20 -9.18 21.37 5.26
C ALA F 20 -9.35 20.93 6.71
N GLY F 21 -8.87 21.72 7.67
CA GLY F 21 -9.00 21.36 9.06
C GLY F 21 -10.33 21.76 9.67
N GLY F 22 -10.92 22.84 9.19
CA GLY F 22 -12.13 23.37 9.78
C GLY F 22 -13.32 22.46 9.60
N ARG F 23 -14.44 22.90 10.18
CA ARG F 23 -15.69 22.14 10.06
C ARG F 23 -16.09 21.97 8.60
N MET F 24 -16.08 23.06 7.85
CA MET F 24 -16.49 22.99 6.45
C MET F 24 -15.50 22.21 5.61
N GLY F 25 -14.21 22.30 5.91
CA GLY F 25 -13.22 21.56 5.14
C GLY F 25 -13.45 20.05 5.17
N ARG F 26 -13.69 19.50 6.37
CA ARG F 26 -13.93 18.06 6.48
C ARG F 26 -15.16 17.66 5.68
N ILE F 27 -16.21 18.47 5.74
CA ILE F 27 -17.44 18.18 4.98
C ILE F 27 -17.15 18.21 3.49
N LEU F 28 -16.35 19.17 3.03
CA LEU F 28 -16.00 19.26 1.62
C LEU F 28 -15.19 18.04 1.18
N ILE F 29 -14.33 17.54 2.06
CA ILE F 29 -13.57 16.34 1.75
C ILE F 29 -14.50 15.15 1.58
N GLN F 30 -15.50 15.03 2.45
CA GLN F 30 -16.49 13.97 2.29
C GLN F 30 -17.18 14.10 0.94
N ALA F 31 -17.53 15.34 0.55
CA ALA F 31 -18.28 15.55 -0.68
C ALA F 31 -17.44 15.22 -1.91
N VAL F 32 -16.14 15.53 -1.85
CA VAL F 32 -15.27 15.19 -2.97
C VAL F 32 -15.23 13.68 -3.17
N GLN F 33 -15.05 12.94 -2.08
CA GLN F 33 -14.99 11.49 -2.22
C GLN F 33 -16.35 10.91 -2.58
N GLN F 34 -17.42 11.49 -2.05
CA GLN F 34 -18.75 10.99 -2.37
C GLN F 34 -19.11 11.23 -3.83
N ALA F 35 -18.55 12.25 -4.47
CA ALA F 35 -18.88 12.45 -5.88
C ALA F 35 -18.04 11.57 -6.80
N GLY F 36 -17.11 10.79 -6.26
CA GLY F 36 -16.25 10.01 -7.12
C GLY F 36 -15.07 10.77 -7.66
N TYR F 37 -14.84 11.98 -7.20
CA TYR F 37 -13.74 12.83 -7.65
C TYR F 37 -12.49 12.55 -6.84
N GLN F 38 -11.35 13.00 -7.37
CA GLN F 38 -10.06 12.83 -6.73
C GLN F 38 -9.74 14.03 -5.86
N LEU F 39 -9.42 13.78 -4.58
CA LEU F 39 -8.95 14.86 -3.73
C LEU F 39 -7.56 15.26 -4.16
N GLY F 40 -7.40 16.48 -4.68
CA GLY F 40 -6.11 16.89 -5.19
C GLY F 40 -5.16 17.38 -4.13
N ALA F 41 -5.70 17.98 -3.08
CA ALA F 41 -4.89 18.56 -2.02
C ALA F 41 -5.81 18.89 -0.86
N ALA F 42 -5.21 18.99 0.32
CA ALA F 42 -5.89 19.41 1.54
C ALA F 42 -4.94 20.34 2.27
N VAL F 43 -5.28 21.62 2.32
CA VAL F 43 -4.36 22.64 2.80
C VAL F 43 -4.92 23.29 4.06
N VAL F 44 -4.05 23.53 5.03
CA VAL F 44 -4.38 24.20 6.27
C VAL F 44 -3.31 25.25 6.56
N ARG F 45 -3.50 25.98 7.65
CA ARG F 45 -2.52 26.94 8.10
C ARG F 45 -1.19 26.23 8.35
N PRO F 46 -0.06 26.84 7.99
CA PRO F 46 1.24 26.17 8.17
C PRO F 46 1.56 25.89 9.63
N GLU F 47 0.85 26.49 10.58
CA GLU F 47 1.09 26.29 12.01
C GLU F 47 0.04 25.37 12.62
N SER F 48 -0.68 24.63 11.79
CA SER F 48 -1.75 23.77 12.25
C SER F 48 -1.21 22.51 12.93
N THR F 49 -1.97 22.00 13.90
CA THR F 49 -1.63 20.75 14.54
C THR F 49 -1.83 19.59 13.57
N LEU F 50 -2.75 19.75 12.62
CA LEU F 50 -3.19 18.65 11.79
C LEU F 50 -2.29 18.42 10.58
N ILE F 51 -1.27 19.25 10.39
CA ILE F 51 -0.38 19.08 9.24
C ILE F 51 0.24 17.69 9.32
N GLY F 52 0.08 16.90 8.27
CA GLY F 52 0.58 15.56 8.22
C GLY F 52 -0.49 14.50 8.33
N ALA F 53 -1.66 14.86 8.87
CA ALA F 53 -2.74 13.89 8.99
C ALA F 53 -3.39 13.61 7.64
N ASP F 54 -4.02 12.44 7.55
CA ASP F 54 -4.67 12.03 6.32
C ASP F 54 -6.04 12.71 6.25
N ALA F 55 -6.34 13.31 5.10
CA ALA F 55 -7.60 14.01 4.95
C ALA F 55 -8.79 13.07 5.13
N GLY F 56 -8.69 11.88 4.55
CA GLY F 56 -9.80 10.94 4.65
C GLY F 56 -10.10 10.55 6.09
N GLU F 57 -9.06 10.25 6.86
CA GLU F 57 -9.25 9.92 8.27
C GLU F 57 -9.85 11.10 9.02
N LEU F 58 -9.32 12.30 8.79
CA LEU F 58 -9.81 13.48 9.49
C LEU F 58 -11.28 13.74 9.18
N ALA F 59 -11.71 13.40 7.96
CA ALA F 59 -13.10 13.58 7.57
C ALA F 59 -13.96 12.40 7.97
N GLY F 60 -13.39 11.34 8.54
CA GLY F 60 -14.19 10.23 9.00
C GLY F 60 -14.54 9.20 7.97
N ILE F 61 -13.90 9.21 6.80
CA ILE F 61 -14.20 8.27 5.73
C ILE F 61 -13.07 7.26 5.50
N GLY F 62 -12.12 7.16 6.44
CA GLY F 62 -10.97 6.31 6.23
C GLY F 62 -9.93 6.91 5.30
N SER F 63 -8.75 6.29 5.33
CA SER F 63 -7.58 6.77 4.61
C SER F 63 -7.83 6.90 3.11
N ILE F 64 -7.33 7.99 2.53
CA ILE F 64 -7.38 8.13 1.08
C ILE F 64 -5.99 8.47 0.56
N GLY F 65 -5.05 8.66 1.47
CA GLY F 65 -3.68 8.87 1.04
C GLY F 65 -3.29 10.29 0.71
N VAL F 66 -4.17 11.25 0.94
CA VAL F 66 -3.84 12.65 0.78
C VAL F 66 -3.68 13.23 2.18
N LYS F 67 -2.55 13.89 2.42
CA LYS F 67 -2.26 14.41 3.74
C LYS F 67 -2.44 15.92 3.75
N LEU F 68 -2.70 16.44 4.95
CA LEU F 68 -2.85 17.88 5.08
C LEU F 68 -1.49 18.55 4.99
N THR F 69 -1.35 19.46 4.04
CA THR F 69 -0.12 20.22 3.86
C THR F 69 -0.40 21.68 4.16
N GLY F 70 0.66 22.45 4.37
CA GLY F 70 0.48 23.83 4.75
C GLY F 70 0.83 24.86 3.70
N SER F 71 1.18 24.43 2.49
CA SER F 71 1.57 25.35 1.43
C SER F 71 0.70 25.08 0.20
N LEU F 72 -0.13 26.07 -0.16
CA LEU F 72 -0.97 25.91 -1.33
C LEU F 72 -0.16 25.92 -2.62
N ALA F 73 0.91 26.72 -2.69
CA ALA F 73 1.67 26.78 -3.93
C ALA F 73 2.34 25.45 -4.24
N GLU F 74 2.74 24.70 -3.21
CA GLU F 74 3.43 23.45 -3.44
C GLU F 74 2.51 22.34 -3.93
N VAL F 75 1.19 22.52 -3.81
CA VAL F 75 0.24 21.48 -4.18
C VAL F 75 -0.72 21.94 -5.26
N LEU F 76 -0.61 23.18 -5.75
CA LEU F 76 -1.53 23.64 -6.78
C LEU F 76 -1.32 22.87 -8.08
N GLU F 77 -0.09 22.44 -8.35
CA GLU F 77 0.16 21.63 -9.53
C GLU F 77 -0.60 20.31 -9.48
N ASP F 78 -1.04 19.87 -8.31
CA ASP F 78 -1.82 18.65 -8.17
C ASP F 78 -3.32 18.88 -8.34
N CYS F 79 -3.76 20.10 -8.65
CA CYS F 79 -5.18 20.42 -8.67
C CYS F 79 -5.56 21.04 -10.00
N ASP F 80 -6.79 20.78 -10.41
CA ASP F 80 -7.43 21.50 -11.49
C ASP F 80 -8.33 22.61 -10.98
N VAL F 81 -8.80 22.49 -9.74
CA VAL F 81 -9.71 23.45 -9.14
C VAL F 81 -9.54 23.35 -7.64
N VAL F 82 -9.79 24.45 -6.92
CA VAL F 82 -9.78 24.43 -5.47
C VAL F 82 -11.05 25.08 -4.95
N ILE F 83 -11.47 24.66 -3.76
CA ILE F 83 -12.67 25.16 -3.10
C ILE F 83 -12.24 25.87 -1.83
N ASP F 84 -12.73 27.10 -1.62
CA ASP F 84 -12.26 27.97 -0.54
C ASP F 84 -13.46 28.50 0.23
N PHE F 85 -13.65 28.02 1.46
CA PHE F 85 -14.64 28.55 2.40
C PHE F 85 -13.89 29.00 3.66
N SER F 86 -13.26 30.17 3.58
CA SER F 86 -12.44 30.61 4.70
C SER F 86 -12.70 32.07 5.03
N THR F 87 -11.62 32.82 5.37
CA THR F 87 -11.69 34.24 5.70
C THR F 87 -11.28 35.08 4.50
N PRO F 88 -11.82 36.29 4.37
CA PRO F 88 -11.48 37.13 3.20
C PRO F 88 -10.00 37.45 3.08
N ALA F 89 -9.28 37.56 4.20
CA ALA F 89 -7.84 37.81 4.12
C ALA F 89 -7.12 36.62 3.50
N ALA F 90 -7.51 35.40 3.89
CA ALA F 90 -6.90 34.22 3.29
C ALA F 90 -7.29 34.04 1.83
N THR F 91 -8.52 34.42 1.47
CA THR F 91 -8.97 34.25 0.09
C THR F 91 -8.20 35.15 -0.87
N SER F 92 -7.85 36.36 -0.42
CA SER F 92 -7.05 37.24 -1.26
C SER F 92 -5.72 36.60 -1.61
N GLU F 93 -5.05 36.00 -0.63
CA GLU F 93 -3.80 35.32 -0.89
C GLU F 93 -4.04 34.11 -1.80
N HIS F 94 -5.17 33.41 -1.62
CA HIS F 94 -5.45 32.24 -2.44
C HIS F 94 -5.72 32.64 -3.88
N LEU F 95 -6.35 33.79 -4.10
CA LEU F 95 -6.63 34.24 -5.45
C LEU F 95 -5.35 34.52 -6.23
N LYS F 96 -4.37 35.16 -5.59
CA LYS F 96 -3.12 35.45 -6.27
C LYS F 96 -2.38 34.16 -6.59
N LEU F 97 -2.39 33.20 -5.66
CA LEU F 97 -1.69 31.94 -5.90
C LEU F 97 -2.35 31.16 -7.04
N CYS F 98 -3.68 31.08 -7.03
CA CYS F 98 -4.35 30.37 -8.11
C CYS F 98 -4.16 31.09 -9.45
N ARG F 99 -4.09 32.43 -9.41
CA ARG F 99 -3.87 33.20 -10.64
C ARG F 99 -2.51 32.87 -11.26
N GLU F 100 -1.46 32.87 -10.44
CA GLU F 100 -0.13 32.61 -10.99
C GLU F 100 -0.02 31.17 -11.47
N ALA F 101 -0.73 30.25 -10.83
CA ALA F 101 -0.71 28.83 -11.17
C ALA F 101 -1.74 28.45 -12.23
N GLY F 102 -2.68 29.34 -12.55
CA GLY F 102 -3.69 29.03 -13.54
C GLY F 102 -4.73 28.02 -13.11
N VAL F 103 -5.06 27.97 -11.82
CA VAL F 103 -6.00 27.01 -11.26
C VAL F 103 -7.32 27.70 -10.94
N ALA F 104 -8.42 27.08 -11.33
CA ALA F 104 -9.73 27.60 -11.04
C ALA F 104 -10.00 27.50 -9.53
N ILE F 105 -10.90 28.36 -9.05
CA ILE F 105 -11.22 28.42 -7.62
C ILE F 105 -12.73 28.61 -7.45
N VAL F 106 -13.29 27.95 -6.45
CA VAL F 106 -14.69 28.10 -6.07
C VAL F 106 -14.73 28.75 -4.69
N ILE F 107 -15.34 29.93 -4.59
CA ILE F 107 -15.24 30.76 -3.39
C ILE F 107 -16.57 30.79 -2.66
N GLY F 108 -16.53 30.49 -1.35
CA GLY F 108 -17.68 30.55 -0.49
C GLY F 108 -17.43 31.38 0.76
N THR F 109 -16.32 32.11 0.76
CA THR F 109 -15.99 33.01 1.86
C THR F 109 -17.01 34.14 1.95
N THR F 110 -17.53 34.37 3.15
CA THR F 110 -18.52 35.41 3.40
C THR F 110 -17.86 36.73 3.80
N GLY F 111 -18.50 37.83 3.41
CA GLY F 111 -18.12 39.15 3.88
C GLY F 111 -16.88 39.78 3.26
N MET F 112 -16.67 39.60 1.96
CA MET F 112 -15.52 40.21 1.32
C MET F 112 -15.74 41.71 1.13
N SER F 113 -14.69 42.49 1.37
CA SER F 113 -14.78 43.92 1.27
C SER F 113 -15.01 44.36 -0.18
N ASP F 114 -15.42 45.62 -0.34
CA ASP F 114 -15.63 46.15 -1.68
C ASP F 114 -14.35 46.11 -2.51
N GLU F 115 -13.20 46.34 -1.87
CA GLU F 115 -11.93 46.26 -2.58
C GLU F 115 -11.57 44.80 -2.87
N GLN F 116 -11.84 43.91 -1.93
CA GLN F 116 -11.55 42.48 -2.10
C GLN F 116 -12.38 41.88 -3.23
N LYS F 117 -13.64 42.31 -3.36
CA LYS F 117 -14.48 41.83 -4.45
C LYS F 117 -13.92 42.26 -5.81
N ALA F 118 -13.28 43.44 -5.87
CA ALA F 118 -12.68 43.88 -7.11
C ALA F 118 -11.47 43.05 -7.48
N GLU F 119 -10.64 42.69 -6.48
CA GLU F 119 -9.51 41.81 -6.76
C GLU F 119 -9.99 40.49 -7.34
N LEU F 120 -11.13 40.00 -6.85
CA LEU F 120 -11.69 38.76 -7.37
C LEU F 120 -12.10 38.91 -8.84
N ASP F 121 -12.80 40.00 -9.16
CA ASP F 121 -13.33 40.17 -10.51
C ASP F 121 -12.22 40.35 -11.54
N GLU F 122 -11.10 41.00 -11.18
CA GLU F 122 -10.00 41.10 -12.13
C GLU F 122 -9.30 39.76 -12.28
N THR F 123 -9.20 39.00 -11.19
CA THR F 123 -8.65 37.65 -11.27
C THR F 123 -9.49 36.79 -12.21
N ALA F 124 -10.82 36.96 -12.16
CA ALA F 124 -11.73 36.20 -13.00
C ALA F 124 -11.53 36.48 -14.49
N LYS F 125 -10.74 37.52 -14.83
CA LYS F 125 -10.33 37.74 -16.21
C LYS F 125 -9.17 36.87 -16.62
N HIS F 126 -8.48 36.24 -15.67
CA HIS F 126 -7.35 35.36 -15.94
C HIS F 126 -7.65 33.89 -15.69
N ILE F 127 -8.31 33.57 -14.57
CA ILE F 127 -8.68 32.20 -14.25
C ILE F 127 -10.19 32.16 -14.07
N PRO F 128 -10.80 31.00 -14.27
CA PRO F 128 -12.23 30.85 -13.95
C PRO F 128 -12.46 30.87 -12.45
N VAL F 129 -13.45 31.65 -12.02
CA VAL F 129 -13.77 31.82 -10.61
C VAL F 129 -15.28 31.66 -10.42
N VAL F 130 -15.67 30.82 -9.46
CA VAL F 130 -17.07 30.64 -9.09
C VAL F 130 -17.29 31.31 -7.74
N TYR F 131 -18.30 32.17 -7.68
CA TYR F 131 -18.66 32.89 -6.45
C TYR F 131 -20.17 32.86 -6.34
N ALA F 132 -20.68 32.29 -5.25
CA ALA F 132 -22.12 32.19 -5.08
C ALA F 132 -22.49 32.54 -3.64
N ALA F 133 -23.66 33.18 -3.49
CA ALA F 133 -24.17 33.49 -2.17
C ALA F 133 -24.58 32.23 -1.42
N ASN F 134 -25.04 31.21 -2.15
CA ASN F 134 -25.49 29.97 -1.56
C ASN F 134 -25.13 28.82 -2.50
N TYR F 135 -24.49 27.79 -1.96
CA TYR F 135 -24.05 26.67 -2.79
C TYR F 135 -24.97 25.46 -2.67
N SER F 136 -26.01 25.53 -1.84
CA SER F 136 -26.98 24.46 -1.81
C SER F 136 -27.67 24.35 -3.17
N VAL F 137 -27.59 23.18 -3.78
CA VAL F 137 -28.25 22.96 -5.06
C VAL F 137 -29.75 23.18 -4.92
N GLY F 138 -30.34 22.67 -3.84
CA GLY F 138 -31.76 22.78 -3.65
C GLY F 138 -32.24 24.22 -3.52
N VAL F 139 -31.47 25.06 -2.83
CA VAL F 139 -31.89 26.44 -2.66
C VAL F 139 -31.88 27.17 -4.01
N ASN F 140 -30.80 27.00 -4.77
CA ASN F 140 -30.69 27.66 -6.08
C ASN F 140 -31.76 27.18 -7.04
N VAL F 141 -32.05 25.87 -7.03
CA VAL F 141 -33.15 25.36 -7.84
C VAL F 141 -34.47 25.97 -7.39
N SER F 142 -34.71 26.02 -6.08
CA SER F 142 -35.96 26.57 -5.59
C SER F 142 -36.16 28.01 -6.06
N ILE F 143 -35.08 28.80 -6.09
CA ILE F 143 -35.20 30.19 -6.51
C ILE F 143 -35.64 30.27 -7.96
N LYS F 144 -35.07 29.44 -8.82
CA LYS F 144 -35.47 29.43 -10.22
C LYS F 144 -36.93 29.06 -10.36
N LEU F 145 -37.40 28.09 -9.56
CA LEU F 145 -38.80 27.73 -9.57
C LEU F 145 -39.68 28.91 -9.17
N LEU F 146 -39.25 29.66 -8.15
CA LEU F 146 -40.02 30.83 -7.73
C LEU F 146 -40.09 31.86 -8.85
N GLU F 147 -38.96 32.12 -9.52
CA GLU F 147 -38.95 33.10 -10.61
C GLU F 147 -39.89 32.68 -11.72
N LEU F 148 -39.90 31.39 -12.08
CA LEU F 148 -40.75 30.91 -13.15
C LEU F 148 -42.22 30.98 -12.77
N ALA F 149 -42.55 30.46 -11.58
CA ALA F 149 -43.94 30.49 -11.14
C ALA F 149 -44.46 31.91 -11.04
N ALA F 150 -43.63 32.84 -10.58
CA ALA F 150 -44.08 34.23 -10.45
C ALA F 150 -44.38 34.84 -11.81
N LYS F 151 -43.52 34.58 -12.82
CA LYS F 151 -43.74 35.18 -14.13
C LYS F 151 -45.05 34.71 -14.74
N VAL F 152 -45.41 33.44 -14.52
CA VAL F 152 -46.63 32.91 -15.11
C VAL F 152 -47.86 33.37 -14.34
N PHE F 153 -47.81 33.32 -13.01
CA PHE F 153 -48.95 33.74 -12.21
C PHE F 153 -49.18 35.24 -12.31
N GLY F 154 -48.12 36.03 -12.41
CA GLY F 154 -48.29 37.46 -12.45
C GLY F 154 -49.00 37.97 -11.20
N ASP F 155 -49.98 38.85 -11.39
CA ASP F 155 -50.70 39.44 -10.28
C ASP F 155 -51.97 38.67 -9.93
N THR F 156 -52.04 37.38 -10.29
CA THR F 156 -53.22 36.57 -10.00
C THR F 156 -53.11 35.79 -8.70
N VAL F 157 -52.00 35.89 -7.97
CA VAL F 157 -51.81 35.10 -6.76
C VAL F 157 -51.24 35.97 -5.64
N ASP F 158 -51.66 35.68 -4.42
CA ASP F 158 -51.09 36.28 -3.23
C ASP F 158 -49.87 35.47 -2.79
N ILE F 159 -48.75 36.15 -2.61
CA ILE F 159 -47.45 35.51 -2.39
C ILE F 159 -47.07 35.67 -0.92
N GLU F 160 -46.78 34.53 -0.27
CA GLU F 160 -46.44 34.48 1.14
C GLU F 160 -45.18 33.66 1.32
N VAL F 161 -44.23 34.17 2.11
CA VAL F 161 -42.98 33.48 2.39
C VAL F 161 -42.99 33.02 3.83
N ILE F 162 -42.90 31.71 4.03
CA ILE F 162 -42.90 31.12 5.36
C ILE F 162 -41.57 30.42 5.56
N GLU F 163 -40.88 30.75 6.65
CA GLU F 163 -39.63 30.10 6.98
C GLU F 163 -39.62 29.77 8.46
N ALA F 164 -38.85 28.73 8.81
CA ALA F 164 -38.69 28.28 10.18
C ALA F 164 -37.22 28.02 10.46
N HIS F 165 -36.76 28.46 11.63
CA HIS F 165 -35.38 28.26 12.03
C HIS F 165 -35.31 28.05 13.54
N HIS F 166 -34.15 27.58 14.00
CA HIS F 166 -33.91 27.26 15.40
C HIS F 166 -34.11 28.49 16.29
N ARG F 167 -34.27 28.23 17.60
CA ARG F 167 -34.61 29.27 18.56
C ARG F 167 -33.49 30.26 18.80
N HIS F 168 -32.29 30.01 18.28
CA HIS F 168 -31.15 30.88 18.48
C HIS F 168 -30.96 31.92 17.38
N LYS F 169 -31.64 31.79 16.25
CA LYS F 169 -31.41 32.71 15.15
C LYS F 169 -31.88 34.11 15.53
N VAL F 170 -30.99 35.09 15.34
CA VAL F 170 -31.27 36.46 15.76
C VAL F 170 -31.89 37.31 14.66
N ASP F 171 -31.76 36.91 13.41
CA ASP F 171 -32.26 37.68 12.27
C ASP F 171 -33.62 37.13 11.83
N ALA F 172 -34.45 38.03 11.29
CA ALA F 172 -35.72 37.63 10.71
C ALA F 172 -36.12 38.60 9.60
N PRO F 173 -36.56 38.10 8.46
CA PRO F 173 -36.54 36.69 8.03
C PRO F 173 -35.12 36.25 7.74
N SER F 174 -34.90 34.97 7.41
CA SER F 174 -33.57 34.51 7.06
C SER F 174 -33.11 35.18 5.77
N GLY F 175 -31.79 35.23 5.59
CA GLY F 175 -31.24 35.74 4.34
C GLY F 175 -31.78 35.00 3.15
N THR F 176 -32.02 33.70 3.30
CA THR F 176 -32.57 32.90 2.22
C THR F 176 -34.00 33.31 1.91
N ALA F 177 -34.80 33.58 2.95
CA ALA F 177 -36.17 34.02 2.74
C ALA F 177 -36.22 35.33 1.99
N LEU F 178 -35.38 36.29 2.40
CA LEU F 178 -35.34 37.58 1.73
C LEU F 178 -34.82 37.44 0.32
N MET F 179 -33.83 36.57 0.12
CA MET F 179 -33.33 36.28 -1.22
C MET F 179 -34.45 35.77 -2.10
N MET F 180 -35.32 34.93 -1.55
CA MET F 180 -36.46 34.42 -2.30
C MET F 180 -37.46 35.54 -2.57
N GLY F 181 -37.79 36.32 -1.55
CA GLY F 181 -38.69 37.44 -1.76
C GLY F 181 -38.15 38.45 -2.74
N GLU F 182 -36.84 38.72 -2.68
CA GLU F 182 -36.24 39.67 -3.61
C GLU F 182 -36.34 39.16 -5.04
N ALA F 183 -36.08 37.87 -5.26
CA ALA F 183 -36.19 37.29 -6.59
C ALA F 183 -37.61 37.40 -7.12
N ILE F 184 -38.60 37.21 -6.24
CA ILE F 184 -40.00 37.31 -6.65
C ILE F 184 -40.37 38.76 -6.97
N ALA F 185 -39.95 39.70 -6.12
CA ALA F 185 -40.25 41.10 -6.36
C ALA F 185 -39.63 41.58 -7.67
N ASP F 186 -38.40 41.13 -7.97
CA ASP F 186 -37.77 41.49 -9.24
C ASP F 186 -38.56 40.93 -10.43
N THR F 187 -38.99 39.67 -10.34
CA THR F 187 -39.76 39.09 -11.44
C THR F 187 -41.04 39.88 -11.67
N LEU F 188 -41.73 40.27 -10.60
CA LEU F 188 -42.99 40.98 -10.72
C LEU F 188 -42.83 42.49 -10.81
N GLY F 189 -41.61 43.01 -10.76
CA GLY F 189 -41.41 44.45 -10.85
C GLY F 189 -41.82 45.22 -9.62
N ARG F 190 -41.79 44.58 -8.46
CA ARG F 190 -42.15 45.24 -7.21
C ARG F 190 -40.90 45.61 -6.42
N ASN F 191 -41.07 46.60 -5.55
CA ASN F 191 -40.02 47.03 -4.64
C ASN F 191 -40.30 46.31 -3.31
N LEU F 192 -39.41 45.40 -2.95
CA LEU F 192 -39.63 44.57 -1.77
C LEU F 192 -39.82 45.43 -0.52
N LYS F 193 -39.00 46.47 -0.37
CA LYS F 193 -39.13 47.33 0.81
C LYS F 193 -40.52 47.97 0.87
N GLU F 194 -41.15 48.21 -0.27
CA GLU F 194 -42.48 48.82 -0.25
C GLU F 194 -43.56 47.81 0.09
N VAL F 195 -43.47 46.60 -0.47
CA VAL F 195 -44.59 45.66 -0.42
C VAL F 195 -44.42 44.59 0.64
N ALA F 196 -43.31 44.60 1.39
CA ALA F 196 -43.05 43.53 2.33
C ALA F 196 -43.84 43.73 3.62
N VAL F 197 -44.32 42.62 4.15
CA VAL F 197 -45.07 42.60 5.41
C VAL F 197 -44.54 41.44 6.25
N TYR F 198 -44.23 41.72 7.51
CA TYR F 198 -43.58 40.77 8.39
C TYR F 198 -44.44 40.35 9.58
N GLY F 199 -45.66 40.88 9.66
CA GLY F 199 -46.54 40.53 10.76
C GLY F 199 -47.96 40.97 10.45
N ARG F 200 -48.90 40.44 11.21
CA ARG F 200 -50.32 40.77 11.09
C ARG F 200 -50.92 40.77 12.47
N GLU F 201 -51.50 41.89 12.88
CA GLU F 201 -52.07 42.00 14.22
C GLU F 201 -53.21 43.00 14.19
N GLY F 202 -54.35 42.61 14.74
CA GLY F 202 -55.46 43.55 14.79
C GLY F 202 -56.17 43.63 13.46
N HIS F 203 -56.80 44.78 13.23
CA HIS F 203 -57.55 45.05 12.01
C HIS F 203 -56.57 45.38 10.88
N THR F 204 -56.05 44.33 10.25
CA THR F 204 -55.16 44.51 9.12
C THR F 204 -55.90 44.96 7.87
N GLY F 205 -57.20 44.75 7.80
CA GLY F 205 -57.95 45.01 6.58
C GLY F 205 -57.75 43.89 5.58
N PRO F 206 -58.35 44.02 4.40
CA PRO F 206 -58.18 42.99 3.37
C PRO F 206 -56.77 43.05 2.81
N ARG F 207 -56.35 41.95 2.19
CA ARG F 207 -54.98 41.81 1.74
C ARG F 207 -54.77 42.54 0.42
N ASP F 208 -53.73 43.35 0.37
CA ASP F 208 -53.29 43.93 -0.90
C ASP F 208 -52.63 42.87 -1.77
N ARG F 209 -53.01 42.85 -3.06
CA ARG F 209 -52.41 41.89 -3.98
C ARG F 209 -50.91 42.13 -4.13
N GLN F 210 -50.46 43.38 -4.03
CA GLN F 210 -49.04 43.70 -4.14
C GLN F 210 -48.24 43.18 -2.96
N THR F 211 -48.88 42.96 -1.81
CA THR F 211 -48.15 42.57 -0.62
C THR F 211 -47.43 41.23 -0.79
N ILE F 212 -46.19 41.19 -0.33
CA ILE F 212 -45.47 39.95 -0.13
C ILE F 212 -45.36 39.74 1.37
N GLY F 213 -46.00 38.71 1.88
CA GLY F 213 -46.05 38.47 3.31
C GLY F 213 -44.95 37.52 3.75
N PHE F 214 -44.33 37.85 4.88
CA PHE F 214 -43.29 37.04 5.49
C PHE F 214 -43.78 36.55 6.83
N GLU F 215 -43.98 35.25 6.95
CA GLU F 215 -44.26 34.61 8.23
C GLU F 215 -43.01 33.88 8.66
N THR F 216 -42.46 34.27 9.81
CA THR F 216 -41.20 33.77 10.30
C THR F 216 -41.43 32.98 11.59
N ILE F 217 -41.07 31.69 11.56
CA ILE F 217 -41.23 30.79 12.68
C ILE F 217 -39.89 30.60 13.37
N ARG F 218 -39.87 30.68 14.70
CA ARG F 218 -38.65 30.48 15.48
C ARG F 218 -38.96 29.47 16.57
N GLY F 219 -38.11 28.44 16.69
CA GLY F 219 -38.30 27.46 17.75
C GLY F 219 -37.38 26.26 17.68
N GLY F 220 -37.11 25.66 18.83
CA GLY F 220 -36.42 24.40 18.90
C GLY F 220 -35.07 24.45 18.22
N ASP F 221 -34.77 23.40 17.45
CA ASP F 221 -33.47 23.27 16.80
C ASP F 221 -33.63 23.09 15.29
N ILE F 222 -34.71 23.64 14.73
CA ILE F 222 -34.97 23.49 13.31
C ILE F 222 -33.79 24.03 12.53
N VAL F 223 -33.25 23.20 11.63
CA VAL F 223 -32.09 23.62 10.85
C VAL F 223 -32.47 24.72 9.87
N GLY F 224 -33.58 24.57 9.17
CA GLY F 224 -34.00 25.60 8.24
C GLY F 224 -34.98 25.15 7.16
N GLU F 225 -36.19 25.70 7.20
CA GLU F 225 -37.22 25.40 6.21
C GLU F 225 -37.75 26.69 5.60
N HIS F 226 -37.97 26.67 4.28
CA HIS F 226 -38.47 27.82 3.55
C HIS F 226 -39.58 27.37 2.62
N THR F 227 -40.72 28.05 2.68
CA THR F 227 -41.87 27.76 1.83
C THR F 227 -42.37 29.05 1.22
N VAL F 228 -42.59 29.05 -0.09
CA VAL F 228 -43.26 30.15 -0.79
C VAL F 228 -44.58 29.64 -1.34
N MET F 229 -45.67 30.31 -0.98
CA MET F 229 -47.02 29.96 -1.40
C MET F 229 -47.51 30.98 -2.41
N PHE F 230 -47.88 30.51 -3.60
CA PHE F 230 -48.57 31.32 -4.60
C PHE F 230 -50.05 30.97 -4.49
N ILE F 231 -50.82 31.82 -3.81
CA ILE F 231 -52.17 31.49 -3.41
C ILE F 231 -53.14 32.18 -4.37
N GLY F 232 -53.84 31.36 -5.17
CA GLY F 232 -54.83 31.85 -6.10
C GLY F 232 -56.25 31.52 -5.67
N GLU F 233 -57.17 31.77 -6.59
CA GLU F 233 -58.60 31.53 -6.38
C GLU F 233 -58.92 30.11 -6.82
N GLY F 234 -59.16 29.22 -5.86
CA GLY F 234 -59.44 27.84 -6.15
C GLY F 234 -58.23 26.93 -6.12
N GLU F 235 -57.02 27.46 -6.15
CA GLU F 235 -55.84 26.62 -6.17
C GLU F 235 -54.67 27.34 -5.54
N ARG F 236 -53.63 26.56 -5.27
CA ARG F 236 -52.45 27.06 -4.58
C ARG F 236 -51.27 26.23 -5.06
N VAL F 237 -50.14 26.89 -5.29
CA VAL F 237 -48.90 26.21 -5.62
C VAL F 237 -47.85 26.58 -4.58
N GLU F 238 -47.19 25.57 -4.03
CA GLU F 238 -46.17 25.76 -3.00
C GLU F 238 -44.84 25.22 -3.50
N VAL F 239 -43.79 26.00 -3.27
CA VAL F 239 -42.41 25.56 -3.45
C VAL F 239 -41.74 25.57 -2.08
N THR F 240 -41.14 24.45 -1.70
CA THR F 240 -40.59 24.30 -0.35
C THR F 240 -39.17 23.73 -0.41
N HIS F 241 -38.27 24.32 0.37
CA HIS F 241 -36.94 23.77 0.60
C HIS F 241 -36.74 23.52 2.09
N LYS F 242 -36.29 22.31 2.43
CA LYS F 242 -36.04 21.91 3.81
C LYS F 242 -34.63 21.38 3.92
N ALA F 243 -33.91 21.79 4.95
CA ALA F 243 -32.55 21.34 5.17
C ALA F 243 -32.51 20.33 6.31
N THR F 244 -31.87 19.18 6.05
CA THR F 244 -31.71 18.16 7.08
C THR F 244 -30.55 18.51 8.00
N ASN F 245 -29.49 19.08 7.44
CA ASN F 245 -28.32 19.47 8.20
C ASN F 245 -27.74 20.71 7.54
N ARG F 246 -26.65 21.23 8.12
CA ARG F 246 -25.97 22.40 7.58
C ARG F 246 -24.83 22.01 6.66
N MET F 247 -25.01 20.99 5.83
CA MET F 247 -23.89 20.44 5.08
C MET F 247 -24.15 20.33 3.58
N ASN F 248 -25.30 20.77 3.10
CA ASN F 248 -25.63 20.64 1.68
C ASN F 248 -24.99 21.73 0.82
N PHE F 249 -24.27 22.67 1.43
CA PHE F 249 -23.42 23.54 0.64
C PHE F 249 -22.33 22.73 -0.04
N ALA F 250 -21.84 21.68 0.61
CA ALA F 250 -20.64 21.00 0.14
C ALA F 250 -20.88 20.34 -1.21
N ALA F 251 -21.96 19.57 -1.34
CA ALA F 251 -22.22 18.89 -2.60
C ALA F 251 -22.36 19.89 -3.76
N GLY F 252 -23.03 21.01 -3.50
CA GLY F 252 -23.15 22.02 -4.53
C GLY F 252 -21.84 22.69 -4.85
N ALA F 253 -21.03 22.98 -3.82
CA ALA F 253 -19.72 23.57 -4.06
C ALA F 253 -18.84 22.61 -4.84
N VAL F 254 -18.86 21.32 -4.49
CA VAL F 254 -18.08 20.32 -5.22
C VAL F 254 -18.59 20.20 -6.66
N ARG F 255 -19.91 20.27 -6.85
CA ARG F 255 -20.48 20.17 -8.19
C ARG F 255 -20.04 21.35 -9.04
N ALA F 256 -19.97 22.54 -8.44
CA ALA F 256 -19.47 23.70 -9.15
C ALA F 256 -17.99 23.54 -9.49
N ALA F 257 -17.22 22.93 -8.58
CA ALA F 257 -15.79 22.75 -8.84
C ALA F 257 -15.57 21.89 -10.06
N ALA F 258 -16.28 20.76 -10.14
CA ALA F 258 -16.14 19.92 -11.33
C ALA F 258 -16.63 20.64 -12.56
N TRP F 259 -17.67 21.46 -12.42
CA TRP F 259 -18.28 22.10 -13.58
C TRP F 259 -17.33 23.11 -14.20
N VAL F 260 -16.59 23.86 -13.37
CA VAL F 260 -15.80 24.99 -13.86
C VAL F 260 -14.47 24.58 -14.49
N VAL F 261 -14.03 23.32 -14.32
CA VAL F 261 -12.73 22.92 -14.82
C VAL F 261 -12.68 23.06 -16.33
N GLY F 262 -11.66 23.74 -16.83
CA GLY F 262 -11.46 23.85 -18.26
C GLY F 262 -12.40 24.80 -18.97
N ARG F 263 -13.01 25.74 -18.27
CA ARG F 263 -13.89 26.70 -18.91
C ARG F 263 -13.19 28.04 -19.07
N GLU F 264 -13.73 28.86 -19.96
CA GLU F 264 -13.13 30.16 -20.21
C GLU F 264 -13.12 31.00 -18.94
N ALA F 265 -12.11 31.85 -18.82
CA ALA F 265 -11.91 32.65 -17.61
C ALA F 265 -12.98 33.72 -17.50
N ARG F 266 -13.99 33.46 -16.67
CA ARG F 266 -15.02 34.43 -16.30
C ARG F 266 -15.33 34.27 -14.82
N LYS F 267 -16.26 35.09 -14.34
CA LYS F 267 -16.86 34.89 -13.03
C LYS F 267 -18.18 34.16 -13.24
N TYR F 268 -18.36 33.04 -12.55
CA TYR F 268 -19.56 32.22 -12.66
C TYR F 268 -20.26 32.12 -11.31
N ASP F 269 -21.55 31.81 -11.36
CA ASP F 269 -22.32 31.52 -10.15
C ASP F 269 -23.04 30.19 -10.31
N MET F 270 -23.83 29.84 -9.31
CA MET F 270 -24.53 28.56 -9.33
C MET F 270 -25.62 28.52 -10.40
N LYS F 271 -26.13 29.66 -10.84
CA LYS F 271 -27.06 29.66 -11.95
C LYS F 271 -26.39 29.11 -13.20
N ASP F 272 -25.11 29.46 -13.41
CA ASP F 272 -24.36 28.87 -14.51
C ASP F 272 -24.16 27.38 -14.31
N VAL F 273 -23.71 27.00 -13.10
CA VAL F 273 -23.35 25.61 -12.80
C VAL F 273 -24.54 24.69 -12.98
N LEU F 274 -25.71 25.11 -12.50
CA LEU F 274 -26.87 24.25 -12.52
C LEU F 274 -27.67 24.38 -13.80
N GLY F 275 -27.21 25.19 -14.74
CA GLY F 275 -27.93 25.37 -15.98
C GLY F 275 -29.25 26.08 -15.77
N LEU F 276 -29.29 27.04 -14.85
CA LEU F 276 -30.51 27.77 -14.53
C LEU F 276 -30.60 29.09 -15.27
N ASN F 277 -29.49 29.61 -15.77
CA ASN F 277 -29.51 30.90 -16.47
C ASN F 277 -30.19 30.83 -17.76
N ASP F 278 -30.96 29.78 -18.04
CA ASP F 278 -31.87 29.78 -19.17
C ASP F 278 -32.79 31.00 -19.10
#